data_2LKI
#
_entry.id   2LKI
#
loop_
_entity.id
_entity.type
_entity.pdbx_description
1 polymer 'Putative uncharacterized protein'
2 non-polymer "4'-PHOSPHOPANTETHEINE"
#
_entity_poly.entity_id   1
_entity_poly.type   'polypeptide(L)'
_entity_poly.pdbx_seq_one_letter_code
;MGSSHHHHHHSSGRENLYFQGHMQHLEAVRNILGDVLNLGERKHTLTASSVLLGNIPELDSMAVVNVITALEEYFDFSVD
DDEISAQTFETLGSLALFVEHKLSH
;
_entity_poly.pdbx_strand_id   A
#
# COMPACT_ATOMS: atom_id res chain seq x y z
N MET A 23 10.49 8.91 -1.55
CA MET A 23 10.41 7.43 -1.56
C MET A 23 10.53 6.89 -2.99
N GLN A 24 10.92 5.61 -3.10
CA GLN A 24 11.02 4.89 -4.38
C GLN A 24 9.72 4.14 -4.64
N HIS A 25 9.37 3.30 -3.66
CA HIS A 25 8.38 2.25 -3.81
C HIS A 25 6.93 2.75 -3.77
N LEU A 26 6.72 4.04 -3.41
CA LEU A 26 5.37 4.67 -3.34
C LEU A 26 4.58 4.49 -4.65
N GLU A 27 5.33 4.49 -5.78
CA GLU A 27 4.79 4.38 -7.13
C GLU A 27 4.13 3.01 -7.36
N ALA A 28 4.88 1.95 -7.02
CA ALA A 28 4.44 0.57 -7.22
C ALA A 28 3.34 0.19 -6.23
N VAL A 29 3.37 0.80 -5.02
CA VAL A 29 2.35 0.57 -3.99
C VAL A 29 1.00 1.15 -4.46
N ARG A 30 1.01 2.41 -4.95
CA ARG A 30 -0.24 3.09 -5.39
C ARG A 30 -0.75 2.46 -6.69
N ASN A 31 0.17 1.89 -7.49
CA ASN A 31 -0.17 1.12 -8.70
C ASN A 31 -0.98 -0.13 -8.30
N ILE A 32 -0.47 -0.83 -7.27
CA ILE A 32 -1.10 -2.04 -6.71
C ILE A 32 -2.52 -1.74 -6.20
N LEU A 33 -2.65 -0.73 -5.32
CA LEU A 33 -3.95 -0.34 -4.76
C LEU A 33 -4.88 0.19 -5.87
N GLY A 34 -4.31 0.88 -6.87
CA GLY A 34 -5.07 1.36 -8.02
C GLY A 34 -5.57 0.25 -8.92
N ASP A 35 -4.94 -0.94 -8.81
CA ASP A 35 -5.39 -2.16 -9.50
C ASP A 35 -6.46 -2.91 -8.67
N VAL A 36 -6.08 -3.25 -7.43
CA VAL A 36 -6.88 -4.09 -6.51
C VAL A 36 -8.18 -3.38 -6.11
N LEU A 37 -8.03 -2.15 -5.59
CA LEU A 37 -9.16 -1.30 -5.15
C LEU A 37 -9.81 -0.62 -6.37
N ASN A 38 -9.07 -0.64 -7.49
CA ASN A 38 -9.54 -0.18 -8.80
C ASN A 38 -9.82 1.33 -8.79
N LEU A 39 -8.77 2.11 -8.53
CA LEU A 39 -8.80 3.59 -8.61
C LEU A 39 -8.50 4.02 -10.05
N GLY A 40 -7.76 3.18 -10.79
CA GLY A 40 -7.41 3.44 -12.19
C GLY A 40 -6.46 4.62 -12.36
N GLU A 41 -7.03 5.84 -12.40
CA GLU A 41 -6.26 7.08 -12.56
C GLU A 41 -6.07 7.79 -11.20
N ARG A 42 -6.99 7.53 -10.24
CA ARG A 42 -7.00 8.20 -8.91
C ARG A 42 -5.75 7.81 -8.08
N LYS A 43 -5.23 6.60 -8.34
CA LYS A 43 -3.97 6.13 -7.73
C LYS A 43 -2.78 7.07 -8.07
N HIS A 44 -2.83 7.64 -9.28
CA HIS A 44 -1.72 8.36 -9.89
C HIS A 44 -1.77 9.88 -9.55
N THR A 45 -2.89 10.34 -8.96
CA THR A 45 -3.04 11.75 -8.54
C THR A 45 -2.75 11.93 -7.03
N LEU A 46 -2.54 10.82 -6.30
CA LEU A 46 -2.20 10.86 -4.87
C LEU A 46 -0.70 10.59 -4.69
N THR A 47 -0.10 11.20 -3.66
CA THR A 47 1.34 11.14 -3.38
C THR A 47 1.61 10.39 -2.06
N ALA A 48 2.88 10.39 -1.61
CA ALA A 48 3.31 9.69 -0.40
C ALA A 48 2.58 10.22 0.85
N SER A 49 2.64 11.53 1.06
CA SER A 49 2.01 12.20 2.21
C SER A 49 0.46 12.19 2.13
N SER A 50 -0.09 11.70 1.00
CA SER A 50 -1.54 11.53 0.84
C SER A 50 -2.02 10.27 1.58
N VAL A 51 -3.27 10.32 2.03
CA VAL A 51 -3.88 9.30 2.86
C VAL A 51 -4.43 8.16 1.97
N LEU A 52 -4.48 6.94 2.52
CA LEU A 52 -5.10 5.78 1.85
C LEU A 52 -6.33 5.33 2.63
N LEU A 53 -6.12 4.89 3.88
CA LEU A 53 -7.22 4.48 4.79
C LEU A 53 -8.08 5.72 5.12
N GLY A 54 -9.32 5.74 4.60
CA GLY A 54 -10.25 6.87 4.77
C GLY A 54 -10.37 7.72 3.51
N ASN A 55 -9.24 7.94 2.82
CA ASN A 55 -9.21 8.77 1.58
C ASN A 55 -9.73 7.94 0.39
N ILE A 56 -9.33 6.67 0.34
CA ILE A 56 -9.81 5.72 -0.66
C ILE A 56 -11.15 5.12 -0.17
N PRO A 57 -12.26 5.26 -0.96
CA PRO A 57 -13.58 4.71 -0.58
C PRO A 57 -13.62 3.18 -0.67
N GLU A 58 -12.64 2.62 -1.40
CA GLU A 58 -12.59 1.19 -1.74
C GLU A 58 -11.73 0.40 -0.72
N LEU A 59 -11.00 1.14 0.12
CA LEU A 59 -10.09 0.55 1.13
C LEU A 59 -10.97 0.05 2.31
N ASP A 60 -11.32 -1.25 2.28
CA ASP A 60 -12.28 -1.88 3.22
C ASP A 60 -11.69 -3.22 3.78
N SER A 61 -12.52 -4.04 4.47
CA SER A 61 -12.11 -5.24 5.25
C SER A 61 -11.32 -6.31 4.43
N MET A 62 -11.98 -7.04 3.53
CA MET A 62 -11.29 -8.05 2.69
C MET A 62 -10.40 -7.38 1.64
N ALA A 63 -10.70 -6.10 1.36
CA ALA A 63 -9.94 -5.26 0.44
C ALA A 63 -8.53 -4.93 0.99
N VAL A 64 -8.38 -4.75 2.35
CA VAL A 64 -7.04 -4.56 2.95
C VAL A 64 -6.26 -5.87 2.90
N VAL A 65 -6.96 -7.00 3.11
CA VAL A 65 -6.31 -8.33 3.01
C VAL A 65 -5.73 -8.53 1.59
N ASN A 66 -6.54 -8.13 0.62
CA ASN A 66 -6.26 -8.29 -0.82
C ASN A 66 -5.02 -7.48 -1.24
N VAL A 67 -4.95 -6.19 -0.80
CA VAL A 67 -3.81 -5.32 -1.14
C VAL A 67 -2.51 -5.78 -0.45
N ILE A 68 -2.60 -6.34 0.78
CA ILE A 68 -1.43 -6.90 1.49
C ILE A 68 -0.83 -8.02 0.67
N THR A 69 -1.69 -8.98 0.28
CA THR A 69 -1.31 -10.15 -0.54
C THR A 69 -0.60 -9.70 -1.82
N ALA A 70 -1.19 -8.68 -2.49
CA ALA A 70 -0.67 -8.08 -3.72
C ALA A 70 0.75 -7.48 -3.52
N LEU A 71 0.96 -6.77 -2.38
CA LEU A 71 2.29 -6.22 -2.00
C LEU A 71 3.34 -7.36 -1.94
N GLU A 72 2.97 -8.47 -1.29
CA GLU A 72 3.82 -9.68 -1.14
C GLU A 72 4.23 -10.21 -2.52
N GLU A 73 3.24 -10.28 -3.45
CA GLU A 73 3.43 -10.80 -4.82
C GLU A 73 4.50 -9.98 -5.59
N TYR A 74 4.19 -8.68 -5.81
CA TYR A 74 4.97 -7.80 -6.71
C TYR A 74 6.38 -7.51 -6.17
N PHE A 75 6.52 -7.35 -4.85
CA PHE A 75 7.83 -7.07 -4.23
C PHE A 75 8.57 -8.36 -3.81
N ASP A 76 7.87 -9.53 -3.94
CA ASP A 76 8.47 -10.88 -3.80
C ASP A 76 9.04 -11.13 -2.38
N PHE A 77 8.34 -10.55 -1.39
CA PHE A 77 8.77 -10.57 0.02
C PHE A 77 7.56 -10.92 0.91
N SER A 78 7.74 -10.81 2.24
CA SER A 78 6.63 -10.88 3.19
C SER A 78 6.77 -9.79 4.26
N VAL A 79 5.71 -8.98 4.43
CA VAL A 79 5.57 -8.05 5.57
C VAL A 79 5.15 -8.90 6.80
N ASP A 80 5.82 -8.69 7.94
CA ASP A 80 5.57 -9.44 9.18
C ASP A 80 4.22 -9.04 9.80
N ASP A 81 3.49 -10.01 10.39
CA ASP A 81 2.15 -9.80 10.97
C ASP A 81 2.15 -8.72 12.07
N ASP A 82 3.20 -8.75 12.92
CA ASP A 82 3.34 -7.84 14.08
C ASP A 82 3.77 -6.41 13.67
N GLU A 83 3.91 -6.16 12.35
CA GLU A 83 4.15 -4.79 11.83
C GLU A 83 3.04 -4.36 10.84
N ILE A 84 2.17 -5.30 10.41
CA ILE A 84 0.97 -4.95 9.61
C ILE A 84 -0.15 -4.50 10.57
N SER A 85 -0.51 -3.23 10.48
CA SER A 85 -1.59 -2.62 11.28
C SER A 85 -2.46 -1.74 10.38
N ALA A 86 -3.55 -1.20 10.94
CA ALA A 86 -4.37 -0.17 10.26
C ALA A 86 -3.54 1.11 10.05
N GLN A 87 -2.64 1.37 11.03
CA GLN A 87 -1.71 2.51 11.00
C GLN A 87 -0.71 2.39 9.83
N THR A 88 -0.49 1.16 9.33
CA THR A 88 0.41 0.91 8.18
C THR A 88 -0.18 1.52 6.89
N PHE A 89 -1.53 1.44 6.75
CA PHE A 89 -2.23 1.91 5.54
C PHE A 89 -2.76 3.35 5.69
N GLU A 90 -2.25 4.09 6.69
CA GLU A 90 -2.69 5.48 6.95
C GLU A 90 -2.39 6.39 5.73
N THR A 91 -1.16 6.30 5.18
CA THR A 91 -0.72 7.06 4.00
C THR A 91 0.12 6.18 3.07
N LEU A 92 0.29 6.64 1.82
CA LEU A 92 1.09 5.95 0.80
C LEU A 92 2.58 5.90 1.20
N GLY A 93 2.99 6.95 1.93
CA GLY A 93 4.35 7.10 2.42
C GLY A 93 4.67 6.10 3.51
N SER A 94 3.63 5.71 4.28
CA SER A 94 3.76 4.68 5.30
C SER A 94 4.10 3.33 4.66
N LEU A 95 3.29 2.89 3.65
CA LEU A 95 3.57 1.62 2.92
C LEU A 95 4.95 1.66 2.25
N ALA A 96 5.25 2.80 1.60
CA ALA A 96 6.51 3.01 0.88
C ALA A 96 7.71 2.87 1.81
N LEU A 97 7.61 3.51 3.00
CA LEU A 97 8.66 3.45 4.03
C LEU A 97 8.86 2.00 4.49
N PHE A 98 7.75 1.34 4.90
CA PHE A 98 7.77 -0.04 5.46
C PHE A 98 8.45 -1.02 4.50
N VAL A 99 7.99 -1.05 3.23
CA VAL A 99 8.55 -1.96 2.21
C VAL A 99 10.03 -1.60 1.90
N GLU A 100 10.37 -0.29 1.98
CA GLU A 100 11.76 0.19 1.78
C GLU A 100 12.65 -0.13 2.99
N HIS A 101 12.07 -0.40 4.17
CA HIS A 101 12.83 -0.90 5.34
C HIS A 101 13.08 -2.41 5.19
N LYS A 102 12.07 -3.11 4.65
CA LYS A 102 12.07 -4.58 4.49
C LYS A 102 13.19 -5.05 3.55
N LEU A 103 13.17 -4.54 2.31
CA LEU A 103 14.13 -4.93 1.26
C LEU A 103 15.56 -4.38 1.54
N SER A 104 15.67 -3.40 2.46
CA SER A 104 16.98 -2.84 2.87
C SER A 104 17.56 -3.59 4.10
N HIS A 105 16.68 -4.10 4.98
CA HIS A 105 17.07 -4.80 6.22
C HIS A 105 16.60 -6.28 6.14
N MET A 23 11.28 7.91 -0.78
CA MET A 23 10.86 6.52 -1.03
C MET A 23 10.93 6.18 -2.52
N GLN A 24 11.26 4.93 -2.80
CA GLN A 24 11.35 4.41 -4.16
C GLN A 24 10.04 3.72 -4.46
N HIS A 25 9.70 2.77 -3.58
CA HIS A 25 8.65 1.79 -3.83
C HIS A 25 7.22 2.37 -3.80
N LEU A 26 7.05 3.64 -3.36
CA LEU A 26 5.72 4.29 -3.23
C LEU A 26 4.87 4.18 -4.53
N GLU A 27 5.54 4.25 -5.70
CA GLU A 27 4.82 4.27 -7.00
C GLU A 27 4.22 2.88 -7.31
N ALA A 28 4.94 1.82 -6.90
CA ALA A 28 4.52 0.43 -7.08
C ALA A 28 3.44 0.05 -6.06
N VAL A 29 3.50 0.69 -4.86
CA VAL A 29 2.49 0.50 -3.81
C VAL A 29 1.14 1.10 -4.27
N ARG A 30 1.19 2.34 -4.81
CA ARG A 30 -0.04 3.05 -5.27
C ARG A 30 -0.56 2.43 -6.57
N ASN A 31 0.34 1.81 -7.34
CA ASN A 31 -0.03 1.02 -8.53
C ASN A 31 -0.90 -0.18 -8.11
N ILE A 32 -0.43 -0.88 -7.05
CA ILE A 32 -1.14 -2.02 -6.45
C ILE A 32 -2.51 -1.59 -5.90
N LEU A 33 -2.54 -0.49 -5.13
CA LEU A 33 -3.77 0.08 -4.56
C LEU A 33 -4.76 0.49 -5.68
N GLY A 34 -4.19 1.05 -6.76
CA GLY A 34 -4.96 1.47 -7.93
C GLY A 34 -5.47 0.31 -8.77
N ASP A 35 -4.85 -0.86 -8.60
CA ASP A 35 -5.31 -2.11 -9.25
C ASP A 35 -6.43 -2.78 -8.43
N VAL A 36 -6.15 -2.98 -7.13
CA VAL A 36 -6.99 -3.76 -6.22
C VAL A 36 -8.32 -3.05 -5.95
N LEU A 37 -8.22 -1.75 -5.59
CA LEU A 37 -9.40 -0.91 -5.29
C LEU A 37 -9.91 -0.20 -6.54
N ASN A 38 -9.15 -0.32 -7.66
CA ASN A 38 -9.54 0.19 -9.00
C ASN A 38 -9.64 1.74 -9.00
N LEU A 39 -8.48 2.40 -8.80
CA LEU A 39 -8.37 3.87 -8.80
C LEU A 39 -8.17 4.40 -10.24
N GLY A 40 -7.38 3.67 -11.05
CA GLY A 40 -7.09 4.06 -12.44
C GLY A 40 -6.14 5.26 -12.52
N GLU A 41 -6.73 6.47 -12.55
CA GLU A 41 -5.97 7.75 -12.60
C GLU A 41 -5.88 8.37 -11.19
N ARG A 42 -6.78 7.93 -10.30
CA ARG A 42 -6.85 8.42 -8.91
C ARG A 42 -5.56 8.01 -8.14
N LYS A 43 -4.98 6.84 -8.51
CA LYS A 43 -3.69 6.38 -7.95
C LYS A 43 -2.53 7.28 -8.45
N HIS A 44 -2.66 7.79 -9.69
CA HIS A 44 -1.61 8.55 -10.36
C HIS A 44 -1.57 10.01 -9.85
N THR A 45 -2.76 10.51 -9.45
CA THR A 45 -2.92 11.91 -8.99
C THR A 45 -2.48 12.10 -7.52
N LEU A 46 -2.36 10.99 -6.76
CA LEU A 46 -2.03 11.03 -5.32
C LEU A 46 -0.51 10.86 -5.10
N THR A 47 -0.03 11.37 -3.96
CA THR A 47 1.41 11.38 -3.60
C THR A 47 1.68 10.56 -2.32
N ALA A 48 2.92 10.61 -1.79
CA ALA A 48 3.30 9.92 -0.54
C ALA A 48 2.49 10.43 0.68
N SER A 49 2.16 11.74 0.66
CA SER A 49 1.38 12.39 1.73
C SER A 49 -0.14 12.13 1.59
N SER A 50 -0.55 11.31 0.60
CA SER A 50 -1.96 10.93 0.40
C SER A 50 -2.40 9.92 1.46
N VAL A 51 -3.59 10.13 2.00
CA VAL A 51 -4.23 9.22 2.96
C VAL A 51 -4.84 8.05 2.17
N LEU A 52 -4.87 6.85 2.76
CA LEU A 52 -5.48 5.67 2.11
C LEU A 52 -6.80 5.30 2.80
N LEU A 53 -6.72 4.83 4.06
CA LEU A 53 -7.90 4.50 4.87
C LEU A 53 -8.83 5.71 4.99
N GLY A 54 -10.05 5.57 4.44
CA GLY A 54 -11.09 6.59 4.54
C GLY A 54 -11.06 7.61 3.41
N ASN A 55 -9.89 7.79 2.76
CA ASN A 55 -9.78 8.59 1.53
C ASN A 55 -10.31 7.76 0.36
N ILE A 56 -9.72 6.56 0.20
CA ILE A 56 -10.14 5.60 -0.82
C ILE A 56 -11.44 4.92 -0.33
N PRO A 57 -12.57 5.07 -1.06
CA PRO A 57 -13.90 4.58 -0.60
C PRO A 57 -14.05 3.06 -0.73
N GLU A 58 -13.04 2.41 -1.34
CA GLU A 58 -13.06 0.98 -1.66
C GLU A 58 -12.15 0.18 -0.70
N LEU A 59 -11.26 0.91 0.02
CA LEU A 59 -10.27 0.27 0.91
C LEU A 59 -10.93 -0.11 2.25
N ASP A 60 -11.50 -1.33 2.27
CA ASP A 60 -12.08 -1.93 3.49
C ASP A 60 -11.09 -2.95 4.13
N SER A 61 -11.60 -3.69 5.12
CA SER A 61 -10.83 -4.66 5.90
C SER A 61 -10.37 -5.87 5.03
N MET A 62 -11.31 -6.52 4.34
CA MET A 62 -10.99 -7.61 3.38
C MET A 62 -10.05 -7.09 2.25
N ALA A 63 -10.21 -5.79 1.94
CA ALA A 63 -9.35 -5.09 0.98
C ALA A 63 -7.91 -4.89 1.51
N VAL A 64 -7.70 -4.83 2.86
CA VAL A 64 -6.33 -4.81 3.43
C VAL A 64 -5.66 -6.15 3.13
N VAL A 65 -6.43 -7.25 3.21
CA VAL A 65 -5.91 -8.62 2.92
C VAL A 65 -5.44 -8.70 1.45
N ASN A 66 -6.32 -8.20 0.58
CA ASN A 66 -6.11 -8.17 -0.88
C ASN A 66 -4.81 -7.42 -1.27
N VAL A 67 -4.65 -6.19 -0.76
CA VAL A 67 -3.49 -5.35 -1.11
C VAL A 67 -2.18 -5.93 -0.56
N ILE A 68 -2.23 -6.54 0.65
CA ILE A 68 -1.04 -7.21 1.27
C ILE A 68 -0.59 -8.37 0.37
N THR A 69 -1.57 -9.19 -0.08
CA THR A 69 -1.32 -10.35 -0.95
C THR A 69 -0.62 -9.91 -2.26
N ALA A 70 -1.14 -8.82 -2.85
CA ALA A 70 -0.60 -8.24 -4.10
C ALA A 70 0.83 -7.69 -3.89
N LEU A 71 1.09 -7.11 -2.69
CA LEU A 71 2.46 -6.68 -2.27
C LEU A 71 3.40 -7.91 -2.29
N GLU A 72 2.96 -9.02 -1.63
CA GLU A 72 3.72 -10.29 -1.52
C GLU A 72 4.20 -10.77 -2.90
N GLU A 73 3.24 -10.81 -3.83
CA GLU A 73 3.45 -11.35 -5.19
C GLU A 73 4.44 -10.49 -5.99
N TYR A 74 4.17 -9.17 -6.07
CA TYR A 74 4.92 -8.23 -6.92
C TYR A 74 6.39 -8.06 -6.47
N PHE A 75 6.61 -7.87 -5.17
CA PHE A 75 7.96 -7.60 -4.64
C PHE A 75 8.68 -8.90 -4.21
N ASP A 76 7.92 -10.03 -4.13
CA ASP A 76 8.44 -11.38 -3.77
C ASP A 76 8.96 -11.41 -2.31
N PHE A 77 8.23 -10.74 -1.41
CA PHE A 77 8.61 -10.60 0.01
C PHE A 77 7.40 -10.92 0.91
N SER A 78 7.59 -10.86 2.24
CA SER A 78 6.50 -11.04 3.19
C SER A 78 6.47 -9.91 4.23
N VAL A 79 5.42 -9.07 4.18
CA VAL A 79 5.17 -8.02 5.17
C VAL A 79 4.74 -8.70 6.49
N ASP A 80 5.57 -8.57 7.53
CA ASP A 80 5.44 -9.37 8.78
C ASP A 80 4.17 -8.95 9.57
N ASP A 81 3.54 -9.89 10.28
CA ASP A 81 2.28 -9.64 11.02
C ASP A 81 2.45 -8.54 12.11
N ASP A 82 3.58 -8.60 12.85
CA ASP A 82 3.83 -7.73 14.03
C ASP A 82 4.05 -6.25 13.66
N GLU A 83 4.14 -5.94 12.36
CA GLU A 83 4.37 -4.55 11.87
C GLU A 83 3.17 -4.02 11.07
N ILE A 84 2.23 -4.92 10.71
CA ILE A 84 1.01 -4.52 9.96
C ILE A 84 -0.11 -4.11 10.95
N SER A 85 -0.63 -2.90 10.76
CA SER A 85 -1.76 -2.35 11.50
C SER A 85 -2.62 -1.50 10.55
N ALA A 86 -3.75 -0.96 11.06
CA ALA A 86 -4.52 0.09 10.35
C ALA A 86 -3.64 1.36 10.21
N GLN A 87 -2.77 1.55 11.22
CA GLN A 87 -1.81 2.67 11.27
C GLN A 87 -0.70 2.53 10.21
N THR A 88 -0.56 1.32 9.64
CA THR A 88 0.34 1.05 8.50
C THR A 88 -0.30 1.61 7.21
N PHE A 89 -1.63 1.47 7.08
CA PHE A 89 -2.40 1.88 5.88
C PHE A 89 -2.99 3.29 6.01
N GLU A 90 -2.48 4.10 6.96
CA GLU A 90 -2.94 5.48 7.15
C GLU A 90 -2.63 6.35 5.90
N THR A 91 -1.38 6.25 5.38
CA THR A 91 -0.94 6.98 4.17
C THR A 91 -0.09 6.07 3.25
N LEU A 92 0.02 6.49 1.97
CA LEU A 92 0.86 5.82 0.95
C LEU A 92 2.33 5.77 1.40
N GLY A 93 2.78 6.91 1.96
CA GLY A 93 4.15 7.08 2.44
C GLY A 93 4.49 6.11 3.57
N SER A 94 3.48 5.75 4.38
CA SER A 94 3.64 4.77 5.47
C SER A 94 4.01 3.39 4.89
N LEU A 95 3.19 2.87 3.93
CA LEU A 95 3.46 1.57 3.27
C LEU A 95 4.85 1.59 2.60
N ALA A 96 5.15 2.73 1.96
CA ALA A 96 6.39 2.92 1.21
C ALA A 96 7.61 2.83 2.14
N LEU A 97 7.52 3.43 3.35
CA LEU A 97 8.61 3.39 4.36
C LEU A 97 8.84 1.93 4.83
N PHE A 98 7.73 1.24 5.18
CA PHE A 98 7.78 -0.18 5.61
C PHE A 98 8.52 -1.04 4.56
N VAL A 99 8.04 -0.96 3.30
CA VAL A 99 8.60 -1.77 2.19
C VAL A 99 10.04 -1.36 1.82
N GLU A 100 10.45 -0.10 2.10
CA GLU A 100 11.88 0.30 1.98
C GLU A 100 12.74 -0.60 2.88
N HIS A 101 12.31 -0.70 4.15
CA HIS A 101 13.04 -1.47 5.19
C HIS A 101 13.00 -2.99 4.91
N LYS A 102 11.91 -3.44 4.26
CA LYS A 102 11.69 -4.87 3.93
C LYS A 102 12.73 -5.41 2.94
N LEU A 103 12.81 -4.73 1.78
CA LEU A 103 13.73 -5.12 0.69
C LEU A 103 15.21 -4.86 1.09
N SER A 104 15.43 -4.09 2.19
CA SER A 104 16.77 -3.95 2.81
C SER A 104 17.24 -5.28 3.43
N HIS A 105 16.29 -6.01 4.04
CA HIS A 105 16.55 -7.32 4.67
C HIS A 105 16.67 -8.42 3.59
N MET A 23 11.70 7.97 -1.25
CA MET A 23 11.13 6.64 -1.48
C MET A 23 10.88 6.42 -2.98
N GLN A 24 11.25 5.23 -3.46
CA GLN A 24 11.03 4.80 -4.84
C GLN A 24 9.79 3.90 -4.94
N HIS A 25 9.58 3.06 -3.91
CA HIS A 25 8.58 1.97 -3.96
C HIS A 25 7.12 2.46 -3.90
N LEU A 26 6.90 3.70 -3.38
CA LEU A 26 5.54 4.29 -3.19
C LEU A 26 4.68 4.25 -4.47
N GLU A 27 5.33 4.35 -5.65
CA GLU A 27 4.65 4.40 -6.94
C GLU A 27 4.11 3.02 -7.36
N ALA A 28 4.89 1.98 -7.11
CA ALA A 28 4.47 0.58 -7.32
C ALA A 28 3.41 0.16 -6.28
N VAL A 29 3.46 0.77 -5.07
CA VAL A 29 2.46 0.54 -4.03
C VAL A 29 1.09 1.11 -4.48
N ARG A 30 1.09 2.37 -4.97
CA ARG A 30 -0.16 3.04 -5.42
C ARG A 30 -0.64 2.41 -6.73
N ASN A 31 0.29 1.81 -7.50
CA ASN A 31 -0.03 1.05 -8.71
C ASN A 31 -0.92 -0.16 -8.34
N ILE A 32 -0.45 -0.89 -7.31
CA ILE A 32 -1.14 -2.07 -6.74
C ILE A 32 -2.52 -1.69 -6.19
N LEU A 33 -2.59 -0.65 -5.34
CA LEU A 33 -3.86 -0.21 -4.74
C LEU A 33 -4.81 0.36 -5.83
N GLY A 34 -4.24 1.01 -6.85
CA GLY A 34 -5.03 1.51 -7.97
C GLY A 34 -5.52 0.41 -8.89
N ASP A 35 -4.86 -0.75 -8.85
CA ASP A 35 -5.25 -1.94 -9.63
C ASP A 35 -6.36 -2.72 -8.90
N VAL A 36 -6.05 -3.10 -7.64
CA VAL A 36 -6.87 -4.00 -6.81
C VAL A 36 -8.15 -3.27 -6.35
N LEU A 37 -7.98 -2.03 -5.85
CA LEU A 37 -9.12 -1.20 -5.37
C LEU A 37 -9.78 -0.46 -6.55
N ASN A 38 -9.17 -0.57 -7.75
CA ASN A 38 -9.72 -0.09 -9.03
C ASN A 38 -9.89 1.45 -9.01
N LEU A 39 -8.77 2.14 -8.81
CA LEU A 39 -8.68 3.62 -8.91
C LEU A 39 -8.36 4.03 -10.34
N GLY A 40 -7.63 3.15 -11.06
CA GLY A 40 -7.19 3.40 -12.43
C GLY A 40 -6.16 4.51 -12.51
N GLU A 41 -6.64 5.74 -12.68
CA GLU A 41 -5.80 6.94 -12.81
C GLU A 41 -5.73 7.73 -11.48
N ARG A 42 -6.70 7.48 -10.56
CA ARG A 42 -6.79 8.21 -9.26
C ARG A 42 -5.55 7.94 -8.37
N LYS A 43 -4.91 6.77 -8.58
CA LYS A 43 -3.64 6.42 -7.92
C LYS A 43 -2.50 7.40 -8.33
N HIS A 44 -2.54 7.85 -9.59
CA HIS A 44 -1.52 8.72 -10.21
C HIS A 44 -1.56 10.13 -9.58
N THR A 45 -2.75 10.58 -9.12
CA THR A 45 -2.94 11.96 -8.61
C THR A 45 -2.74 12.06 -7.09
N LEU A 46 -2.56 10.92 -6.39
CA LEU A 46 -2.28 10.92 -4.93
C LEU A 46 -0.77 10.75 -4.69
N THR A 47 -0.30 11.25 -3.55
CA THR A 47 1.13 11.27 -3.17
C THR A 47 1.39 10.35 -1.97
N ALA A 48 2.66 10.35 -1.49
CA ALA A 48 3.07 9.64 -0.26
C ALA A 48 2.28 10.16 0.95
N SER A 49 2.25 11.49 1.09
CA SER A 49 1.60 12.17 2.23
C SER A 49 0.05 12.08 2.16
N SER A 50 -0.48 11.66 0.99
CA SER A 50 -1.92 11.44 0.79
C SER A 50 -2.39 10.22 1.59
N VAL A 51 -3.58 10.35 2.18
CA VAL A 51 -4.19 9.34 3.05
C VAL A 51 -4.80 8.21 2.21
N LEU A 52 -4.86 7.00 2.79
CA LEU A 52 -5.50 5.83 2.16
C LEU A 52 -6.74 5.41 2.98
N LEU A 53 -6.53 4.94 4.23
CA LEU A 53 -7.63 4.64 5.17
C LEU A 53 -8.46 5.90 5.45
N GLY A 54 -9.70 5.88 4.96
CA GLY A 54 -10.66 6.97 5.15
C GLY A 54 -10.81 7.83 3.91
N ASN A 55 -9.73 7.96 3.11
CA ASN A 55 -9.73 8.75 1.86
C ASN A 55 -10.39 7.93 0.74
N ILE A 56 -9.87 6.71 0.53
CA ILE A 56 -10.35 5.81 -0.53
C ILE A 56 -11.52 4.99 0.01
N PRO A 57 -12.75 5.07 -0.61
CA PRO A 57 -13.93 4.33 -0.12
C PRO A 57 -13.82 2.82 -0.36
N GLU A 58 -12.85 2.42 -1.22
CA GLU A 58 -12.67 1.03 -1.65
C GLU A 58 -11.80 0.24 -0.66
N LEU A 59 -11.03 0.95 0.19
CA LEU A 59 -10.09 0.32 1.12
C LEU A 59 -10.83 -0.16 2.40
N ASP A 60 -11.47 -1.32 2.27
CA ASP A 60 -12.18 -2.04 3.34
C ASP A 60 -11.24 -3.09 3.99
N SER A 61 -11.73 -3.79 5.02
CA SER A 61 -11.07 -4.96 5.64
C SER A 61 -10.51 -5.97 4.59
N MET A 62 -11.38 -6.58 3.80
CA MET A 62 -10.95 -7.62 2.83
C MET A 62 -10.05 -7.01 1.73
N ALA A 63 -10.25 -5.71 1.47
CA ALA A 63 -9.45 -4.92 0.54
C ALA A 63 -8.00 -4.76 1.03
N VAL A 64 -7.78 -4.56 2.37
CA VAL A 64 -6.41 -4.47 2.92
C VAL A 64 -5.70 -5.83 2.78
N VAL A 65 -6.46 -6.93 2.93
CA VAL A 65 -5.92 -8.30 2.79
C VAL A 65 -5.38 -8.52 1.37
N ASN A 66 -6.23 -8.14 0.41
CA ASN A 66 -5.96 -8.26 -1.03
C ASN A 66 -4.71 -7.48 -1.47
N VAL A 67 -4.58 -6.21 -1.00
CA VAL A 67 -3.45 -5.36 -1.38
C VAL A 67 -2.13 -5.79 -0.69
N ILE A 68 -2.21 -6.35 0.55
CA ILE A 68 -1.01 -6.90 1.25
C ILE A 68 -0.45 -8.07 0.44
N THR A 69 -1.36 -8.98 0.06
CA THR A 69 -1.03 -10.17 -0.74
C THR A 69 -0.34 -9.75 -2.05
N ALA A 70 -0.95 -8.74 -2.72
CA ALA A 70 -0.43 -8.18 -3.98
C ALA A 70 0.97 -7.52 -3.79
N LEU A 71 1.17 -6.79 -2.67
CA LEU A 71 2.50 -6.19 -2.32
C LEU A 71 3.57 -7.30 -2.27
N GLU A 72 3.25 -8.37 -1.53
CA GLU A 72 4.13 -9.52 -1.30
C GLU A 72 4.44 -10.27 -2.61
N GLU A 73 3.44 -10.40 -3.50
CA GLU A 73 3.58 -11.09 -4.80
C GLU A 73 4.53 -10.33 -5.74
N TYR A 74 4.23 -9.03 -5.95
CA TYR A 74 4.99 -8.14 -6.85
C TYR A 74 6.47 -8.07 -6.44
N PHE A 75 6.71 -7.65 -5.19
CA PHE A 75 8.06 -7.36 -4.68
C PHE A 75 8.79 -8.64 -4.20
N ASP A 76 8.03 -9.75 -4.02
CA ASP A 76 8.57 -11.07 -3.60
C ASP A 76 9.18 -10.99 -2.18
N PHE A 77 8.33 -10.61 -1.23
CA PHE A 77 8.65 -10.60 0.21
C PHE A 77 7.42 -11.02 1.02
N SER A 78 7.53 -11.02 2.35
CA SER A 78 6.40 -11.28 3.25
C SER A 78 6.33 -10.19 4.35
N VAL A 79 5.18 -9.47 4.42
CA VAL A 79 4.91 -8.49 5.49
C VAL A 79 4.50 -9.27 6.75
N ASP A 80 5.15 -9.01 7.89
CA ASP A 80 4.88 -9.75 9.14
C ASP A 80 3.78 -9.04 9.97
N ASP A 81 3.06 -9.82 10.81
CA ASP A 81 1.91 -9.33 11.62
C ASP A 81 2.29 -8.16 12.58
N ASP A 82 3.53 -8.20 13.10
CA ASP A 82 4.04 -7.22 14.10
C ASP A 82 4.01 -5.78 13.57
N GLU A 83 4.25 -5.64 12.27
CA GLU A 83 4.37 -4.33 11.60
C GLU A 83 3.05 -3.94 10.92
N ILE A 84 2.13 -4.92 10.74
CA ILE A 84 0.82 -4.68 10.11
C ILE A 84 -0.21 -4.15 11.13
N SER A 85 -0.73 -2.95 10.88
CA SER A 85 -1.87 -2.36 11.60
C SER A 85 -2.58 -1.33 10.71
N ALA A 86 -3.54 -0.59 11.30
CA ALA A 86 -4.19 0.55 10.62
C ALA A 86 -3.18 1.69 10.39
N GLN A 87 -2.18 1.76 11.29
CA GLN A 87 -1.08 2.75 11.22
C GLN A 87 -0.14 2.47 10.02
N THR A 88 -0.27 1.28 9.42
CA THR A 88 0.46 0.90 8.21
C THR A 88 -0.22 1.53 6.98
N PHE A 89 -1.57 1.50 6.95
CA PHE A 89 -2.39 1.94 5.79
C PHE A 89 -2.94 3.37 5.95
N GLU A 90 -2.40 4.13 6.90
CA GLU A 90 -2.80 5.54 7.11
C GLU A 90 -2.53 6.38 5.85
N THR A 91 -1.30 6.29 5.30
CA THR A 91 -0.89 7.01 4.08
C THR A 91 -0.07 6.10 3.16
N LEU A 92 0.08 6.53 1.88
CA LEU A 92 0.87 5.82 0.86
C LEU A 92 2.37 5.76 1.27
N GLY A 93 2.82 6.83 1.93
CA GLY A 93 4.19 6.96 2.39
C GLY A 93 4.51 5.97 3.46
N SER A 94 3.50 5.62 4.29
CA SER A 94 3.62 4.60 5.32
C SER A 94 3.94 3.23 4.69
N LEU A 95 3.11 2.80 3.70
CA LEU A 95 3.34 1.52 2.97
C LEU A 95 4.73 1.51 2.31
N ALA A 96 5.10 2.67 1.72
CA ALA A 96 6.40 2.87 1.07
C ALA A 96 7.53 2.65 2.07
N LEU A 97 7.40 3.23 3.28
CA LEU A 97 8.40 3.12 4.36
C LEU A 97 8.64 1.64 4.72
N PHE A 98 7.54 0.92 5.04
CA PHE A 98 7.59 -0.50 5.40
C PHE A 98 8.32 -1.32 4.32
N VAL A 99 7.83 -1.23 3.06
CA VAL A 99 8.38 -2.02 1.93
C VAL A 99 9.82 -1.60 1.58
N GLU A 100 10.24 -0.35 1.87
CA GLU A 100 11.66 0.06 1.75
C GLU A 100 12.51 -0.83 2.67
N HIS A 101 12.10 -0.91 3.95
CA HIS A 101 12.80 -1.70 5.00
C HIS A 101 12.84 -3.21 4.66
N LYS A 102 11.73 -3.71 4.09
CA LYS A 102 11.55 -5.14 3.78
C LYS A 102 12.48 -5.59 2.65
N LEU A 103 12.44 -4.85 1.53
CA LEU A 103 13.26 -5.14 0.35
C LEU A 103 14.75 -4.82 0.62
N SER A 104 15.03 -4.00 1.66
CA SER A 104 16.40 -3.76 2.14
C SER A 104 16.90 -4.93 3.00
N HIS A 105 16.00 -5.57 3.79
CA HIS A 105 16.36 -6.65 4.74
C HIS A 105 15.38 -7.83 4.59
N MET A 23 11.36 8.14 -0.94
CA MET A 23 10.90 6.74 -1.16
C MET A 23 10.89 6.44 -2.66
N GLN A 24 11.41 5.25 -3.01
CA GLN A 24 11.49 4.81 -4.41
C GLN A 24 10.37 3.80 -4.75
N HIS A 25 9.81 3.15 -3.71
CA HIS A 25 8.81 2.08 -3.88
C HIS A 25 7.36 2.59 -3.91
N LEU A 26 7.12 3.86 -3.47
CA LEU A 26 5.73 4.43 -3.37
C LEU A 26 4.95 4.33 -4.70
N GLU A 27 5.70 4.33 -5.81
CA GLU A 27 5.15 4.26 -7.16
C GLU A 27 4.51 2.87 -7.42
N ALA A 28 5.26 1.82 -7.05
CA ALA A 28 4.79 0.42 -7.18
C ALA A 28 3.66 0.12 -6.17
N VAL A 29 3.73 0.76 -4.99
CA VAL A 29 2.69 0.60 -3.95
C VAL A 29 1.36 1.20 -4.44
N ARG A 30 1.42 2.45 -4.99
CA ARG A 30 0.23 3.16 -5.49
C ARG A 30 -0.31 2.48 -6.75
N ASN A 31 0.59 1.80 -7.49
CA ASN A 31 0.23 0.98 -8.67
C ASN A 31 -0.72 -0.13 -8.24
N ILE A 32 -0.29 -0.87 -7.21
CA ILE A 32 -1.04 -1.99 -6.62
C ILE A 32 -2.37 -1.50 -6.04
N LEU A 33 -2.34 -0.44 -5.22
CA LEU A 33 -3.54 0.10 -4.53
C LEU A 33 -4.57 0.63 -5.56
N GLY A 34 -4.08 1.39 -6.53
CA GLY A 34 -4.93 1.92 -7.59
C GLY A 34 -5.44 0.86 -8.55
N ASP A 35 -4.79 -0.32 -8.57
CA ASP A 35 -5.25 -1.47 -9.36
C ASP A 35 -6.36 -2.22 -8.59
N VAL A 36 -6.07 -2.59 -7.32
CA VAL A 36 -6.95 -3.43 -6.48
C VAL A 36 -8.24 -2.68 -6.10
N LEU A 37 -8.08 -1.44 -5.61
CA LEU A 37 -9.23 -0.58 -5.22
C LEU A 37 -9.81 0.15 -6.46
N ASN A 38 -9.12 0.01 -7.61
CA ASN A 38 -9.59 0.49 -8.91
C ASN A 38 -9.77 2.03 -8.93
N LEU A 39 -8.63 2.72 -8.75
CA LEU A 39 -8.50 4.19 -8.91
C LEU A 39 -8.16 4.52 -10.39
N GLY A 40 -7.42 3.60 -11.06
CA GLY A 40 -6.99 3.79 -12.44
C GLY A 40 -5.97 4.93 -12.62
N GLU A 41 -6.47 6.09 -13.07
CA GLU A 41 -5.66 7.30 -13.30
C GLU A 41 -5.44 8.07 -11.97
N ARG A 42 -6.34 7.85 -10.99
CA ARG A 42 -6.33 8.58 -9.71
C ARG A 42 -5.09 8.20 -8.86
N LYS A 43 -4.59 6.96 -9.01
CA LYS A 43 -3.38 6.51 -8.29
C LYS A 43 -2.13 7.30 -8.74
N HIS A 44 -2.16 7.81 -9.97
CA HIS A 44 -1.07 8.61 -10.55
C HIS A 44 -1.13 10.06 -10.04
N THR A 45 -2.36 10.57 -9.81
CA THR A 45 -2.58 11.99 -9.45
C THR A 45 -2.37 12.26 -7.94
N LEU A 46 -2.21 11.19 -7.13
CA LEU A 46 -2.01 11.33 -5.67
C LEU A 46 -0.51 11.29 -5.33
N THR A 47 -0.19 11.68 -4.09
CA THR A 47 1.20 11.72 -3.57
C THR A 47 1.36 10.70 -2.43
N ALA A 48 2.58 10.64 -1.84
CA ALA A 48 2.85 9.81 -0.64
C ALA A 48 2.04 10.27 0.60
N SER A 49 1.47 11.49 0.53
CA SER A 49 0.66 12.05 1.61
C SER A 49 -0.85 11.71 1.45
N SER A 50 -1.17 10.82 0.47
CA SER A 50 -2.56 10.39 0.22
C SER A 50 -2.97 9.32 1.26
N VAL A 51 -4.03 9.60 2.02
CA VAL A 51 -4.53 8.70 3.07
C VAL A 51 -5.25 7.50 2.42
N LEU A 52 -5.15 6.32 3.03
CA LEU A 52 -5.83 5.12 2.50
C LEU A 52 -7.10 4.84 3.31
N LEU A 53 -6.93 4.41 4.58
CA LEU A 53 -8.04 4.14 5.49
C LEU A 53 -8.94 5.39 5.68
N GLY A 54 -10.19 5.27 5.22
CA GLY A 54 -11.20 6.31 5.39
C GLY A 54 -11.30 7.24 4.18
N ASN A 55 -10.14 7.57 3.59
CA ASN A 55 -10.07 8.48 2.43
C ASN A 55 -10.52 7.75 1.17
N ILE A 56 -9.93 6.58 0.90
CA ILE A 56 -10.33 5.73 -0.22
C ILE A 56 -11.62 4.97 0.19
N PRO A 57 -12.78 5.28 -0.44
CA PRO A 57 -14.08 4.65 -0.09
C PRO A 57 -14.24 3.25 -0.72
N GLU A 58 -13.18 2.80 -1.42
CA GLU A 58 -13.12 1.48 -2.05
C GLU A 58 -12.36 0.52 -1.14
N LEU A 59 -11.56 1.08 -0.20
CA LEU A 59 -10.72 0.28 0.70
C LEU A 59 -11.58 -0.25 1.85
N ASP A 60 -12.03 -1.50 1.71
CA ASP A 60 -12.74 -2.27 2.75
C ASP A 60 -11.72 -3.08 3.58
N SER A 61 -12.20 -3.73 4.66
CA SER A 61 -11.38 -4.63 5.48
C SER A 61 -10.81 -5.80 4.64
N MET A 62 -11.67 -6.46 3.86
CA MET A 62 -11.24 -7.54 2.94
C MET A 62 -10.23 -7.00 1.91
N ALA A 63 -10.39 -5.72 1.55
CA ALA A 63 -9.48 -5.03 0.64
C ALA A 63 -8.09 -4.79 1.27
N VAL A 64 -8.00 -4.63 2.63
CA VAL A 64 -6.69 -4.55 3.32
C VAL A 64 -5.94 -5.88 3.13
N VAL A 65 -6.70 -7.00 3.15
CA VAL A 65 -6.13 -8.36 2.98
C VAL A 65 -5.58 -8.53 1.55
N ASN A 66 -6.43 -8.12 0.60
CA ASN A 66 -6.15 -8.21 -0.84
C ASN A 66 -4.86 -7.43 -1.23
N VAL A 67 -4.69 -6.23 -0.68
CA VAL A 67 -3.52 -5.39 -0.98
C VAL A 67 -2.25 -5.90 -0.29
N ILE A 68 -2.38 -6.52 0.91
CA ILE A 68 -1.23 -7.19 1.56
C ILE A 68 -0.71 -8.29 0.63
N THR A 69 -1.64 -9.18 0.23
CA THR A 69 -1.38 -10.33 -0.66
C THR A 69 -0.64 -9.86 -1.94
N ALA A 70 -1.19 -8.81 -2.57
CA ALA A 70 -0.65 -8.24 -3.81
C ALA A 70 0.78 -7.68 -3.62
N LEU A 71 1.03 -6.96 -2.50
CA LEU A 71 2.38 -6.48 -2.12
C LEU A 71 3.39 -7.66 -2.07
N GLU A 72 2.97 -8.74 -1.38
CA GLU A 72 3.78 -9.97 -1.19
C GLU A 72 4.14 -10.60 -2.54
N GLU A 73 3.16 -10.67 -3.45
CA GLU A 73 3.31 -11.29 -4.77
C GLU A 73 4.31 -10.52 -5.64
N TYR A 74 4.01 -9.23 -5.88
CA TYR A 74 4.76 -8.37 -6.83
C TYR A 74 6.20 -8.09 -6.35
N PHE A 75 6.36 -7.76 -5.07
CA PHE A 75 7.69 -7.46 -4.49
C PHE A 75 8.44 -8.76 -4.10
N ASP A 76 7.70 -9.87 -3.91
CA ASP A 76 8.26 -11.21 -3.55
C ASP A 76 8.94 -11.15 -2.16
N PHE A 77 8.12 -10.89 -1.13
CA PHE A 77 8.59 -10.84 0.28
C PHE A 77 7.41 -11.15 1.22
N SER A 78 7.66 -11.02 2.53
CA SER A 78 6.61 -11.09 3.56
C SER A 78 6.72 -9.89 4.52
N VAL A 79 5.65 -9.07 4.59
CA VAL A 79 5.47 -8.07 5.66
C VAL A 79 5.16 -8.86 6.94
N ASP A 80 5.91 -8.63 8.02
CA ASP A 80 5.79 -9.41 9.26
C ASP A 80 4.51 -9.04 10.03
N ASP A 81 3.87 -10.03 10.68
CA ASP A 81 2.61 -9.87 11.44
C ASP A 81 2.66 -8.69 12.46
N ASP A 82 3.80 -8.58 13.17
CA ASP A 82 3.99 -7.59 14.27
C ASP A 82 4.08 -6.14 13.76
N GLU A 83 4.39 -5.97 12.45
CA GLU A 83 4.53 -4.62 11.84
C GLU A 83 3.28 -4.27 11.00
N ILE A 84 2.36 -5.24 10.82
CA ILE A 84 1.08 -5.01 10.12
C ILE A 84 0.03 -4.44 11.10
N SER A 85 -0.24 -3.15 10.98
CA SER A 85 -1.29 -2.46 11.75
C SER A 85 -2.13 -1.58 10.81
N ALA A 86 -3.24 -1.05 11.33
CA ALA A 86 -4.06 -0.03 10.64
C ALA A 86 -3.20 1.24 10.39
N GLN A 87 -2.27 1.49 11.32
CA GLN A 87 -1.33 2.63 11.27
C GLN A 87 -0.27 2.46 10.16
N THR A 88 -0.16 1.23 9.60
CA THR A 88 0.66 0.97 8.41
C THR A 88 -0.07 1.52 7.16
N PHE A 89 -1.40 1.30 7.13
CA PHE A 89 -2.28 1.70 6.00
C PHE A 89 -2.90 3.09 6.19
N GLU A 90 -2.29 3.92 7.06
CA GLU A 90 -2.74 5.30 7.28
C GLU A 90 -2.57 6.15 6.00
N THR A 91 -1.40 6.03 5.34
CA THR A 91 -1.08 6.79 4.12
C THR A 91 -0.13 5.98 3.22
N LEU A 92 -0.12 6.34 1.92
CA LEU A 92 0.75 5.73 0.88
C LEU A 92 2.23 5.74 1.30
N GLY A 93 2.63 6.88 1.92
CA GLY A 93 3.99 7.09 2.38
C GLY A 93 4.42 6.04 3.39
N SER A 94 3.51 5.69 4.31
CA SER A 94 3.77 4.67 5.33
C SER A 94 4.08 3.31 4.69
N LEU A 95 3.23 2.85 3.73
CA LEU A 95 3.44 1.56 3.01
C LEU A 95 4.79 1.56 2.30
N ALA A 96 5.13 2.73 1.71
CA ALA A 96 6.40 2.94 1.01
C ALA A 96 7.57 2.75 1.98
N LEU A 97 7.52 3.40 3.17
CA LEU A 97 8.60 3.35 4.20
C LEU A 97 8.86 1.88 4.64
N PHE A 98 7.77 1.15 4.90
CA PHE A 98 7.82 -0.27 5.28
C PHE A 98 8.57 -1.08 4.21
N VAL A 99 8.09 -1.03 2.96
CA VAL A 99 8.69 -1.79 1.84
C VAL A 99 10.11 -1.28 1.48
N GLU A 100 10.46 -0.01 1.81
CA GLU A 100 11.85 0.49 1.68
C GLU A 100 12.74 -0.41 2.53
N HIS A 101 12.34 -0.60 3.79
CA HIS A 101 13.08 -1.38 4.79
C HIS A 101 13.19 -2.85 4.37
N LYS A 102 12.03 -3.46 4.06
CA LYS A 102 11.88 -4.91 3.81
C LYS A 102 12.78 -5.41 2.68
N LEU A 103 12.74 -4.68 1.56
CA LEU A 103 13.51 -5.02 0.35
C LEU A 103 14.99 -4.60 0.51
N SER A 104 15.31 -3.73 1.49
CA SER A 104 16.71 -3.39 1.85
C SER A 104 17.27 -4.34 2.94
N HIS A 105 16.41 -5.20 3.52
CA HIS A 105 16.84 -6.26 4.46
C HIS A 105 17.27 -7.50 3.65
N MET A 23 11.26 7.83 -1.07
CA MET A 23 11.02 6.40 -1.34
C MET A 23 11.10 6.13 -2.84
N GLN A 24 11.38 4.87 -3.16
CA GLN A 24 11.32 4.34 -4.53
C GLN A 24 9.96 3.70 -4.72
N HIS A 25 9.61 2.89 -3.72
CA HIS A 25 8.53 1.92 -3.80
C HIS A 25 7.13 2.54 -3.74
N LEU A 26 7.01 3.81 -3.28
CA LEU A 26 5.69 4.52 -3.09
C LEU A 26 4.80 4.45 -4.35
N GLU A 27 5.46 4.54 -5.51
CA GLU A 27 4.79 4.62 -6.80
C GLU A 27 4.24 3.23 -7.21
N ALA A 28 5.04 2.19 -6.96
CA ALA A 28 4.65 0.79 -7.18
C ALA A 28 3.55 0.36 -6.19
N VAL A 29 3.52 0.99 -5.00
CA VAL A 29 2.49 0.72 -3.98
C VAL A 29 1.14 1.29 -4.46
N ARG A 30 1.12 2.57 -4.88
CA ARG A 30 -0.12 3.23 -5.36
C ARG A 30 -0.60 2.59 -6.66
N ASN A 31 0.36 2.03 -7.42
CA ASN A 31 0.10 1.32 -8.67
C ASN A 31 -0.75 0.07 -8.39
N ILE A 32 -0.21 -0.81 -7.53
CA ILE A 32 -0.84 -2.09 -7.14
C ILE A 32 -2.19 -1.84 -6.46
N LEU A 33 -2.20 -0.93 -5.46
CA LEU A 33 -3.41 -0.57 -4.71
C LEU A 33 -4.50 -0.01 -5.64
N GLY A 34 -4.11 0.84 -6.60
CA GLY A 34 -5.06 1.44 -7.52
C GLY A 34 -5.57 0.48 -8.58
N ASP A 35 -4.83 -0.61 -8.81
CA ASP A 35 -5.27 -1.71 -9.69
C ASP A 35 -6.32 -2.58 -8.98
N VAL A 36 -6.02 -2.97 -7.72
CA VAL A 36 -6.89 -3.86 -6.90
C VAL A 36 -8.20 -3.13 -6.54
N LEU A 37 -8.04 -1.90 -6.04
CA LEU A 37 -9.15 -1.06 -5.57
C LEU A 37 -9.80 -0.29 -6.74
N ASN A 38 -9.28 -0.49 -7.97
CA ASN A 38 -9.89 -0.01 -9.24
C ASN A 38 -9.87 1.53 -9.33
N LEU A 39 -8.92 2.18 -8.61
CA LEU A 39 -8.70 3.64 -8.69
C LEU A 39 -8.34 4.07 -10.12
N GLY A 40 -7.49 3.25 -10.78
CA GLY A 40 -7.07 3.48 -12.16
C GLY A 40 -6.30 4.78 -12.37
N GLU A 41 -7.04 5.88 -12.51
CA GLU A 41 -6.50 7.23 -12.70
C GLU A 41 -6.21 7.89 -11.33
N ARG A 42 -7.10 7.59 -10.35
CA ARG A 42 -7.08 8.19 -8.99
C ARG A 42 -5.77 7.82 -8.24
N LYS A 43 -5.19 6.64 -8.58
CA LYS A 43 -3.93 6.16 -7.95
C LYS A 43 -2.72 7.01 -8.40
N HIS A 44 -2.76 7.52 -9.64
CA HIS A 44 -1.64 8.25 -10.24
C HIS A 44 -1.62 9.71 -9.74
N THR A 45 -2.81 10.26 -9.44
CA THR A 45 -2.98 11.67 -9.05
C THR A 45 -2.77 11.89 -7.53
N LEU A 46 -2.59 10.80 -6.75
CA LEU A 46 -2.31 10.91 -5.29
C LEU A 46 -0.79 10.79 -5.04
N THR A 47 -0.32 11.34 -3.91
CA THR A 47 1.12 11.43 -3.57
C THR A 47 1.45 10.53 -2.35
N ALA A 48 2.71 10.58 -1.88
CA ALA A 48 3.14 9.89 -0.64
C ALA A 48 2.35 10.41 0.58
N SER A 49 2.05 11.72 0.56
CA SER A 49 1.36 12.41 1.65
C SER A 49 -0.16 12.09 1.66
N SER A 50 -0.70 11.54 0.55
CA SER A 50 -2.15 11.25 0.44
C SER A 50 -2.55 10.12 1.40
N VAL A 51 -3.72 10.27 2.02
CA VAL A 51 -4.27 9.30 2.97
C VAL A 51 -5.00 8.18 2.21
N LEU A 52 -4.90 6.93 2.71
CA LEU A 52 -5.57 5.77 2.10
C LEU A 52 -6.70 5.27 3.01
N LEU A 53 -6.30 4.69 4.15
CA LEU A 53 -7.20 4.24 5.20
C LEU A 53 -8.10 5.40 5.70
N GLY A 54 -9.41 5.30 5.42
CA GLY A 54 -10.39 6.30 5.81
C GLY A 54 -10.74 7.27 4.67
N ASN A 55 -9.71 7.68 3.90
CA ASN A 55 -9.86 8.66 2.81
C ASN A 55 -10.46 7.98 1.56
N ILE A 56 -9.77 6.95 1.06
CA ILE A 56 -10.20 6.19 -0.12
C ILE A 56 -11.34 5.25 0.29
N PRO A 57 -12.56 5.36 -0.31
CA PRO A 57 -13.72 4.54 0.08
C PRO A 57 -13.55 3.05 -0.33
N GLU A 58 -12.56 2.77 -1.19
CA GLU A 58 -12.29 1.42 -1.70
C GLU A 58 -11.37 0.63 -0.75
N LEU A 59 -10.74 1.34 0.21
CA LEU A 59 -9.84 0.72 1.19
C LEU A 59 -10.72 0.08 2.30
N ASP A 60 -11.21 -1.12 1.99
CA ASP A 60 -12.06 -1.96 2.88
C ASP A 60 -11.19 -2.97 3.64
N SER A 61 -11.79 -3.68 4.62
CA SER A 61 -11.20 -4.83 5.33
C SER A 61 -10.54 -5.86 4.37
N MET A 62 -11.36 -6.54 3.57
CA MET A 62 -10.87 -7.58 2.66
C MET A 62 -9.98 -6.99 1.56
N ALA A 63 -10.19 -5.69 1.28
CA ALA A 63 -9.36 -4.92 0.35
C ALA A 63 -7.91 -4.77 0.85
N VAL A 64 -7.71 -4.60 2.19
CA VAL A 64 -6.33 -4.52 2.74
C VAL A 64 -5.65 -5.90 2.63
N VAL A 65 -6.43 -6.98 2.85
CA VAL A 65 -5.91 -8.37 2.76
C VAL A 65 -5.39 -8.64 1.34
N ASN A 66 -6.21 -8.20 0.37
CA ASN A 66 -5.95 -8.33 -1.07
C ASN A 66 -4.68 -7.59 -1.52
N VAL A 67 -4.56 -6.31 -1.15
CA VAL A 67 -3.42 -5.46 -1.56
C VAL A 67 -2.11 -5.87 -0.87
N ILE A 68 -2.20 -6.40 0.39
CA ILE A 68 -1.02 -6.94 1.11
C ILE A 68 -0.48 -8.14 0.33
N THR A 69 -1.38 -9.08 -0.02
CA THR A 69 -1.05 -10.29 -0.78
C THR A 69 -0.32 -9.92 -2.09
N ALA A 70 -0.90 -8.95 -2.82
CA ALA A 70 -0.35 -8.47 -4.10
C ALA A 70 1.05 -7.84 -3.93
N LEU A 71 1.24 -7.00 -2.88
CA LEU A 71 2.55 -6.38 -2.54
C LEU A 71 3.62 -7.47 -2.33
N GLU A 72 3.24 -8.49 -1.54
CA GLU A 72 4.10 -9.65 -1.24
C GLU A 72 4.53 -10.39 -2.53
N GLU A 73 3.55 -10.60 -3.43
CA GLU A 73 3.76 -11.31 -4.72
C GLU A 73 4.83 -10.60 -5.57
N TYR A 74 4.54 -9.34 -5.94
CA TYR A 74 5.34 -8.57 -6.90
C TYR A 74 6.74 -8.25 -6.33
N PHE A 75 6.78 -7.67 -5.12
CA PHE A 75 8.05 -7.26 -4.49
C PHE A 75 8.86 -8.47 -3.96
N ASP A 76 8.19 -9.64 -3.82
CA ASP A 76 8.81 -10.92 -3.40
C ASP A 76 9.27 -10.85 -1.93
N PHE A 77 8.28 -10.75 -1.03
CA PHE A 77 8.49 -10.84 0.43
C PHE A 77 7.18 -11.27 1.10
N SER A 78 7.12 -11.20 2.45
CA SER A 78 5.86 -11.33 3.22
C SER A 78 5.81 -10.22 4.28
N VAL A 79 4.62 -9.61 4.48
CA VAL A 79 4.40 -8.58 5.52
C VAL A 79 3.93 -9.30 6.81
N ASP A 80 4.66 -9.10 7.92
CA ASP A 80 4.44 -9.82 9.19
C ASP A 80 3.40 -9.08 10.07
N ASP A 81 2.71 -9.86 10.94
CA ASP A 81 1.65 -9.35 11.86
C ASP A 81 2.18 -8.21 12.77
N ASP A 82 3.44 -8.31 13.20
CA ASP A 82 4.08 -7.39 14.17
C ASP A 82 4.20 -5.97 13.60
N GLU A 83 4.43 -5.86 12.28
CA GLU A 83 4.61 -4.57 11.59
C GLU A 83 3.30 -4.09 10.95
N ILE A 84 2.35 -5.04 10.73
CA ILE A 84 1.01 -4.70 10.25
C ILE A 84 0.17 -4.08 11.37
N SER A 85 -0.36 -2.89 11.12
CA SER A 85 -1.43 -2.27 11.91
C SER A 85 -2.32 -1.44 10.97
N ALA A 86 -3.34 -0.78 11.52
CA ALA A 86 -4.12 0.24 10.80
C ALA A 86 -3.21 1.43 10.44
N GLN A 87 -2.24 1.69 11.32
CA GLN A 87 -1.25 2.78 11.16
C GLN A 87 -0.31 2.51 9.96
N THR A 88 -0.34 1.29 9.41
CA THR A 88 0.42 0.93 8.20
C THR A 88 -0.23 1.57 6.96
N PHE A 89 -1.60 1.62 6.91
CA PHE A 89 -2.34 2.09 5.72
C PHE A 89 -2.78 3.55 5.82
N GLU A 90 -2.34 4.27 6.87
CA GLU A 90 -2.76 5.68 7.11
C GLU A 90 -2.47 6.57 5.88
N THR A 91 -1.24 6.49 5.32
CA THR A 91 -0.87 7.18 4.06
C THR A 91 -0.09 6.24 3.13
N LEU A 92 0.04 6.66 1.86
CA LEU A 92 0.85 5.97 0.85
C LEU A 92 2.32 5.88 1.29
N GLY A 93 2.79 6.96 1.92
CA GLY A 93 4.14 7.07 2.43
C GLY A 93 4.44 6.03 3.50
N SER A 94 3.41 5.71 4.31
CA SER A 94 3.52 4.70 5.37
C SER A 94 3.82 3.31 4.77
N LEU A 95 2.99 2.87 3.79
CA LEU A 95 3.22 1.59 3.07
C LEU A 95 4.63 1.59 2.43
N ALA A 96 4.96 2.74 1.82
CA ALA A 96 6.21 2.92 1.10
C ALA A 96 7.43 2.68 1.99
N LEU A 97 7.44 3.30 3.20
CA LEU A 97 8.56 3.16 4.17
C LEU A 97 8.67 1.72 4.69
N PHE A 98 7.50 1.07 4.95
CA PHE A 98 7.46 -0.35 5.39
C PHE A 98 8.17 -1.24 4.34
N VAL A 99 7.71 -1.16 3.07
CA VAL A 99 8.23 -1.97 1.97
C VAL A 99 9.70 -1.59 1.61
N GLU A 100 10.12 -0.33 1.91
CA GLU A 100 11.57 0.05 1.81
C GLU A 100 12.35 -0.90 2.73
N HIS A 101 11.95 -0.92 4.01
CA HIS A 101 12.64 -1.67 5.08
C HIS A 101 12.68 -3.17 4.78
N LYS A 102 11.61 -3.67 4.15
CA LYS A 102 11.47 -5.09 3.77
C LYS A 102 12.54 -5.49 2.75
N LEU A 103 12.58 -4.78 1.62
CA LEU A 103 13.45 -5.16 0.49
C LEU A 103 14.90 -4.61 0.65
N SER A 104 15.12 -3.67 1.59
CA SER A 104 16.42 -3.00 1.78
C SER A 104 17.24 -3.55 2.97
N HIS A 105 16.60 -4.32 3.90
CA HIS A 105 17.33 -4.82 5.10
C HIS A 105 18.37 -5.90 4.71
N MET A 23 11.83 8.14 -1.08
CA MET A 23 11.31 6.78 -1.31
C MET A 23 11.08 6.55 -2.80
N GLN A 24 11.47 5.36 -3.26
CA GLN A 24 11.30 4.92 -4.65
C GLN A 24 10.05 4.02 -4.79
N HIS A 25 9.80 3.19 -3.75
CA HIS A 25 8.79 2.12 -3.81
C HIS A 25 7.34 2.63 -3.75
N LEU A 26 7.13 3.90 -3.30
CA LEU A 26 5.78 4.52 -3.13
C LEU A 26 4.92 4.43 -4.41
N GLU A 27 5.61 4.47 -5.58
CA GLU A 27 4.95 4.48 -6.88
C GLU A 27 4.38 3.09 -7.23
N ALA A 28 5.16 2.04 -6.93
CA ALA A 28 4.72 0.65 -7.10
C ALA A 28 3.64 0.27 -6.08
N VAL A 29 3.67 0.92 -4.90
CA VAL A 29 2.66 0.73 -3.85
C VAL A 29 1.30 1.29 -4.32
N ARG A 30 1.30 2.55 -4.82
CA ARG A 30 0.05 3.22 -5.29
C ARG A 30 -0.46 2.52 -6.54
N ASN A 31 0.47 1.93 -7.33
CA ASN A 31 0.14 1.12 -8.50
C ASN A 31 -0.73 -0.08 -8.08
N ILE A 32 -0.22 -0.84 -7.08
CA ILE A 32 -0.87 -2.03 -6.54
C ILE A 32 -2.23 -1.69 -5.90
N LEU A 33 -2.23 -0.77 -4.94
CA LEU A 33 -3.44 -0.43 -4.16
C LEU A 33 -4.53 0.20 -5.06
N GLY A 34 -4.12 0.98 -6.07
CA GLY A 34 -5.06 1.52 -7.04
C GLY A 34 -5.51 0.53 -8.10
N ASP A 35 -4.73 -0.55 -8.30
CA ASP A 35 -5.10 -1.66 -9.20
C ASP A 35 -6.18 -2.53 -8.53
N VAL A 36 -5.92 -2.87 -7.26
CA VAL A 36 -6.77 -3.76 -6.45
C VAL A 36 -8.09 -3.07 -6.07
N LEU A 37 -8.00 -1.84 -5.56
CA LEU A 37 -9.17 -1.03 -5.14
C LEU A 37 -9.88 -0.39 -6.37
N ASN A 38 -9.23 -0.49 -7.55
CA ASN A 38 -9.78 -0.06 -8.86
C ASN A 38 -9.95 1.49 -8.91
N LEU A 39 -8.90 2.19 -8.44
CA LEU A 39 -8.77 3.67 -8.53
C LEU A 39 -8.47 4.10 -9.98
N GLY A 40 -7.70 3.27 -10.69
CA GLY A 40 -7.30 3.54 -12.08
C GLY A 40 -6.31 4.69 -12.21
N GLU A 41 -6.85 5.90 -12.40
CA GLU A 41 -6.05 7.13 -12.60
C GLU A 41 -5.89 7.90 -11.27
N ARG A 42 -6.81 7.62 -10.32
CA ARG A 42 -6.81 8.27 -8.99
C ARG A 42 -5.50 7.94 -8.23
N LYS A 43 -4.98 6.71 -8.45
CA LYS A 43 -3.71 6.24 -7.84
C LYS A 43 -2.49 7.00 -8.41
N HIS A 44 -2.60 7.44 -9.69
CA HIS A 44 -1.52 8.17 -10.38
C HIS A 44 -1.45 9.62 -9.88
N THR A 45 -2.62 10.23 -9.68
CA THR A 45 -2.74 11.67 -9.35
C THR A 45 -2.61 11.92 -7.82
N LEU A 46 -2.14 10.91 -7.06
CA LEU A 46 -1.81 11.08 -5.62
C LEU A 46 -0.30 10.92 -5.38
N THR A 47 0.14 11.39 -4.20
CA THR A 47 1.56 11.41 -3.77
C THR A 47 1.72 10.64 -2.44
N ALA A 48 2.94 10.68 -1.86
CA ALA A 48 3.25 10.00 -0.57
C ALA A 48 2.41 10.54 0.61
N SER A 49 1.88 11.77 0.47
CA SER A 49 1.08 12.42 1.52
C SER A 49 -0.43 12.06 1.43
N SER A 50 -0.80 11.22 0.45
CA SER A 50 -2.22 10.81 0.25
C SER A 50 -2.65 9.82 1.35
N VAL A 51 -3.74 10.15 2.04
CA VAL A 51 -4.32 9.28 3.07
C VAL A 51 -5.09 8.15 2.35
N LEU A 52 -4.92 6.90 2.83
CA LEU A 52 -5.51 5.72 2.19
C LEU A 52 -6.66 5.17 3.03
N LEU A 53 -6.33 4.59 4.20
CA LEU A 53 -7.32 4.08 5.15
C LEU A 53 -8.21 5.24 5.65
N GLY A 54 -9.52 5.16 5.34
CA GLY A 54 -10.49 6.15 5.75
C GLY A 54 -10.82 7.16 4.65
N ASN A 55 -9.82 7.47 3.81
CA ASN A 55 -9.94 8.50 2.75
C ASN A 55 -10.43 7.86 1.44
N ILE A 56 -9.83 6.71 1.07
CA ILE A 56 -10.24 5.95 -0.13
C ILE A 56 -11.50 5.14 0.19
N PRO A 57 -12.65 5.37 -0.53
CA PRO A 57 -13.93 4.70 -0.24
C PRO A 57 -13.92 3.20 -0.61
N GLU A 58 -12.91 2.77 -1.39
CA GLU A 58 -12.81 1.39 -1.91
C GLU A 58 -11.97 0.50 -0.98
N LEU A 59 -11.28 1.13 -0.01
CA LEU A 59 -10.37 0.42 0.91
C LEU A 59 -11.21 -0.18 2.06
N ASP A 60 -11.69 -1.40 1.83
CA ASP A 60 -12.49 -2.19 2.79
C ASP A 60 -11.59 -3.24 3.47
N SER A 61 -12.12 -3.97 4.46
CA SER A 61 -11.46 -5.09 5.15
C SER A 61 -10.75 -6.07 4.18
N MET A 62 -11.51 -6.76 3.34
CA MET A 62 -10.92 -7.79 2.45
C MET A 62 -10.09 -7.16 1.33
N ALA A 63 -10.28 -5.85 1.10
CA ALA A 63 -9.44 -5.05 0.21
C ALA A 63 -8.03 -4.82 0.80
N VAL A 64 -7.92 -4.69 2.16
CA VAL A 64 -6.59 -4.57 2.83
C VAL A 64 -5.84 -5.91 2.69
N VAL A 65 -6.59 -7.02 2.83
CA VAL A 65 -6.00 -8.38 2.73
C VAL A 65 -5.49 -8.62 1.31
N ASN A 66 -6.31 -8.19 0.35
CA ASN A 66 -6.07 -8.36 -1.09
C ASN A 66 -4.83 -7.57 -1.57
N VAL A 67 -4.66 -6.33 -1.05
CA VAL A 67 -3.48 -5.50 -1.41
C VAL A 67 -2.20 -6.08 -0.78
N ILE A 68 -2.28 -6.58 0.49
CA ILE A 68 -1.09 -7.17 1.18
C ILE A 68 -0.58 -8.40 0.40
N THR A 69 -1.55 -9.23 -0.06
CA THR A 69 -1.27 -10.39 -0.90
C THR A 69 -0.58 -9.95 -2.21
N ALA A 70 -1.10 -8.88 -2.81
CA ALA A 70 -0.56 -8.29 -4.04
C ALA A 70 0.88 -7.73 -3.81
N LEU A 71 1.14 -7.16 -2.61
CA LEU A 71 2.49 -6.68 -2.20
C LEU A 71 3.51 -7.85 -2.20
N GLU A 72 3.04 -9.02 -1.72
CA GLU A 72 3.81 -10.30 -1.78
C GLU A 72 4.18 -10.64 -3.23
N GLU A 73 3.15 -10.63 -4.12
CA GLU A 73 3.29 -11.07 -5.52
C GLU A 73 4.36 -10.23 -6.28
N TYR A 74 4.33 -8.91 -6.09
CA TYR A 74 5.18 -7.97 -6.85
C TYR A 74 6.60 -7.87 -6.28
N PHE A 75 6.73 -7.53 -4.97
CA PHE A 75 8.04 -7.25 -4.36
C PHE A 75 8.77 -8.52 -3.90
N ASP A 76 8.02 -9.64 -3.76
CA ASP A 76 8.54 -10.96 -3.31
C ASP A 76 9.17 -10.87 -1.91
N PHE A 77 8.36 -10.44 -0.95
CA PHE A 77 8.72 -10.45 0.48
C PHE A 77 7.61 -11.13 1.28
N SER A 78 7.71 -11.06 2.61
CA SER A 78 6.60 -11.41 3.52
C SER A 78 6.33 -10.27 4.51
N VAL A 79 5.16 -9.59 4.38
CA VAL A 79 4.71 -8.57 5.33
C VAL A 79 4.33 -9.27 6.65
N ASP A 80 5.12 -9.01 7.70
CA ASP A 80 4.97 -9.67 9.00
C ASP A 80 3.79 -9.08 9.80
N ASP A 81 3.18 -9.91 10.68
CA ASP A 81 2.02 -9.52 11.50
C ASP A 81 2.33 -8.32 12.44
N ASP A 82 3.59 -8.24 12.91
CA ASP A 82 4.01 -7.24 13.92
C ASP A 82 4.09 -5.82 13.32
N GLU A 83 4.42 -5.72 12.02
CA GLU A 83 4.56 -4.43 11.33
C GLU A 83 3.20 -3.94 10.80
N ILE A 84 2.23 -4.87 10.66
CA ILE A 84 0.86 -4.56 10.21
C ILE A 84 0.08 -3.86 11.34
N SER A 85 -0.46 -2.67 11.02
CA SER A 85 -1.46 -1.98 11.82
C SER A 85 -2.39 -1.17 10.90
N ALA A 86 -3.42 -0.54 11.49
CA ALA A 86 -4.28 0.45 10.79
C ALA A 86 -3.41 1.65 10.34
N GLN A 87 -2.43 1.99 11.18
CA GLN A 87 -1.54 3.15 10.99
C GLN A 87 -0.43 2.83 9.97
N THR A 88 -0.33 1.56 9.54
CA THR A 88 0.52 1.16 8.40
C THR A 88 -0.11 1.68 7.10
N PHE A 89 -1.46 1.64 7.02
CA PHE A 89 -2.22 2.05 5.80
C PHE A 89 -2.75 3.49 5.91
N GLU A 90 -2.24 4.27 6.87
CA GLU A 90 -2.71 5.66 7.11
C GLU A 90 -2.45 6.56 5.87
N THR A 91 -1.24 6.44 5.28
CA THR A 91 -0.85 7.22 4.10
C THR A 91 0.05 6.37 3.18
N LEU A 92 0.18 6.80 1.91
CA LEU A 92 1.01 6.10 0.89
C LEU A 92 2.48 6.04 1.32
N GLY A 93 2.92 7.13 1.98
CA GLY A 93 4.28 7.24 2.49
C GLY A 93 4.59 6.19 3.53
N SER A 94 3.57 5.81 4.33
CA SER A 94 3.69 4.77 5.36
C SER A 94 3.97 3.41 4.71
N LEU A 95 3.12 2.98 3.74
CA LEU A 95 3.33 1.69 3.03
C LEU A 95 4.68 1.67 2.33
N ALA A 96 5.07 2.83 1.75
CA ALA A 96 6.37 3.00 1.11
C ALA A 96 7.49 2.73 2.10
N LEU A 97 7.37 3.29 3.32
CA LEU A 97 8.37 3.14 4.41
C LEU A 97 8.56 1.66 4.77
N PHE A 98 7.44 0.94 5.01
CA PHE A 98 7.47 -0.49 5.40
C PHE A 98 8.12 -1.35 4.30
N VAL A 99 7.70 -1.15 3.02
CA VAL A 99 8.22 -1.92 1.88
C VAL A 99 9.69 -1.54 1.56
N GLU A 100 10.11 -0.29 1.90
CA GLU A 100 11.54 0.12 1.82
C GLU A 100 12.34 -0.81 2.75
N HIS A 101 11.89 -0.91 4.02
CA HIS A 101 12.54 -1.71 5.06
C HIS A 101 12.65 -3.20 4.67
N LYS A 102 11.61 -3.72 4.00
CA LYS A 102 11.59 -5.14 3.54
C LYS A 102 12.77 -5.41 2.58
N LEU A 103 12.85 -4.60 1.52
CA LEU A 103 13.86 -4.77 0.46
C LEU A 103 15.26 -4.27 0.90
N SER A 104 15.32 -3.50 2.01
CA SER A 104 16.59 -3.03 2.59
C SER A 104 17.15 -4.03 3.64
N HIS A 105 16.27 -4.90 4.20
CA HIS A 105 16.65 -5.88 5.24
C HIS A 105 16.25 -7.30 4.78
N MET A 23 10.72 7.97 -0.07
CA MET A 23 10.45 6.57 -0.45
C MET A 23 10.63 6.38 -1.95
N GLN A 24 11.11 5.19 -2.34
CA GLN A 24 11.32 4.82 -3.75
C GLN A 24 10.11 4.01 -4.22
N HIS A 25 9.69 3.12 -3.32
CA HIS A 25 8.72 2.07 -3.61
C HIS A 25 7.27 2.57 -3.54
N LEU A 26 7.05 3.86 -3.13
CA LEU A 26 5.71 4.49 -3.03
C LEU A 26 4.89 4.32 -4.32
N GLU A 27 5.59 4.36 -5.48
CA GLU A 27 4.92 4.30 -6.78
C GLU A 27 4.40 2.87 -7.04
N ALA A 28 5.21 1.86 -6.72
CA ALA A 28 4.80 0.45 -6.86
C ALA A 28 3.66 0.10 -5.88
N VAL A 29 3.64 0.77 -4.71
CA VAL A 29 2.57 0.60 -3.72
C VAL A 29 1.25 1.20 -4.24
N ARG A 30 1.30 2.43 -4.81
CA ARG A 30 0.10 3.13 -5.34
C ARG A 30 -0.39 2.46 -6.63
N ASN A 31 0.53 1.73 -7.30
CA ASN A 31 0.21 0.88 -8.46
C ASN A 31 -0.71 -0.26 -7.99
N ILE A 32 -0.29 -0.92 -6.90
CA ILE A 32 -1.01 -2.03 -6.26
C ILE A 32 -2.39 -1.58 -5.75
N LEU A 33 -2.41 -0.46 -5.02
CA LEU A 33 -3.66 0.11 -4.48
C LEU A 33 -4.59 0.57 -5.62
N GLY A 34 -3.98 1.09 -6.70
CA GLY A 34 -4.69 1.48 -7.91
C GLY A 34 -5.19 0.30 -8.72
N ASP A 35 -4.57 -0.87 -8.51
CA ASP A 35 -4.93 -2.13 -9.19
C ASP A 35 -6.07 -2.86 -8.44
N VAL A 36 -5.94 -2.95 -7.11
CA VAL A 36 -6.86 -3.68 -6.24
C VAL A 36 -8.15 -2.88 -6.02
N LEU A 37 -7.99 -1.63 -5.54
CA LEU A 37 -9.16 -0.76 -5.21
C LEU A 37 -9.69 -0.05 -6.47
N ASN A 38 -8.92 -0.18 -7.57
CA ASN A 38 -9.30 0.30 -8.91
C ASN A 38 -9.36 1.85 -8.95
N LEU A 39 -8.19 2.47 -8.73
CA LEU A 39 -7.99 3.93 -8.88
C LEU A 39 -7.76 4.28 -10.37
N GLY A 40 -7.04 3.38 -11.08
CA GLY A 40 -6.75 3.53 -12.52
C GLY A 40 -5.92 4.77 -12.85
N GLU A 41 -6.61 5.89 -13.10
CA GLU A 41 -5.99 7.20 -13.37
C GLU A 41 -5.61 7.88 -12.05
N ARG A 42 -6.51 7.77 -11.06
CA ARG A 42 -6.46 8.50 -9.77
C ARG A 42 -5.14 8.25 -9.00
N LYS A 43 -4.54 7.07 -9.21
CA LYS A 43 -3.25 6.69 -8.58
C LYS A 43 -2.02 7.39 -9.21
N HIS A 44 -2.23 8.30 -10.16
CA HIS A 44 -1.13 9.07 -10.80
C HIS A 44 -0.92 10.39 -10.05
N THR A 45 -2.05 11.09 -9.77
CA THR A 45 -2.05 12.45 -9.19
C THR A 45 -1.60 12.44 -7.72
N LEU A 46 -1.85 11.33 -7.02
CA LEU A 46 -1.49 11.18 -5.59
C LEU A 46 -0.02 10.74 -5.43
N THR A 47 0.54 11.02 -4.25
CA THR A 47 1.92 10.69 -3.85
C THR A 47 1.91 10.17 -2.40
N ALA A 48 3.07 10.14 -1.71
CA ALA A 48 3.22 9.54 -0.36
C ALA A 48 2.28 10.17 0.71
N SER A 49 1.83 11.41 0.48
CA SER A 49 0.92 12.13 1.40
C SER A 49 -0.55 11.65 1.29
N SER A 50 -0.86 10.86 0.25
CA SER A 50 -2.22 10.37 -0.03
C SER A 50 -2.75 9.49 1.11
N VAL A 51 -3.90 9.85 1.66
CA VAL A 51 -4.57 9.07 2.71
C VAL A 51 -5.19 7.80 2.08
N LEU A 52 -5.36 6.72 2.86
CA LEU A 52 -6.00 5.48 2.37
C LEU A 52 -7.23 5.18 3.22
N LEU A 53 -7.02 4.98 4.55
CA LEU A 53 -8.09 4.90 5.55
C LEU A 53 -8.97 6.17 5.50
N GLY A 54 -10.20 5.99 5.04
CA GLY A 54 -11.19 7.06 4.96
C GLY A 54 -11.25 7.72 3.59
N ASN A 55 -10.08 7.79 2.90
CA ASN A 55 -9.98 8.43 1.57
C ASN A 55 -10.56 7.49 0.51
N ILE A 56 -9.95 6.30 0.38
CA ILE A 56 -10.37 5.30 -0.61
C ILE A 56 -11.64 4.60 -0.07
N PRO A 57 -12.81 4.73 -0.77
CA PRO A 57 -14.08 4.13 -0.28
C PRO A 57 -14.12 2.61 -0.49
N GLU A 58 -13.10 2.07 -1.17
CA GLU A 58 -12.96 0.63 -1.44
C GLU A 58 -12.01 -0.02 -0.43
N LEU A 59 -11.31 0.81 0.37
CA LEU A 59 -10.31 0.34 1.35
C LEU A 59 -11.07 -0.16 2.60
N ASP A 60 -11.53 -1.41 2.51
CA ASP A 60 -12.23 -2.15 3.59
C ASP A 60 -11.25 -3.14 4.26
N SER A 61 -11.72 -3.78 5.34
CA SER A 61 -11.09 -4.97 5.97
C SER A 61 -10.59 -6.00 4.92
N MET A 62 -11.51 -6.54 4.11
CA MET A 62 -11.16 -7.57 3.11
C MET A 62 -10.15 -7.03 2.09
N ALA A 63 -10.26 -5.71 1.82
CA ALA A 63 -9.37 -4.98 0.94
C ALA A 63 -7.95 -4.85 1.52
N VAL A 64 -7.79 -4.81 2.88
CA VAL A 64 -6.44 -4.79 3.50
C VAL A 64 -5.75 -6.14 3.24
N VAL A 65 -6.55 -7.23 3.29
CA VAL A 65 -6.00 -8.60 3.07
C VAL A 65 -5.53 -8.74 1.62
N ASN A 66 -6.38 -8.24 0.71
CA ASN A 66 -6.15 -8.25 -0.74
C ASN A 66 -4.87 -7.49 -1.13
N VAL A 67 -4.71 -6.26 -0.62
CA VAL A 67 -3.58 -5.40 -0.97
C VAL A 67 -2.28 -5.94 -0.40
N ILE A 68 -2.30 -6.47 0.85
CA ILE A 68 -1.09 -7.07 1.49
C ILE A 68 -0.58 -8.24 0.65
N THR A 69 -1.51 -9.11 0.23
CA THR A 69 -1.22 -10.23 -0.68
C THR A 69 -0.59 -9.73 -1.99
N ALA A 70 -1.16 -8.63 -2.52
CA ALA A 70 -0.68 -8.00 -3.77
C ALA A 70 0.69 -7.31 -3.58
N LEU A 71 1.01 -6.85 -2.35
CA LEU A 71 2.35 -6.33 -1.99
C LEU A 71 3.38 -7.47 -2.17
N GLU A 72 3.03 -8.65 -1.61
CA GLU A 72 3.83 -9.88 -1.69
C GLU A 72 4.08 -10.28 -3.17
N GLU A 73 3.02 -10.16 -4.00
CA GLU A 73 3.06 -10.50 -5.45
C GLU A 73 4.10 -9.64 -6.20
N TYR A 74 3.85 -8.31 -6.24
CA TYR A 74 4.63 -7.37 -7.06
C TYR A 74 6.09 -7.24 -6.60
N PHE A 75 6.29 -7.09 -5.29
CA PHE A 75 7.64 -6.89 -4.70
C PHE A 75 8.40 -8.21 -4.48
N ASP A 76 7.64 -9.34 -4.39
CA ASP A 76 8.20 -10.71 -4.25
C ASP A 76 8.90 -10.87 -2.88
N PHE A 77 8.13 -10.65 -1.80
CA PHE A 77 8.61 -10.79 -0.42
C PHE A 77 7.52 -11.41 0.46
N SER A 78 7.86 -11.61 1.75
CA SER A 78 6.89 -12.01 2.78
C SER A 78 6.96 -11.02 3.94
N VAL A 79 5.85 -10.31 4.13
CA VAL A 79 5.69 -9.28 5.14
C VAL A 79 5.57 -9.91 6.54
N ASP A 80 6.11 -9.21 7.54
CA ASP A 80 5.96 -9.62 8.95
C ASP A 80 4.66 -9.04 9.51
N ASP A 81 3.96 -9.80 10.36
CA ASP A 81 2.65 -9.41 10.92
C ASP A 81 2.78 -8.24 11.94
N ASP A 82 3.86 -8.25 12.75
CA ASP A 82 4.02 -7.33 13.92
C ASP A 82 4.25 -5.86 13.50
N GLU A 83 4.61 -5.64 12.23
CA GLU A 83 4.88 -4.27 11.70
C GLU A 83 3.56 -3.64 11.21
N ILE A 84 2.66 -4.47 10.67
CA ILE A 84 1.40 -4.02 10.07
C ILE A 84 0.38 -3.70 11.16
N SER A 85 -0.21 -2.51 11.07
CA SER A 85 -1.33 -2.06 11.91
C SER A 85 -2.28 -1.23 11.02
N ALA A 86 -3.36 -0.68 11.61
CA ALA A 86 -4.21 0.31 10.92
C ALA A 86 -3.39 1.60 10.70
N GLN A 87 -2.40 1.82 11.59
CA GLN A 87 -1.42 2.92 11.51
C GLN A 87 -0.50 2.77 10.26
N THR A 88 -0.53 1.59 9.63
CA THR A 88 0.12 1.38 8.32
C THR A 88 -0.74 2.01 7.22
N PHE A 89 -2.04 1.68 7.22
CA PHE A 89 -2.96 2.04 6.11
C PHE A 89 -3.52 3.46 6.23
N GLU A 90 -3.01 4.26 7.18
CA GLU A 90 -3.37 5.68 7.30
C GLU A 90 -3.02 6.47 6.01
N THR A 91 -1.82 6.19 5.44
CA THR A 91 -1.34 6.88 4.24
C THR A 91 -0.40 5.99 3.40
N LEU A 92 -0.21 6.41 2.13
CA LEU A 92 0.65 5.73 1.14
C LEU A 92 2.11 5.70 1.63
N GLY A 93 2.52 6.81 2.27
CA GLY A 93 3.89 6.99 2.74
C GLY A 93 4.28 5.96 3.79
N SER A 94 3.30 5.54 4.61
CA SER A 94 3.50 4.51 5.64
C SER A 94 3.73 3.13 4.98
N LEU A 95 2.81 2.71 4.05
CA LEU A 95 2.97 1.44 3.26
C LEU A 95 4.36 1.40 2.59
N ALA A 96 4.71 2.53 1.97
CA ALA A 96 5.95 2.70 1.22
C ALA A 96 7.16 2.59 2.14
N LEU A 97 7.06 3.14 3.36
CA LEU A 97 8.12 3.10 4.38
C LEU A 97 8.40 1.63 4.79
N PHE A 98 7.31 0.87 5.06
CA PHE A 98 7.39 -0.53 5.47
C PHE A 98 8.05 -1.39 4.38
N VAL A 99 7.66 -1.18 3.11
CA VAL A 99 8.28 -1.92 1.97
C VAL A 99 9.71 -1.45 1.68
N GLU A 100 10.09 -0.18 2.06
CA GLU A 100 11.52 0.23 2.05
C GLU A 100 12.30 -0.76 2.93
N HIS A 101 11.79 -0.97 4.17
CA HIS A 101 12.37 -1.90 5.16
C HIS A 101 12.52 -3.32 4.58
N LYS A 102 11.45 -3.84 3.97
CA LYS A 102 11.39 -5.25 3.54
C LYS A 102 12.35 -5.55 2.37
N LEU A 103 12.39 -4.65 1.40
CA LEU A 103 13.18 -4.83 0.16
C LEU A 103 14.65 -4.41 0.37
N SER A 104 14.95 -3.69 1.47
CA SER A 104 16.32 -3.22 1.79
C SER A 104 16.94 -3.98 2.99
N HIS A 105 16.12 -4.77 3.71
CA HIS A 105 16.57 -5.60 4.85
C HIS A 105 15.98 -7.01 4.69
N MET A 23 9.97 9.08 -1.53
CA MET A 23 10.20 7.65 -1.30
C MET A 23 9.91 6.91 -2.62
N GLN A 24 10.95 6.33 -3.26
CA GLN A 24 10.88 5.84 -4.65
C GLN A 24 9.83 4.74 -4.86
N HIS A 25 9.67 3.87 -3.85
CA HIS A 25 8.78 2.71 -3.92
C HIS A 25 7.29 3.10 -3.86
N LEU A 26 6.98 4.38 -3.50
CA LEU A 26 5.58 4.89 -3.44
C LEU A 26 4.85 4.65 -4.77
N GLU A 27 5.64 4.68 -5.87
CA GLU A 27 5.16 4.51 -7.25
C GLU A 27 4.58 3.10 -7.45
N ALA A 28 5.39 2.08 -7.08
CA ALA A 28 5.01 0.67 -7.22
C ALA A 28 3.87 0.30 -6.26
N VAL A 29 3.88 0.91 -5.06
CA VAL A 29 2.86 0.65 -4.04
C VAL A 29 1.49 1.15 -4.53
N ARG A 30 1.42 2.42 -4.97
CA ARG A 30 0.17 3.07 -5.41
C ARG A 30 -0.34 2.43 -6.70
N ASN A 31 0.60 1.90 -7.49
CA ASN A 31 0.30 1.12 -8.69
C ASN A 31 -0.53 -0.12 -8.32
N ILE A 32 -0.04 -0.84 -7.29
CA ILE A 32 -0.72 -2.04 -6.74
C ILE A 32 -2.09 -1.68 -6.15
N LEU A 33 -2.14 -0.61 -5.33
CA LEU A 33 -3.37 -0.17 -4.64
C LEU A 33 -4.48 0.19 -5.64
N GLY A 34 -4.08 0.89 -6.71
CA GLY A 34 -4.99 1.25 -7.79
C GLY A 34 -5.28 0.10 -8.74
N ASP A 35 -4.42 -0.93 -8.73
CA ASP A 35 -4.65 -2.16 -9.51
C ASP A 35 -5.72 -3.02 -8.82
N VAL A 36 -5.61 -3.14 -7.48
CA VAL A 36 -6.52 -3.96 -6.66
C VAL A 36 -7.89 -3.26 -6.60
N LEU A 37 -7.87 -2.04 -6.05
CA LEU A 37 -9.09 -1.28 -5.71
C LEU A 37 -9.66 -0.54 -6.94
N ASN A 38 -8.94 -0.62 -8.08
CA ASN A 38 -9.40 -0.14 -9.41
C ASN A 38 -9.54 1.40 -9.45
N LEU A 39 -8.43 2.11 -9.11
CA LEU A 39 -8.37 3.60 -9.13
C LEU A 39 -8.05 4.11 -10.55
N GLY A 40 -7.31 3.30 -11.33
CA GLY A 40 -6.97 3.62 -12.71
C GLY A 40 -5.86 4.65 -12.81
N GLU A 41 -6.24 5.92 -13.04
CA GLU A 41 -5.30 7.06 -13.14
C GLU A 41 -5.18 7.77 -11.77
N ARG A 42 -6.23 7.58 -10.92
CA ARG A 42 -6.35 8.24 -9.60
C ARG A 42 -5.20 7.79 -8.66
N LYS A 43 -4.74 6.54 -8.87
CA LYS A 43 -3.65 5.95 -8.07
C LYS A 43 -2.32 6.72 -8.25
N HIS A 44 -2.10 7.26 -9.46
CA HIS A 44 -0.82 7.89 -9.84
C HIS A 44 -0.80 9.38 -9.47
N THR A 45 -1.99 9.98 -9.25
CA THR A 45 -2.12 11.42 -8.90
C THR A 45 -2.19 11.62 -7.37
N LEU A 46 -2.16 10.51 -6.61
CA LEU A 46 -2.08 10.57 -5.13
C LEU A 46 -0.62 10.36 -4.69
N THR A 47 -0.23 11.00 -3.58
CA THR A 47 1.17 11.08 -3.12
C THR A 47 1.35 10.41 -1.75
N ALA A 48 2.54 10.57 -1.15
CA ALA A 48 2.87 10.01 0.18
C ALA A 48 1.99 10.62 1.29
N SER A 49 1.44 11.83 1.05
CA SER A 49 0.61 12.56 2.03
C SER A 49 -0.88 12.17 1.90
N SER A 50 -1.28 11.56 0.77
CA SER A 50 -2.69 11.17 0.52
C SER A 50 -3.02 9.89 1.31
N VAL A 51 -4.12 9.97 2.07
CA VAL A 51 -4.54 8.94 3.02
C VAL A 51 -5.29 7.81 2.29
N LEU A 52 -5.08 6.56 2.73
CA LEU A 52 -5.71 5.38 2.13
C LEU A 52 -6.87 4.91 3.01
N LEU A 53 -6.53 4.41 4.21
CA LEU A 53 -7.50 3.85 5.18
C LEU A 53 -8.58 4.87 5.55
N GLY A 54 -9.84 4.56 5.18
CA GLY A 54 -11.01 5.40 5.48
C GLY A 54 -11.24 6.54 4.48
N ASN A 55 -10.17 6.93 3.77
CA ASN A 55 -10.20 8.07 2.82
C ASN A 55 -10.59 7.58 1.42
N ILE A 56 -9.94 6.49 0.97
CA ILE A 56 -10.32 5.81 -0.28
C ILE A 56 -11.61 5.01 -0.02
N PRO A 57 -12.72 5.27 -0.79
CA PRO A 57 -14.02 4.59 -0.56
C PRO A 57 -14.01 3.09 -0.92
N GLU A 58 -12.92 2.62 -1.54
CA GLU A 58 -12.69 1.20 -1.82
C GLU A 58 -11.94 0.52 -0.66
N LEU A 59 -11.11 1.30 0.06
CA LEU A 59 -10.32 0.78 1.19
C LEU A 59 -11.26 0.55 2.39
N ASP A 60 -11.75 -0.69 2.51
CA ASP A 60 -12.52 -1.19 3.66
C ASP A 60 -11.80 -2.48 4.18
N SER A 61 -12.48 -3.28 5.04
CA SER A 61 -11.97 -4.54 5.64
C SER A 61 -11.20 -5.45 4.65
N MET A 62 -11.92 -6.03 3.69
CA MET A 62 -11.37 -7.04 2.80
C MET A 62 -10.38 -6.43 1.81
N ALA A 63 -10.55 -5.11 1.56
CA ALA A 63 -9.60 -4.32 0.77
C ALA A 63 -8.21 -4.31 1.41
N VAL A 64 -8.13 -4.17 2.77
CA VAL A 64 -6.83 -4.18 3.48
C VAL A 64 -6.14 -5.54 3.29
N VAL A 65 -6.95 -6.62 3.40
CA VAL A 65 -6.42 -8.01 3.32
C VAL A 65 -5.82 -8.28 1.93
N ASN A 66 -6.60 -7.85 0.91
CA ASN A 66 -6.23 -7.95 -0.52
C ASN A 66 -4.92 -7.22 -0.85
N VAL A 67 -4.78 -5.98 -0.36
CA VAL A 67 -3.62 -5.13 -0.68
C VAL A 67 -2.36 -5.56 0.11
N ILE A 68 -2.53 -6.20 1.29
CA ILE A 68 -1.40 -6.80 2.02
C ILE A 68 -0.79 -7.90 1.13
N THR A 69 -1.68 -8.85 0.74
CA THR A 69 -1.32 -10.01 -0.10
C THR A 69 -0.64 -9.55 -1.41
N ALA A 70 -1.27 -8.55 -2.05
CA ALA A 70 -0.83 -8.00 -3.34
C ALA A 70 0.57 -7.34 -3.23
N LEU A 71 0.79 -6.53 -2.17
CA LEU A 71 2.12 -5.91 -1.89
C LEU A 71 3.21 -7.00 -1.81
N GLU A 72 2.88 -8.11 -1.13
CA GLU A 72 3.77 -9.29 -0.99
C GLU A 72 4.09 -9.93 -2.35
N GLU A 73 3.06 -10.11 -3.19
CA GLU A 73 3.19 -10.78 -4.51
C GLU A 73 4.12 -9.99 -5.45
N TYR A 74 3.80 -8.70 -5.66
CA TYR A 74 4.52 -7.84 -6.63
C TYR A 74 5.96 -7.53 -6.19
N PHE A 75 6.17 -7.23 -4.89
CA PHE A 75 7.51 -6.92 -4.34
C PHE A 75 8.34 -8.19 -4.02
N ASP A 76 7.65 -9.36 -4.03
CA ASP A 76 8.28 -10.69 -3.86
C ASP A 76 8.85 -10.88 -2.44
N PHE A 77 8.14 -10.34 -1.45
CA PHE A 77 8.51 -10.47 -0.02
C PHE A 77 7.33 -11.06 0.76
N SER A 78 7.44 -11.03 2.09
CA SER A 78 6.30 -11.29 2.98
C SER A 78 6.24 -10.22 4.07
N VAL A 79 5.14 -9.44 4.09
CA VAL A 79 4.88 -8.45 5.15
C VAL A 79 4.54 -9.24 6.43
N ASP A 80 5.43 -9.11 7.43
CA ASP A 80 5.36 -9.89 8.68
C ASP A 80 4.17 -9.42 9.55
N ASP A 81 3.56 -10.34 10.34
CA ASP A 81 2.37 -10.05 11.16
C ASP A 81 2.60 -8.88 12.15
N ASP A 82 3.78 -8.84 12.78
CA ASP A 82 4.11 -7.86 13.85
C ASP A 82 4.18 -6.41 13.31
N GLU A 83 4.50 -6.25 12.01
CA GLU A 83 4.67 -4.93 11.36
C GLU A 83 3.37 -4.51 10.64
N ILE A 84 2.36 -5.39 10.60
CA ILE A 84 1.03 -5.08 10.02
C ILE A 84 0.15 -4.36 11.07
N SER A 85 -0.05 -3.04 10.88
CA SER A 85 -0.99 -2.23 11.67
C SER A 85 -1.92 -1.46 10.71
N ALA A 86 -2.91 -0.78 11.29
CA ALA A 86 -3.74 0.20 10.56
C ALA A 86 -2.90 1.43 10.17
N GLN A 87 -1.89 1.75 11.03
CA GLN A 87 -0.92 2.83 10.79
C GLN A 87 0.00 2.50 9.60
N THR A 88 0.07 1.21 9.22
CA THR A 88 0.85 0.76 8.05
C THR A 88 0.12 1.17 6.76
N PHE A 89 -1.23 1.08 6.78
CA PHE A 89 -2.09 1.38 5.60
C PHE A 89 -2.85 2.70 5.76
N GLU A 90 -2.41 3.54 6.72
CA GLU A 90 -3.02 4.86 6.95
C GLU A 90 -2.82 5.78 5.72
N THR A 91 -1.61 5.77 5.14
CA THR A 91 -1.29 6.61 3.96
C THR A 91 -0.27 5.88 3.06
N LEU A 92 -0.12 6.41 1.82
CA LEU A 92 0.83 5.86 0.83
C LEU A 92 2.28 5.96 1.35
N GLY A 93 2.56 7.05 2.08
CA GLY A 93 3.89 7.29 2.67
C GLY A 93 4.30 6.21 3.66
N SER A 94 3.29 5.65 4.35
CA SER A 94 3.50 4.56 5.31
C SER A 94 3.92 3.27 4.60
N LEU A 95 3.15 2.84 3.56
CA LEU A 95 3.49 1.61 2.80
C LEU A 95 4.84 1.74 2.09
N ALA A 96 5.09 2.92 1.50
CA ALA A 96 6.35 3.24 0.84
C ALA A 96 7.52 3.06 1.81
N LEU A 97 7.36 3.60 3.03
CA LEU A 97 8.37 3.53 4.11
C LEU A 97 8.68 2.05 4.49
N PHE A 98 7.59 1.28 4.71
CA PHE A 98 7.65 -0.14 5.10
C PHE A 98 8.38 -0.98 4.03
N VAL A 99 7.96 -0.85 2.76
CA VAL A 99 8.49 -1.67 1.66
C VAL A 99 9.97 -1.32 1.35
N GLU A 100 10.38 -0.05 1.61
CA GLU A 100 11.81 0.34 1.56
C GLU A 100 12.60 -0.49 2.57
N HIS A 101 12.06 -0.57 3.80
CA HIS A 101 12.68 -1.34 4.90
C HIS A 101 12.73 -2.86 4.59
N LYS A 102 11.76 -3.34 3.79
CA LYS A 102 11.67 -4.76 3.42
C LYS A 102 12.78 -5.18 2.45
N LEU A 103 12.87 -4.48 1.32
CA LEU A 103 13.87 -4.81 0.27
C LEU A 103 15.30 -4.43 0.71
N SER A 104 15.42 -3.64 1.79
CA SER A 104 16.71 -3.38 2.43
C SER A 104 17.08 -4.54 3.39
N HIS A 105 16.12 -4.94 4.25
CA HIS A 105 16.33 -6.00 5.26
C HIS A 105 15.82 -7.36 4.71
N MET A 23 11.09 8.94 -1.65
CA MET A 23 10.90 7.48 -1.75
C MET A 23 10.85 7.05 -3.21
N GLN A 24 11.29 5.81 -3.46
CA GLN A 24 11.25 5.17 -4.79
C GLN A 24 10.06 4.19 -4.88
N HIS A 25 9.78 3.47 -3.78
CA HIS A 25 8.84 2.33 -3.77
C HIS A 25 7.37 2.78 -3.71
N LEU A 26 7.08 4.05 -3.32
CA LEU A 26 5.68 4.60 -3.31
C LEU A 26 4.99 4.40 -4.68
N GLU A 27 5.81 4.38 -5.75
CA GLU A 27 5.40 4.16 -7.14
C GLU A 27 4.67 2.81 -7.28
N ALA A 28 5.38 1.74 -6.86
CA ALA A 28 4.86 0.37 -6.95
C ALA A 28 3.72 0.12 -5.94
N VAL A 29 3.72 0.85 -4.81
CA VAL A 29 2.67 0.73 -3.78
C VAL A 29 1.32 1.27 -4.30
N ARG A 30 1.33 2.50 -4.86
CA ARG A 30 0.11 3.14 -5.41
C ARG A 30 -0.32 2.43 -6.69
N ASN A 31 0.65 1.78 -7.35
CA ASN A 31 0.37 0.88 -8.48
C ASN A 31 -0.52 -0.28 -8.02
N ILE A 32 -0.12 -0.92 -6.88
CA ILE A 32 -0.85 -2.06 -6.29
C ILE A 32 -2.29 -1.68 -5.89
N LEU A 33 -2.45 -0.66 -5.04
CA LEU A 33 -3.78 -0.26 -4.53
C LEU A 33 -4.67 0.24 -5.68
N GLY A 34 -4.05 0.93 -6.66
CA GLY A 34 -4.74 1.36 -7.86
C GLY A 34 -5.19 0.20 -8.74
N ASP A 35 -4.38 -0.87 -8.77
CA ASP A 35 -4.64 -2.06 -9.59
C ASP A 35 -5.80 -2.87 -9.00
N VAL A 36 -5.70 -3.16 -7.70
CA VAL A 36 -6.64 -4.03 -6.96
C VAL A 36 -8.02 -3.37 -6.87
N LEU A 37 -8.06 -2.12 -6.38
CA LEU A 37 -9.34 -1.41 -6.12
C LEU A 37 -9.85 -0.64 -7.36
N ASN A 38 -9.04 -0.61 -8.45
CA ASN A 38 -9.44 -0.01 -9.75
C ASN A 38 -9.65 1.52 -9.63
N LEU A 39 -8.60 2.20 -9.14
CA LEU A 39 -8.59 3.68 -8.98
C LEU A 39 -8.55 4.38 -10.36
N GLY A 40 -7.89 3.71 -11.32
CA GLY A 40 -7.73 4.22 -12.67
C GLY A 40 -6.72 5.36 -12.71
N GLU A 41 -7.22 6.60 -12.71
CA GLU A 41 -6.39 7.83 -12.73
C GLU A 41 -6.28 8.43 -11.31
N ARG A 42 -7.10 7.95 -10.37
CA ARG A 42 -7.11 8.48 -8.98
C ARG A 42 -5.83 8.02 -8.24
N LYS A 43 -5.30 6.85 -8.62
CA LYS A 43 -4.00 6.34 -8.08
C LYS A 43 -2.81 7.19 -8.57
N HIS A 44 -3.05 8.08 -9.55
CA HIS A 44 -2.03 8.99 -10.08
C HIS A 44 -2.01 10.31 -9.28
N THR A 45 -3.20 10.78 -8.85
CA THR A 45 -3.35 12.10 -8.20
C THR A 45 -2.90 12.06 -6.73
N LEU A 46 -2.87 10.84 -6.15
CA LEU A 46 -2.41 10.61 -4.78
C LEU A 46 -0.88 10.40 -4.77
N THR A 47 -0.24 10.86 -3.69
CA THR A 47 1.22 10.80 -3.50
C THR A 47 1.55 10.04 -2.20
N ALA A 48 2.83 10.08 -1.75
CA ALA A 48 3.22 9.51 -0.44
C ALA A 48 2.50 10.22 0.71
N SER A 49 2.22 11.53 0.53
CA SER A 49 1.58 12.38 1.55
C SER A 49 0.03 12.21 1.57
N SER A 50 -0.50 11.30 0.74
CA SER A 50 -1.95 11.05 0.61
C SER A 50 -2.39 9.88 1.50
N VAL A 51 -3.61 9.98 2.05
CA VAL A 51 -4.20 8.97 2.95
C VAL A 51 -4.72 7.78 2.12
N LEU A 52 -4.85 6.59 2.73
CA LEU A 52 -5.38 5.38 2.05
C LEU A 52 -6.65 4.88 2.75
N LEU A 53 -6.50 4.46 4.03
CA LEU A 53 -7.63 4.10 4.91
C LEU A 53 -8.64 5.27 5.01
N GLY A 54 -9.84 5.06 4.43
CA GLY A 54 -10.94 6.04 4.47
C GLY A 54 -10.95 6.96 3.25
N ASN A 55 -9.75 7.28 2.71
CA ASN A 55 -9.61 8.19 1.54
C ASN A 55 -10.09 7.49 0.27
N ILE A 56 -9.75 6.21 0.15
CA ILE A 56 -10.23 5.36 -0.95
C ILE A 56 -11.55 4.69 -0.49
N PRO A 57 -12.70 4.94 -1.20
CA PRO A 57 -14.01 4.34 -0.83
C PRO A 57 -14.07 2.82 -1.07
N GLU A 58 -13.07 2.28 -1.81
CA GLU A 58 -12.99 0.84 -2.09
C GLU A 58 -12.10 0.12 -1.06
N LEU A 59 -11.20 0.88 -0.40
CA LEU A 59 -10.23 0.33 0.57
C LEU A 59 -10.96 0.13 1.92
N ASP A 60 -11.66 -1.01 2.02
CA ASP A 60 -12.44 -1.44 3.21
C ASP A 60 -11.81 -2.73 3.78
N SER A 61 -12.59 -3.57 4.52
CA SER A 61 -12.09 -4.72 5.31
C SER A 61 -11.23 -5.73 4.50
N MET A 62 -11.87 -6.49 3.62
CA MET A 62 -11.17 -7.48 2.77
C MET A 62 -10.18 -6.80 1.80
N ALA A 63 -10.43 -5.52 1.50
CA ALA A 63 -9.58 -4.72 0.61
C ALA A 63 -8.20 -4.45 1.23
N VAL A 64 -8.15 -4.21 2.57
CA VAL A 64 -6.85 -4.04 3.29
C VAL A 64 -6.06 -5.34 3.19
N VAL A 65 -6.78 -6.48 3.32
CA VAL A 65 -6.15 -7.81 3.32
C VAL A 65 -5.62 -8.17 1.91
N ASN A 66 -6.44 -7.81 0.91
CA ASN A 66 -6.15 -8.07 -0.53
C ASN A 66 -4.90 -7.31 -1.01
N VAL A 67 -4.75 -6.05 -0.57
CA VAL A 67 -3.59 -5.23 -0.96
C VAL A 67 -2.33 -5.67 -0.21
N ILE A 68 -2.46 -6.15 1.06
CA ILE A 68 -1.32 -6.73 1.80
C ILE A 68 -0.76 -7.95 1.03
N THR A 69 -1.71 -8.82 0.59
CA THR A 69 -1.40 -10.03 -0.19
C THR A 69 -0.70 -9.64 -1.50
N ALA A 70 -1.20 -8.59 -2.16
CA ALA A 70 -0.65 -8.05 -3.39
C ALA A 70 0.76 -7.44 -3.17
N LEU A 71 1.02 -6.87 -1.97
CA LEU A 71 2.38 -6.38 -1.59
C LEU A 71 3.38 -7.57 -1.62
N GLU A 72 2.94 -8.71 -1.03
CA GLU A 72 3.70 -9.96 -0.98
C GLU A 72 4.07 -10.44 -2.41
N GLU A 73 3.04 -10.47 -3.28
CA GLU A 73 3.16 -11.01 -4.66
C GLU A 73 4.09 -10.14 -5.54
N TYR A 74 3.81 -8.82 -5.59
CA TYR A 74 4.55 -7.85 -6.42
C TYR A 74 6.04 -7.77 -6.03
N PHE A 75 6.30 -7.38 -4.77
CA PHE A 75 7.68 -7.14 -4.29
C PHE A 75 8.40 -8.47 -3.98
N ASP A 76 7.61 -9.55 -3.82
CA ASP A 76 8.11 -10.92 -3.58
C ASP A 76 8.82 -10.98 -2.20
N PHE A 77 8.01 -10.72 -1.15
CA PHE A 77 8.45 -10.81 0.25
C PHE A 77 7.29 -11.27 1.16
N SER A 78 7.47 -11.12 2.47
CA SER A 78 6.40 -11.26 3.46
C SER A 78 6.44 -10.08 4.45
N VAL A 79 5.41 -9.21 4.41
CA VAL A 79 5.15 -8.21 5.44
C VAL A 79 4.62 -8.96 6.68
N ASP A 80 5.48 -9.03 7.70
CA ASP A 80 5.25 -9.84 8.92
C ASP A 80 3.99 -9.34 9.69
N ASP A 81 3.29 -10.26 10.38
CA ASP A 81 2.02 -9.94 11.07
C ASP A 81 2.21 -8.85 12.17
N ASP A 82 3.40 -8.85 12.81
CA ASP A 82 3.74 -7.91 13.92
C ASP A 82 3.92 -6.47 13.39
N GLU A 83 4.32 -6.32 12.12
CA GLU A 83 4.54 -4.98 11.52
C GLU A 83 3.27 -4.46 10.80
N ILE A 84 2.26 -5.36 10.60
CA ILE A 84 0.96 -4.98 10.03
C ILE A 84 0.03 -4.46 11.15
N SER A 85 -0.19 -3.14 11.15
CA SER A 85 -1.18 -2.47 12.01
C SER A 85 -2.04 -1.55 11.13
N ALA A 86 -3.01 -0.84 11.75
CA ALA A 86 -3.83 0.17 11.05
C ALA A 86 -2.94 1.35 10.58
N GLN A 87 -1.92 1.65 11.41
CA GLN A 87 -0.95 2.74 11.15
C GLN A 87 -0.04 2.43 9.94
N THR A 88 -0.04 1.17 9.45
CA THR A 88 0.72 0.76 8.26
C THR A 88 0.09 1.37 6.99
N PHE A 89 -1.27 1.40 6.90
CA PHE A 89 -2.01 1.91 5.71
C PHE A 89 -2.67 3.27 5.95
N GLU A 90 -2.25 4.01 7.00
CA GLU A 90 -2.79 5.36 7.29
C GLU A 90 -2.49 6.32 6.11
N THR A 91 -1.28 6.17 5.51
CA THR A 91 -0.87 6.94 4.33
C THR A 91 0.04 6.09 3.42
N LEU A 92 0.14 6.50 2.14
CA LEU A 92 0.96 5.82 1.13
C LEU A 92 2.45 5.87 1.51
N GLY A 93 2.82 6.94 2.23
CA GLY A 93 4.16 7.14 2.74
C GLY A 93 4.54 6.09 3.75
N SER A 94 3.58 5.69 4.61
CA SER A 94 3.79 4.63 5.62
C SER A 94 4.20 3.33 4.91
N LEU A 95 3.40 2.91 3.89
CA LEU A 95 3.72 1.71 3.08
C LEU A 95 5.08 1.84 2.41
N ALA A 96 5.34 3.02 1.82
CA ALA A 96 6.57 3.29 1.09
C ALA A 96 7.78 3.03 1.98
N LEU A 97 7.73 3.52 3.25
CA LEU A 97 8.82 3.34 4.25
C LEU A 97 8.98 1.86 4.64
N PHE A 98 7.84 1.15 4.89
CA PHE A 98 7.85 -0.29 5.22
C PHE A 98 8.61 -1.06 4.12
N VAL A 99 8.17 -0.89 2.87
CA VAL A 99 8.67 -1.63 1.70
C VAL A 99 10.07 -1.14 1.27
N GLU A 100 10.44 0.13 1.60
CA GLU A 100 11.84 0.61 1.46
C GLU A 100 12.74 -0.33 2.26
N HIS A 101 12.37 -0.47 3.55
CA HIS A 101 13.18 -1.17 4.56
C HIS A 101 13.23 -2.69 4.29
N LYS A 102 12.13 -3.25 3.73
CA LYS A 102 12.03 -4.70 3.39
C LYS A 102 13.16 -5.11 2.44
N LEU A 103 13.25 -4.40 1.30
CA LEU A 103 14.23 -4.68 0.23
C LEU A 103 15.63 -4.10 0.57
N SER A 104 15.70 -3.21 1.57
CA SER A 104 16.99 -2.72 2.12
C SER A 104 17.67 -3.83 2.94
N HIS A 105 16.85 -4.70 3.57
CA HIS A 105 17.34 -5.83 4.38
C HIS A 105 17.90 -6.92 3.44
N MET A 23 11.37 8.34 -1.00
CA MET A 23 11.08 6.89 -1.14
C MET A 23 11.06 6.48 -2.60
N GLN A 24 11.42 5.22 -2.86
CA GLN A 24 11.43 4.64 -4.21
C GLN A 24 10.10 3.94 -4.45
N HIS A 25 9.80 3.04 -3.49
CA HIS A 25 8.79 2.02 -3.63
C HIS A 25 7.36 2.58 -3.61
N LEU A 26 7.15 3.83 -3.12
CA LEU A 26 5.79 4.45 -3.02
C LEU A 26 4.99 4.36 -4.34
N GLU A 27 5.69 4.44 -5.49
CA GLU A 27 5.05 4.45 -6.81
C GLU A 27 4.51 3.06 -7.16
N ALA A 28 5.30 2.03 -6.86
CA ALA A 28 4.90 0.62 -7.03
C ALA A 28 3.75 0.25 -6.09
N VAL A 29 3.75 0.85 -4.88
CA VAL A 29 2.71 0.63 -3.87
C VAL A 29 1.37 1.20 -4.37
N ARG A 30 1.37 2.48 -4.83
CA ARG A 30 0.14 3.16 -5.31
C ARG A 30 -0.35 2.55 -6.63
N ASN A 31 0.60 1.96 -7.39
CA ASN A 31 0.32 1.22 -8.62
C ASN A 31 -0.58 0.02 -8.32
N ILE A 32 -0.15 -0.76 -7.30
CA ILE A 32 -0.88 -1.94 -6.83
C ILE A 32 -2.25 -1.53 -6.24
N LEU A 33 -2.24 -0.54 -5.34
CA LEU A 33 -3.46 -0.06 -4.64
C LEU A 33 -4.52 0.44 -5.64
N GLY A 34 -4.07 1.13 -6.70
CA GLY A 34 -4.96 1.62 -7.72
C GLY A 34 -5.50 0.52 -8.62
N ASP A 35 -4.73 -0.57 -8.78
CA ASP A 35 -5.18 -1.74 -9.55
C ASP A 35 -6.21 -2.56 -8.74
N VAL A 36 -5.99 -2.69 -7.42
CA VAL A 36 -6.85 -3.51 -6.53
C VAL A 36 -8.18 -2.77 -6.25
N LEU A 37 -8.06 -1.52 -5.76
CA LEU A 37 -9.24 -0.70 -5.37
C LEU A 37 -9.86 0.05 -6.58
N ASN A 38 -9.28 -0.16 -7.78
CA ASN A 38 -9.87 0.31 -9.06
C ASN A 38 -9.88 1.87 -9.14
N LEU A 39 -8.74 2.48 -8.77
CA LEU A 39 -8.50 3.93 -8.94
C LEU A 39 -8.17 4.25 -10.40
N GLY A 40 -7.46 3.31 -11.07
CA GLY A 40 -7.05 3.47 -12.46
C GLY A 40 -6.00 4.56 -12.66
N GLU A 41 -6.47 5.79 -12.93
CA GLU A 41 -5.62 6.97 -13.17
C GLU A 41 -5.37 7.73 -11.85
N ARG A 42 -6.35 7.65 -10.92
CA ARG A 42 -6.35 8.43 -9.66
C ARG A 42 -5.19 8.01 -8.73
N LYS A 43 -4.70 6.77 -8.91
CA LYS A 43 -3.57 6.24 -8.12
C LYS A 43 -2.26 7.00 -8.41
N HIS A 44 -2.16 7.58 -9.62
CA HIS A 44 -0.94 8.27 -10.08
C HIS A 44 -1.00 9.76 -9.74
N THR A 45 -2.23 10.31 -9.56
CA THR A 45 -2.42 11.74 -9.22
C THR A 45 -2.34 11.97 -7.69
N LEU A 46 -2.15 10.88 -6.93
CA LEU A 46 -1.90 10.96 -5.47
C LEU A 46 -0.40 10.74 -5.19
N THR A 47 0.06 11.25 -4.03
CA THR A 47 1.47 11.25 -3.62
C THR A 47 1.63 10.50 -2.27
N ALA A 48 2.84 10.54 -1.68
CA ALA A 48 3.14 9.86 -0.41
C ALA A 48 2.24 10.30 0.75
N SER A 49 1.95 11.60 0.82
CA SER A 49 1.12 12.19 1.89
C SER A 49 -0.39 11.88 1.69
N SER A 50 -0.76 11.22 0.58
CA SER A 50 -2.14 10.79 0.30
C SER A 50 -2.57 9.70 1.29
N VAL A 51 -3.80 9.83 1.79
CA VAL A 51 -4.38 8.92 2.78
C VAL A 51 -5.03 7.71 2.08
N LEU A 52 -5.06 6.54 2.76
CA LEU A 52 -5.76 5.34 2.23
C LEU A 52 -7.02 5.08 3.08
N LEU A 53 -6.81 4.70 4.37
CA LEU A 53 -7.88 4.53 5.36
C LEU A 53 -8.76 5.80 5.47
N GLY A 54 -10.07 5.64 5.22
CA GLY A 54 -11.03 6.74 5.25
C GLY A 54 -11.14 7.51 3.94
N ASN A 55 -10.05 7.55 3.14
CA ASN A 55 -10.02 8.27 1.85
C ASN A 55 -10.74 7.46 0.78
N ILE A 56 -10.15 6.29 0.43
CA ILE A 56 -10.64 5.44 -0.65
C ILE A 56 -11.89 4.66 -0.16
N PRO A 57 -13.08 4.85 -0.80
CA PRO A 57 -14.33 4.20 -0.34
C PRO A 57 -14.31 2.68 -0.58
N GLU A 58 -13.37 2.23 -1.42
CA GLU A 58 -13.22 0.82 -1.82
C GLU A 58 -12.32 0.08 -0.81
N LEU A 59 -11.39 0.84 -0.22
CA LEU A 59 -10.47 0.33 0.80
C LEU A 59 -11.27 0.13 2.10
N ASP A 60 -11.64 -1.11 2.38
CA ASP A 60 -12.27 -1.53 3.66
C ASP A 60 -11.52 -2.81 4.14
N SER A 61 -12.15 -3.65 4.98
CA SER A 61 -11.45 -4.74 5.68
C SER A 61 -10.94 -5.87 4.75
N MET A 62 -11.82 -6.46 3.93
CA MET A 62 -11.38 -7.52 2.97
C MET A 62 -10.35 -6.96 1.96
N ALA A 63 -10.46 -5.65 1.71
CA ALA A 63 -9.53 -4.91 0.86
C ALA A 63 -8.13 -4.81 1.49
N VAL A 64 -8.03 -4.71 2.85
CA VAL A 64 -6.71 -4.71 3.53
C VAL A 64 -6.02 -6.06 3.30
N VAL A 65 -6.82 -7.15 3.32
CA VAL A 65 -6.27 -8.53 3.13
C VAL A 65 -5.69 -8.67 1.72
N ASN A 66 -6.50 -8.22 0.74
CA ASN A 66 -6.18 -8.27 -0.69
C ASN A 66 -4.91 -7.49 -1.05
N VAL A 67 -4.78 -6.27 -0.53
CA VAL A 67 -3.65 -5.40 -0.86
C VAL A 67 -2.35 -5.90 -0.24
N ILE A 68 -2.41 -6.54 0.95
CA ILE A 68 -1.21 -7.18 1.55
C ILE A 68 -0.73 -8.31 0.64
N THR A 69 -1.67 -9.20 0.25
CA THR A 69 -1.40 -10.33 -0.66
C THR A 69 -0.70 -9.84 -1.95
N ALA A 70 -1.26 -8.77 -2.54
CA ALA A 70 -0.77 -8.18 -3.79
C ALA A 70 0.65 -7.60 -3.63
N LEU A 71 0.88 -6.84 -2.53
CA LEU A 71 2.21 -6.26 -2.20
C LEU A 71 3.29 -7.37 -2.12
N GLU A 72 2.92 -8.49 -1.45
CA GLU A 72 3.80 -9.66 -1.28
C GLU A 72 4.13 -10.33 -2.63
N GLU A 73 3.13 -10.41 -3.53
CA GLU A 73 3.29 -11.05 -4.86
C GLU A 73 4.27 -10.27 -5.77
N TYR A 74 4.04 -8.95 -5.92
CA TYR A 74 4.85 -8.09 -6.82
C TYR A 74 6.27 -7.86 -6.27
N PHE A 75 6.36 -7.46 -4.98
CA PHE A 75 7.65 -7.15 -4.33
C PHE A 75 8.44 -8.43 -3.97
N ASP A 76 7.73 -9.59 -3.96
CA ASP A 76 8.32 -10.93 -3.74
C ASP A 76 8.90 -11.02 -2.32
N PHE A 77 8.10 -10.57 -1.35
CA PHE A 77 8.42 -10.65 0.09
C PHE A 77 7.22 -11.17 0.89
N SER A 78 7.32 -11.11 2.21
CA SER A 78 6.19 -11.29 3.11
C SER A 78 6.10 -10.09 4.05
N VAL A 79 4.99 -9.32 3.96
CA VAL A 79 4.71 -8.24 4.92
C VAL A 79 4.41 -8.91 6.28
N ASP A 80 5.34 -8.78 7.23
CA ASP A 80 5.33 -9.54 8.49
C ASP A 80 4.22 -9.02 9.45
N ASP A 81 3.59 -9.94 10.22
CA ASP A 81 2.45 -9.61 11.11
C ASP A 81 2.77 -8.48 12.10
N ASP A 82 4.02 -8.46 12.61
CA ASP A 82 4.45 -7.55 13.68
C ASP A 82 4.57 -6.09 13.18
N GLU A 83 4.73 -5.90 11.85
CA GLU A 83 4.80 -4.54 11.24
C GLU A 83 3.41 -4.10 10.76
N ILE A 84 2.49 -5.08 10.61
CA ILE A 84 1.12 -4.83 10.14
C ILE A 84 0.26 -4.30 11.30
N SER A 85 -0.10 -3.03 11.22
CA SER A 85 -1.16 -2.41 12.01
C SER A 85 -2.06 -1.64 11.04
N ALA A 86 -3.21 -1.15 11.50
CA ALA A 86 -4.08 -0.26 10.69
C ALA A 86 -3.32 1.04 10.37
N GLN A 87 -2.47 1.48 11.33
CA GLN A 87 -1.63 2.68 11.19
C GLN A 87 -0.58 2.53 10.06
N THR A 88 -0.29 1.28 9.64
CA THR A 88 0.57 0.99 8.48
C THR A 88 -0.07 1.53 7.18
N PHE A 89 -1.41 1.38 7.09
CA PHE A 89 -2.22 1.76 5.91
C PHE A 89 -2.85 3.16 6.06
N GLU A 90 -2.30 3.99 6.98
CA GLU A 90 -2.79 5.37 7.17
C GLU A 90 -2.61 6.19 5.87
N THR A 91 -1.39 6.15 5.30
CA THR A 91 -1.02 6.89 4.08
C THR A 91 -0.11 6.04 3.18
N LEU A 92 -0.01 6.44 1.90
CA LEU A 92 0.86 5.80 0.90
C LEU A 92 2.34 5.78 1.36
N GLY A 93 2.74 6.91 1.98
CA GLY A 93 4.09 7.11 2.46
C GLY A 93 4.47 6.13 3.56
N SER A 94 3.49 5.79 4.41
CA SER A 94 3.67 4.81 5.48
C SER A 94 4.02 3.44 4.90
N LEU A 95 3.21 2.95 3.91
CA LEU A 95 3.49 1.67 3.23
C LEU A 95 4.87 1.70 2.59
N ALA A 96 5.18 2.86 1.96
CA ALA A 96 6.46 3.09 1.29
C ALA A 96 7.63 2.90 2.25
N LEU A 97 7.50 3.44 3.49
CA LEU A 97 8.55 3.31 4.54
C LEU A 97 8.78 1.83 4.91
N PHE A 98 7.67 1.12 5.22
CA PHE A 98 7.74 -0.31 5.59
C PHE A 98 8.44 -1.12 4.49
N VAL A 99 8.00 -0.93 3.23
CA VAL A 99 8.54 -1.67 2.08
C VAL A 99 9.97 -1.20 1.69
N GLU A 100 10.35 0.07 2.04
CA GLU A 100 11.76 0.54 1.92
C GLU A 100 12.63 -0.41 2.75
N HIS A 101 12.25 -0.58 4.03
CA HIS A 101 12.99 -1.39 5.02
C HIS A 101 13.12 -2.85 4.55
N LYS A 102 12.00 -3.40 4.02
CA LYS A 102 11.91 -4.81 3.57
C LYS A 102 13.03 -5.18 2.58
N LEU A 103 13.07 -4.45 1.46
CA LEU A 103 14.00 -4.73 0.35
C LEU A 103 15.42 -4.19 0.63
N SER A 104 15.57 -3.33 1.65
CA SER A 104 16.89 -2.83 2.10
C SER A 104 17.61 -3.87 3.00
N HIS A 105 16.88 -4.91 3.44
CA HIS A 105 17.46 -6.03 4.22
C HIS A 105 18.33 -6.90 3.29
N MET A 23 9.51 8.87 -2.43
CA MET A 23 10.09 7.68 -1.77
C MET A 23 9.87 6.46 -2.68
N GLN A 24 10.96 6.00 -3.33
CA GLN A 24 10.96 5.11 -4.53
C GLN A 24 9.85 4.02 -4.57
N HIS A 25 9.64 3.28 -3.46
CA HIS A 25 8.69 2.15 -3.42
C HIS A 25 7.21 2.60 -3.54
N LEU A 26 6.89 3.86 -3.11
CA LEU A 26 5.51 4.42 -3.15
C LEU A 26 4.81 4.23 -4.51
N GLU A 27 5.63 4.22 -5.59
CA GLU A 27 5.16 4.12 -6.98
C GLU A 27 4.48 2.76 -7.23
N ALA A 28 5.17 1.67 -6.84
CA ALA A 28 4.67 0.31 -7.03
C ALA A 28 3.59 -0.02 -5.99
N VAL A 29 3.63 0.65 -4.82
CA VAL A 29 2.59 0.48 -3.79
C VAL A 29 1.24 1.05 -4.31
N ARG A 30 1.28 2.30 -4.84
CA ARG A 30 0.08 2.99 -5.37
C ARG A 30 -0.38 2.34 -6.67
N ASN A 31 0.55 1.69 -7.37
CA ASN A 31 0.25 0.86 -8.56
C ASN A 31 -0.67 -0.30 -8.15
N ILE A 32 -0.27 -0.99 -7.08
CA ILE A 32 -1.02 -2.11 -6.48
C ILE A 32 -2.39 -1.65 -5.97
N LEU A 33 -2.41 -0.53 -5.24
CA LEU A 33 -3.65 0.05 -4.68
C LEU A 33 -4.61 0.45 -5.81
N GLY A 34 -4.04 1.07 -6.85
CA GLY A 34 -4.80 1.47 -8.03
C GLY A 34 -5.31 0.31 -8.85
N ASP A 35 -4.67 -0.86 -8.69
CA ASP A 35 -5.08 -2.11 -9.36
C ASP A 35 -6.19 -2.84 -8.56
N VAL A 36 -5.98 -2.97 -7.24
CA VAL A 36 -6.88 -3.73 -6.35
C VAL A 36 -8.17 -2.95 -6.10
N LEU A 37 -8.03 -1.73 -5.54
CA LEU A 37 -9.19 -0.88 -5.16
C LEU A 37 -9.77 -0.16 -6.38
N ASN A 38 -8.99 -0.17 -7.48
CA ASN A 38 -9.35 0.46 -8.75
C ASN A 38 -9.39 1.99 -8.58
N LEU A 39 -8.21 2.57 -8.28
CA LEU A 39 -7.99 4.03 -8.41
C LEU A 39 -7.73 4.36 -9.89
N GLY A 40 -7.21 3.38 -10.65
CA GLY A 40 -7.02 3.48 -12.10
C GLY A 40 -6.02 4.55 -12.51
N GLU A 41 -6.54 5.71 -12.94
CA GLU A 41 -5.72 6.89 -13.34
C GLU A 41 -5.44 7.79 -12.12
N ARG A 42 -6.31 7.71 -11.10
CA ARG A 42 -6.25 8.54 -9.90
C ARG A 42 -5.04 8.16 -9.01
N LYS A 43 -4.54 6.92 -9.16
CA LYS A 43 -3.30 6.49 -8.45
C LYS A 43 -2.08 7.31 -8.93
N HIS A 44 -2.18 7.87 -10.16
CA HIS A 44 -1.09 8.66 -10.79
C HIS A 44 -1.07 10.10 -10.26
N THR A 45 -2.21 10.60 -9.75
CA THR A 45 -2.31 11.99 -9.27
C THR A 45 -2.08 12.09 -7.74
N LEU A 46 -2.14 10.95 -7.02
CA LEU A 46 -1.90 10.92 -5.57
C LEU A 46 -0.41 10.67 -5.28
N THR A 47 0.07 11.22 -4.16
CA THR A 47 1.49 11.12 -3.72
C THR A 47 1.56 10.39 -2.38
N ALA A 48 2.74 10.39 -1.72
CA ALA A 48 2.93 9.74 -0.40
C ALA A 48 2.02 10.34 0.68
N SER A 49 1.57 11.58 0.47
CA SER A 49 0.71 12.32 1.41
C SER A 49 -0.75 11.80 1.43
N SER A 50 -1.14 11.02 0.39
CA SER A 50 -2.52 10.51 0.25
C SER A 50 -2.85 9.51 1.36
N VAL A 51 -3.93 9.80 2.10
CA VAL A 51 -4.44 8.90 3.14
C VAL A 51 -5.20 7.75 2.45
N LEU A 52 -5.21 6.56 3.05
CA LEU A 52 -5.86 5.38 2.46
C LEU A 52 -7.04 4.96 3.32
N LEU A 53 -6.75 4.46 4.54
CA LEU A 53 -7.80 4.10 5.53
C LEU A 53 -8.69 5.31 5.85
N GLY A 54 -9.96 5.21 5.41
CA GLY A 54 -10.97 6.24 5.63
C GLY A 54 -11.14 7.18 4.45
N ASN A 55 -10.02 7.49 3.75
CA ASN A 55 -10.01 8.43 2.61
C ASN A 55 -10.51 7.75 1.32
N ILE A 56 -10.02 6.53 1.07
CA ILE A 56 -10.44 5.72 -0.09
C ILE A 56 -11.61 4.84 0.36
N PRO A 57 -12.84 5.03 -0.23
CA PRO A 57 -14.04 4.27 0.18
C PRO A 57 -14.05 2.85 -0.41
N GLU A 58 -13.06 2.54 -1.25
CA GLU A 58 -12.92 1.23 -1.91
C GLU A 58 -12.10 0.28 -1.03
N LEU A 59 -11.34 0.86 -0.08
CA LEU A 59 -10.45 0.11 0.81
C LEU A 59 -11.27 -0.44 2.00
N ASP A 60 -11.84 -1.63 1.80
CA ASP A 60 -12.60 -2.39 2.81
C ASP A 60 -11.62 -3.24 3.66
N SER A 61 -12.17 -3.88 4.71
CA SER A 61 -11.50 -4.90 5.54
C SER A 61 -10.83 -6.02 4.67
N MET A 62 -11.64 -6.80 3.94
CA MET A 62 -11.13 -7.86 3.04
C MET A 62 -10.23 -7.27 1.92
N ALA A 63 -10.44 -5.97 1.61
CA ALA A 63 -9.60 -5.24 0.64
C ALA A 63 -8.20 -4.92 1.18
N VAL A 64 -8.04 -4.76 2.53
CA VAL A 64 -6.70 -4.61 3.15
C VAL A 64 -5.94 -5.94 2.98
N VAL A 65 -6.68 -7.07 3.09
CA VAL A 65 -6.09 -8.42 2.95
C VAL A 65 -5.62 -8.63 1.49
N ASN A 66 -6.45 -8.12 0.57
CA ASN A 66 -6.18 -8.15 -0.88
C ASN A 66 -4.89 -7.41 -1.25
N VAL A 67 -4.71 -6.19 -0.72
CA VAL A 67 -3.53 -5.36 -1.04
C VAL A 67 -2.25 -5.91 -0.39
N ILE A 68 -2.38 -6.56 0.79
CA ILE A 68 -1.24 -7.22 1.46
C ILE A 68 -0.72 -8.38 0.59
N THR A 69 -1.67 -9.22 0.13
CA THR A 69 -1.39 -10.36 -0.76
C THR A 69 -0.72 -9.88 -2.06
N ALA A 70 -1.26 -8.79 -2.62
CA ALA A 70 -0.73 -8.16 -3.84
C ALA A 70 0.69 -7.62 -3.61
N LEU A 71 0.95 -7.05 -2.41
CA LEU A 71 2.30 -6.57 -2.00
C LEU A 71 3.30 -7.75 -2.06
N GLU A 72 2.86 -8.92 -1.50
CA GLU A 72 3.64 -10.18 -1.53
C GLU A 72 4.08 -10.50 -2.98
N GLU A 73 3.09 -10.42 -3.89
CA GLU A 73 3.26 -10.81 -5.30
C GLU A 73 4.31 -9.95 -6.01
N TYR A 74 4.02 -8.64 -6.17
CA TYR A 74 4.79 -7.73 -7.04
C TYR A 74 6.18 -7.41 -6.46
N PHE A 75 6.27 -7.27 -5.12
CA PHE A 75 7.56 -6.96 -4.46
C PHE A 75 8.34 -8.25 -4.11
N ASP A 76 7.65 -9.42 -4.15
CA ASP A 76 8.26 -10.76 -3.94
C ASP A 76 8.81 -10.90 -2.50
N PHE A 77 8.00 -10.48 -1.52
CA PHE A 77 8.37 -10.54 -0.09
C PHE A 77 7.16 -10.94 0.76
N SER A 78 7.32 -10.86 2.09
CA SER A 78 6.21 -10.98 3.03
C SER A 78 6.17 -9.77 3.97
N VAL A 79 4.98 -9.17 4.12
CA VAL A 79 4.70 -8.12 5.08
C VAL A 79 4.31 -8.79 6.41
N ASP A 80 5.10 -8.56 7.48
CA ASP A 80 4.97 -9.30 8.76
C ASP A 80 3.75 -8.81 9.58
N ASP A 81 3.09 -9.74 10.29
CA ASP A 81 1.87 -9.47 11.09
C ASP A 81 2.05 -8.31 12.13
N ASP A 82 3.23 -8.27 12.79
CA ASP A 82 3.54 -7.26 13.84
C ASP A 82 3.74 -5.86 13.25
N GLU A 83 4.28 -5.80 12.03
CA GLU A 83 4.57 -4.51 11.36
C GLU A 83 3.31 -4.00 10.62
N ILE A 84 2.40 -4.94 10.27
CA ILE A 84 1.10 -4.62 9.70
C ILE A 84 0.21 -4.02 10.81
N SER A 85 -0.07 -2.73 10.70
CA SER A 85 -1.05 -2.04 11.54
C SER A 85 -1.84 -1.05 10.68
N ALA A 86 -2.83 -0.39 11.29
CA ALA A 86 -3.54 0.74 10.66
C ALA A 86 -2.53 1.88 10.42
N GLN A 87 -1.52 1.97 11.31
CA GLN A 87 -0.40 2.95 11.21
C GLN A 87 0.46 2.71 9.95
N THR A 88 0.40 1.49 9.40
CA THR A 88 1.10 1.14 8.16
C THR A 88 0.28 1.59 6.95
N PHE A 89 -1.06 1.39 7.02
CA PHE A 89 -1.98 1.62 5.88
C PHE A 89 -2.73 2.96 5.97
N GLU A 90 -2.36 3.79 6.97
CA GLU A 90 -2.98 5.11 7.19
C GLU A 90 -2.76 6.05 5.98
N THR A 91 -1.55 6.02 5.42
CA THR A 91 -1.17 6.86 4.26
C THR A 91 -0.13 6.12 3.39
N LEU A 92 -0.09 6.48 2.08
CA LEU A 92 0.80 5.85 1.08
C LEU A 92 2.27 5.92 1.51
N GLY A 93 2.62 7.02 2.20
CA GLY A 93 3.95 7.24 2.72
C GLY A 93 4.38 6.18 3.72
N SER A 94 3.46 5.80 4.62
CA SER A 94 3.70 4.76 5.62
C SER A 94 3.99 3.41 4.96
N LEU A 95 3.19 3.03 3.91
CA LEU A 95 3.43 1.78 3.15
C LEU A 95 4.82 1.79 2.54
N ALA A 96 5.16 2.93 1.88
CA ALA A 96 6.46 3.13 1.21
C ALA A 96 7.59 2.83 2.20
N LEU A 97 7.56 3.49 3.37
CA LEU A 97 8.64 3.42 4.40
C LEU A 97 8.83 1.99 4.96
N PHE A 98 7.72 1.29 5.29
CA PHE A 98 7.77 -0.09 5.79
C PHE A 98 8.41 -1.03 4.73
N VAL A 99 7.92 -0.96 3.48
CA VAL A 99 8.41 -1.82 2.39
C VAL A 99 9.85 -1.40 1.95
N GLU A 100 10.24 -0.12 2.21
CA GLU A 100 11.66 0.32 2.05
C GLU A 100 12.55 -0.56 2.92
N HIS A 101 12.15 -0.69 4.21
CA HIS A 101 12.89 -1.50 5.22
C HIS A 101 13.03 -2.96 4.74
N LYS A 102 11.89 -3.52 4.31
CA LYS A 102 11.75 -4.95 3.96
C LYS A 102 12.64 -5.38 2.79
N LEU A 103 12.51 -4.67 1.66
CA LEU A 103 13.25 -4.99 0.43
C LEU A 103 14.75 -4.60 0.54
N SER A 104 15.09 -3.83 1.60
CA SER A 104 16.50 -3.55 1.94
C SER A 104 17.08 -4.61 2.92
N HIS A 105 16.20 -5.25 3.72
CA HIS A 105 16.60 -6.28 4.71
C HIS A 105 16.05 -7.66 4.30
N MET A 23 11.03 8.53 -0.76
CA MET A 23 10.78 7.09 -1.05
C MET A 23 10.88 6.82 -2.55
N GLN A 24 11.34 5.62 -2.88
CA GLN A 24 11.45 5.13 -4.26
C GLN A 24 10.18 4.37 -4.59
N HIS A 25 9.79 3.52 -3.63
CA HIS A 25 8.82 2.45 -3.81
C HIS A 25 7.37 2.94 -3.78
N LEU A 26 7.11 4.21 -3.38
CA LEU A 26 5.74 4.78 -3.32
C LEU A 26 4.97 4.62 -4.65
N GLU A 27 5.73 4.62 -5.77
CA GLU A 27 5.20 4.48 -7.14
C GLU A 27 4.56 3.09 -7.33
N ALA A 28 5.33 2.05 -6.98
CA ALA A 28 4.91 0.65 -7.14
C ALA A 28 3.79 0.29 -6.14
N VAL A 29 3.85 0.87 -4.93
CA VAL A 29 2.84 0.65 -3.89
C VAL A 29 1.47 1.20 -4.37
N ARG A 30 1.46 2.47 -4.85
CA ARG A 30 0.21 3.15 -5.29
C ARG A 30 -0.33 2.49 -6.56
N ASN A 31 0.58 1.92 -7.37
CA ASN A 31 0.24 1.15 -8.58
C ASN A 31 -0.62 -0.07 -8.20
N ILE A 32 -0.13 -0.82 -7.19
CA ILE A 32 -0.82 -2.00 -6.63
C ILE A 32 -2.21 -1.63 -6.09
N LEU A 33 -2.23 -0.64 -5.18
CA LEU A 33 -3.43 -0.21 -4.46
C LEU A 33 -4.52 0.25 -5.42
N GLY A 34 -4.13 1.04 -6.43
CA GLY A 34 -5.08 1.53 -7.42
C GLY A 34 -5.49 0.47 -8.42
N ASP A 35 -4.71 -0.61 -8.55
CA ASP A 35 -5.07 -1.78 -9.37
C ASP A 35 -6.13 -2.62 -8.64
N VAL A 36 -5.99 -2.76 -7.30
CA VAL A 36 -6.90 -3.55 -6.46
C VAL A 36 -8.25 -2.82 -6.25
N LEU A 37 -8.16 -1.58 -5.73
CA LEU A 37 -9.35 -0.74 -5.40
C LEU A 37 -9.91 -0.01 -6.65
N ASN A 38 -9.30 -0.27 -7.83
CA ASN A 38 -9.84 0.14 -9.16
C ASN A 38 -9.80 1.69 -9.36
N LEU A 39 -8.75 2.32 -8.80
CA LEU A 39 -8.50 3.78 -8.93
C LEU A 39 -8.13 4.16 -10.38
N GLY A 40 -7.43 3.25 -11.09
CA GLY A 40 -6.99 3.49 -12.47
C GLY A 40 -5.88 4.54 -12.59
N GLU A 41 -6.27 5.79 -12.85
CA GLU A 41 -5.33 6.93 -13.00
C GLU A 41 -5.20 7.71 -11.68
N ARG A 42 -6.25 7.60 -10.82
CA ARG A 42 -6.34 8.35 -9.55
C ARG A 42 -5.20 7.95 -8.59
N LYS A 43 -4.71 6.72 -8.73
CA LYS A 43 -3.58 6.19 -7.93
C LYS A 43 -2.25 6.91 -8.24
N HIS A 44 -2.14 7.46 -9.46
CA HIS A 44 -0.89 8.10 -9.94
C HIS A 44 -0.94 9.63 -9.74
N THR A 45 -2.16 10.20 -9.60
CA THR A 45 -2.35 11.66 -9.38
C THR A 45 -2.27 12.03 -7.87
N LEU A 46 -1.97 11.03 -7.02
CA LEU A 46 -1.68 11.24 -5.58
C LEU A 46 -0.18 11.07 -5.31
N THR A 47 0.26 11.42 -4.10
CA THR A 47 1.69 11.32 -3.69
C THR A 47 1.78 10.54 -2.36
N ALA A 48 2.99 10.51 -1.75
CA ALA A 48 3.23 9.80 -0.48
C ALA A 48 2.35 10.34 0.66
N SER A 49 2.03 11.66 0.64
CA SER A 49 1.22 12.32 1.68
C SER A 49 -0.29 11.95 1.58
N SER A 50 -0.68 11.19 0.55
CA SER A 50 -2.06 10.72 0.37
C SER A 50 -2.42 9.65 1.40
N VAL A 51 -3.55 9.85 2.07
CA VAL A 51 -4.18 8.87 2.96
C VAL A 51 -4.81 7.75 2.10
N LEU A 52 -4.96 6.55 2.68
CA LEU A 52 -5.59 5.38 2.01
C LEU A 52 -6.74 4.89 2.88
N LEU A 53 -6.38 4.36 4.06
CA LEU A 53 -7.32 3.96 5.11
C LEU A 53 -8.03 5.23 5.61
N GLY A 54 -9.34 5.34 5.31
CA GLY A 54 -10.13 6.53 5.64
C GLY A 54 -10.41 7.42 4.42
N ASN A 55 -9.47 7.44 3.46
CA ASN A 55 -9.58 8.24 2.21
C ASN A 55 -10.37 7.46 1.15
N ILE A 56 -9.79 6.34 0.71
CA ILE A 56 -10.31 5.56 -0.42
C ILE A 56 -11.60 4.83 0.00
N PRO A 57 -12.78 5.12 -0.64
CA PRO A 57 -14.07 4.54 -0.24
C PRO A 57 -14.20 3.05 -0.61
N GLU A 58 -13.16 2.54 -1.31
CA GLU A 58 -13.09 1.16 -1.79
C GLU A 58 -12.23 0.29 -0.86
N LEU A 59 -11.52 0.95 0.10
CA LEU A 59 -10.61 0.27 1.05
C LEU A 59 -11.47 -0.36 2.15
N ASP A 60 -11.99 -1.56 1.83
CA ASP A 60 -12.86 -2.38 2.70
C ASP A 60 -12.01 -3.36 3.55
N SER A 61 -12.68 -4.01 4.52
CA SER A 61 -12.16 -5.12 5.35
C SER A 61 -11.41 -6.20 4.50
N MET A 62 -12.14 -6.89 3.62
CA MET A 62 -11.54 -7.92 2.76
C MET A 62 -10.59 -7.31 1.73
N ALA A 63 -10.76 -6.02 1.45
CA ALA A 63 -9.85 -5.27 0.56
C ALA A 63 -8.52 -4.94 1.27
N VAL A 64 -8.47 -4.89 2.63
CA VAL A 64 -7.17 -4.77 3.36
C VAL A 64 -6.39 -6.08 3.17
N VAL A 65 -7.13 -7.21 3.22
CA VAL A 65 -6.52 -8.55 3.03
C VAL A 65 -5.93 -8.67 1.61
N ASN A 66 -6.71 -8.20 0.64
CA ASN A 66 -6.36 -8.19 -0.78
C ASN A 66 -5.11 -7.35 -1.09
N VAL A 67 -5.01 -6.15 -0.51
CA VAL A 67 -3.87 -5.23 -0.77
C VAL A 67 -2.61 -5.71 -0.07
N ILE A 68 -2.74 -6.38 1.09
CA ILE A 68 -1.58 -7.02 1.77
C ILE A 68 -0.98 -8.10 0.85
N THR A 69 -1.86 -9.04 0.43
CA THR A 69 -1.52 -10.17 -0.46
C THR A 69 -0.90 -9.66 -1.79
N ALA A 70 -1.46 -8.57 -2.31
CA ALA A 70 -0.99 -7.91 -3.54
C ALA A 70 0.44 -7.34 -3.38
N LEU A 71 0.70 -6.64 -2.26
CA LEU A 71 2.06 -6.13 -1.90
C LEU A 71 3.08 -7.30 -1.90
N GLU A 72 2.66 -8.43 -1.27
CA GLU A 72 3.44 -9.69 -1.21
C GLU A 72 3.86 -10.17 -2.61
N GLU A 73 2.88 -10.22 -3.53
CA GLU A 73 3.07 -10.74 -4.89
C GLU A 73 4.05 -9.88 -5.71
N TYR A 74 3.75 -8.57 -5.82
CA TYR A 74 4.53 -7.63 -6.65
C TYR A 74 5.98 -7.50 -6.17
N PHE A 75 6.17 -7.13 -4.88
CA PHE A 75 7.51 -6.93 -4.30
C PHE A 75 8.19 -8.28 -3.93
N ASP A 76 7.42 -9.39 -3.99
CA ASP A 76 7.94 -10.78 -3.89
C ASP A 76 8.50 -11.07 -2.47
N PHE A 77 7.86 -10.48 -1.45
CA PHE A 77 8.37 -10.48 -0.05
C PHE A 77 7.23 -10.79 0.95
N SER A 78 7.55 -10.69 2.26
CA SER A 78 6.55 -10.79 3.33
C SER A 78 6.66 -9.60 4.31
N VAL A 79 5.61 -8.74 4.33
CA VAL A 79 5.41 -7.76 5.42
C VAL A 79 5.00 -8.57 6.66
N ASP A 80 5.79 -8.51 7.74
CA ASP A 80 5.54 -9.35 8.94
C ASP A 80 4.30 -8.83 9.71
N ASP A 81 3.52 -9.72 10.32
CA ASP A 81 2.25 -9.34 11.00
C ASP A 81 2.50 -8.42 12.23
N ASP A 82 3.69 -8.52 12.85
CA ASP A 82 4.08 -7.69 14.01
C ASP A 82 4.45 -6.25 13.60
N GLU A 83 4.52 -5.99 12.29
CA GLU A 83 4.71 -4.61 11.75
C GLU A 83 3.45 -4.14 11.03
N ILE A 84 2.58 -5.08 10.61
CA ILE A 84 1.28 -4.73 10.00
C ILE A 84 0.28 -4.31 11.09
N SER A 85 -0.10 -3.05 11.04
CA SER A 85 -1.21 -2.48 11.81
C SER A 85 -2.09 -1.67 10.86
N ALA A 86 -3.21 -1.12 11.36
CA ALA A 86 -4.05 -0.17 10.60
C ALA A 86 -3.23 1.09 10.25
N GLN A 87 -2.32 1.43 11.18
CA GLN A 87 -1.39 2.57 11.06
C GLN A 87 -0.32 2.34 9.98
N THR A 88 -0.21 1.10 9.48
CA THR A 88 0.68 0.77 8.35
C THR A 88 0.01 1.16 7.02
N PHE A 89 -1.33 0.91 6.88
CA PHE A 89 -2.07 1.20 5.62
C PHE A 89 -2.83 2.52 5.71
N GLU A 90 -2.50 3.34 6.72
CA GLU A 90 -3.13 4.65 6.93
C GLU A 90 -2.90 5.60 5.74
N THR A 91 -1.69 5.58 5.17
CA THR A 91 -1.24 6.52 4.14
C THR A 91 -0.17 5.85 3.24
N LEU A 92 -0.11 6.28 1.95
CA LEU A 92 0.82 5.74 0.94
C LEU A 92 2.28 5.79 1.42
N GLY A 93 2.63 6.92 2.05
CA GLY A 93 3.95 7.16 2.58
C GLY A 93 4.35 6.12 3.61
N SER A 94 3.37 5.71 4.45
CA SER A 94 3.57 4.67 5.46
C SER A 94 4.03 3.36 4.81
N LEU A 95 3.26 2.86 3.80
CA LEU A 95 3.60 1.61 3.08
C LEU A 95 4.94 1.74 2.36
N ALA A 96 5.17 2.93 1.79
CA ALA A 96 6.37 3.23 1.03
C ALA A 96 7.61 3.08 1.91
N LEU A 97 7.56 3.65 3.14
CA LEU A 97 8.67 3.55 4.12
C LEU A 97 8.87 2.07 4.58
N PHE A 98 7.75 1.37 4.87
CA PHE A 98 7.80 -0.05 5.29
C PHE A 98 8.52 -0.93 4.24
N VAL A 99 8.16 -0.75 2.96
CA VAL A 99 8.77 -1.52 1.85
C VAL A 99 10.20 -1.01 1.52
N GLU A 100 10.51 0.28 1.85
CA GLU A 100 11.92 0.79 1.79
C GLU A 100 12.81 -0.08 2.70
N HIS A 101 12.25 -0.37 3.90
CA HIS A 101 12.95 -1.15 4.93
C HIS A 101 13.15 -2.59 4.46
N LYS A 102 12.03 -3.25 4.10
CA LYS A 102 11.98 -4.70 3.86
C LYS A 102 12.85 -5.12 2.66
N LEU A 103 12.61 -4.48 1.51
CA LEU A 103 13.29 -4.84 0.24
C LEU A 103 14.80 -4.48 0.25
N SER A 104 15.20 -3.59 1.18
CA SER A 104 16.63 -3.19 1.33
C SER A 104 17.31 -4.00 2.46
N HIS A 105 16.53 -4.34 3.50
CA HIS A 105 17.05 -4.98 4.74
C HIS A 105 16.39 -6.37 4.88
N MET A 23 10.31 8.92 -0.78
CA MET A 23 9.90 7.52 -1.00
C MET A 23 10.30 7.05 -2.41
N GLN A 24 10.75 5.80 -2.51
CA GLN A 24 11.03 5.13 -3.80
C GLN A 24 9.87 4.21 -4.21
N HIS A 25 9.43 3.32 -3.28
CA HIS A 25 8.46 2.25 -3.58
C HIS A 25 7.01 2.75 -3.54
N LEU A 26 6.79 4.06 -3.26
CA LEU A 26 5.43 4.66 -3.21
C LEU A 26 4.65 4.43 -4.52
N GLU A 27 5.39 4.44 -5.66
CA GLU A 27 4.79 4.30 -7.00
C GLU A 27 4.22 2.89 -7.19
N ALA A 28 5.00 1.88 -6.80
CA ALA A 28 4.63 0.47 -6.95
C ALA A 28 3.50 0.09 -5.98
N VAL A 29 3.50 0.72 -4.78
CA VAL A 29 2.45 0.51 -3.78
C VAL A 29 1.11 1.09 -4.30
N ARG A 30 1.12 2.35 -4.80
CA ARG A 30 -0.09 3.04 -5.31
C ARG A 30 -0.53 2.42 -6.65
N ASN A 31 0.41 1.76 -7.34
CA ASN A 31 0.13 0.99 -8.56
C ASN A 31 -0.79 -0.20 -8.21
N ILE A 32 -0.35 -0.98 -7.21
CA ILE A 32 -1.07 -2.17 -6.74
C ILE A 32 -2.42 -1.78 -6.10
N LEU A 33 -2.43 -0.72 -5.28
CA LEU A 33 -3.67 -0.16 -4.68
C LEU A 33 -4.59 0.37 -5.77
N GLY A 34 -3.97 1.10 -6.72
CA GLY A 34 -4.68 1.70 -7.85
C GLY A 34 -5.25 0.69 -8.82
N ASP A 35 -4.72 -0.55 -8.76
CA ASP A 35 -5.22 -1.66 -9.57
C ASP A 35 -6.32 -2.45 -8.82
N VAL A 36 -6.02 -2.86 -7.57
CA VAL A 36 -6.90 -3.75 -6.77
C VAL A 36 -8.19 -3.02 -6.35
N LEU A 37 -8.04 -1.77 -5.85
CA LEU A 37 -9.20 -0.92 -5.48
C LEU A 37 -9.74 -0.18 -6.71
N ASN A 38 -8.94 -0.18 -7.81
CA ASN A 38 -9.28 0.45 -9.10
C ASN A 38 -9.45 1.97 -8.93
N LEU A 39 -8.35 2.62 -8.53
CA LEU A 39 -8.24 4.09 -8.50
C LEU A 39 -8.14 4.63 -9.94
N GLY A 40 -7.47 3.84 -10.81
CA GLY A 40 -7.26 4.20 -12.21
C GLY A 40 -6.33 5.40 -12.36
N GLU A 41 -6.90 6.60 -12.47
CA GLU A 41 -6.14 7.86 -12.61
C GLU A 41 -5.90 8.50 -11.22
N ARG A 42 -6.69 8.09 -10.21
CA ARG A 42 -6.61 8.63 -8.84
C ARG A 42 -5.24 8.27 -8.21
N LYS A 43 -4.67 7.10 -8.58
CA LYS A 43 -3.31 6.69 -8.14
C LYS A 43 -2.21 7.56 -8.78
N HIS A 44 -2.49 8.12 -9.97
CA HIS A 44 -1.57 9.04 -10.67
C HIS A 44 -1.50 10.37 -9.90
N THR A 45 -2.69 10.90 -9.57
CA THR A 45 -2.85 12.28 -9.08
C THR A 45 -2.46 12.44 -7.60
N LEU A 46 -2.16 11.32 -6.91
CA LEU A 46 -1.78 11.34 -5.48
C LEU A 46 -0.26 11.15 -5.31
N THR A 47 0.26 11.62 -4.17
CA THR A 47 1.69 11.49 -3.78
C THR A 47 1.81 10.57 -2.55
N ALA A 48 3.01 10.52 -1.93
CA ALA A 48 3.25 9.77 -0.67
C ALA A 48 2.37 10.33 0.48
N SER A 49 2.06 11.64 0.41
CA SER A 49 1.24 12.34 1.41
C SER A 49 -0.26 11.90 1.38
N SER A 50 -0.67 11.17 0.32
CA SER A 50 -2.05 10.69 0.13
C SER A 50 -2.50 9.78 1.29
N VAL A 51 -3.72 10.02 1.79
CA VAL A 51 -4.36 9.15 2.79
C VAL A 51 -5.04 7.98 2.06
N LEU A 52 -5.06 6.79 2.68
CA LEU A 52 -5.69 5.59 2.11
C LEU A 52 -6.90 5.15 2.95
N LEU A 53 -6.63 4.60 4.15
CA LEU A 53 -7.67 4.18 5.11
C LEU A 53 -8.47 5.43 5.55
N GLY A 54 -9.75 5.47 5.16
CA GLY A 54 -10.64 6.58 5.46
C GLY A 54 -10.86 7.53 4.28
N ASN A 55 -9.82 7.66 3.41
CA ASN A 55 -9.89 8.53 2.21
C ASN A 55 -10.48 7.76 1.02
N ILE A 56 -9.82 6.65 0.67
CA ILE A 56 -10.29 5.77 -0.42
C ILE A 56 -11.55 5.02 0.05
N PRO A 57 -12.72 5.19 -0.64
CA PRO A 57 -13.98 4.51 -0.24
C PRO A 57 -13.92 3.00 -0.54
N GLU A 58 -12.97 2.60 -1.39
CA GLU A 58 -12.82 1.20 -1.83
C GLU A 58 -11.94 0.41 -0.84
N LEU A 59 -11.13 1.14 -0.05
CA LEU A 59 -10.18 0.54 0.91
C LEU A 59 -10.99 0.02 2.13
N ASP A 60 -11.48 -1.22 1.99
CA ASP A 60 -12.25 -1.96 3.02
C ASP A 60 -11.32 -2.93 3.77
N SER A 61 -11.84 -3.57 4.82
CA SER A 61 -11.22 -4.69 5.54
C SER A 61 -10.63 -5.78 4.60
N MET A 62 -11.51 -6.45 3.84
CA MET A 62 -11.09 -7.56 2.96
C MET A 62 -10.13 -7.05 1.85
N ALA A 63 -10.30 -5.77 1.51
CA ALA A 63 -9.43 -5.06 0.58
C ALA A 63 -7.99 -4.91 1.11
N VAL A 64 -7.80 -4.70 2.45
CA VAL A 64 -6.44 -4.62 3.04
C VAL A 64 -5.74 -6.00 2.92
N VAL A 65 -6.53 -7.08 3.07
CA VAL A 65 -5.99 -8.46 2.96
C VAL A 65 -5.48 -8.71 1.53
N ASN A 66 -6.33 -8.34 0.57
CA ASN A 66 -6.08 -8.49 -0.87
C ASN A 66 -4.81 -7.75 -1.34
N VAL A 67 -4.66 -6.49 -0.91
CA VAL A 67 -3.52 -5.64 -1.33
C VAL A 67 -2.21 -6.09 -0.68
N ILE A 68 -2.26 -6.60 0.58
CA ILE A 68 -1.06 -7.17 1.25
C ILE A 68 -0.56 -8.37 0.45
N THR A 69 -1.49 -9.32 0.18
CA THR A 69 -1.21 -10.54 -0.63
C THR A 69 -0.56 -10.17 -1.99
N ALA A 70 -1.13 -9.13 -2.63
CA ALA A 70 -0.62 -8.60 -3.91
C ALA A 70 0.83 -8.09 -3.78
N LEU A 71 1.11 -7.26 -2.74
CA LEU A 71 2.48 -6.75 -2.42
C LEU A 71 3.47 -7.94 -2.31
N GLU A 72 3.05 -9.00 -1.58
CA GLU A 72 3.83 -10.23 -1.35
C GLU A 72 4.25 -10.88 -2.68
N GLU A 73 3.27 -11.01 -3.59
CA GLU A 73 3.47 -11.67 -4.90
C GLU A 73 4.44 -10.90 -5.79
N TYR A 74 4.17 -9.59 -5.96
CA TYR A 74 4.90 -8.72 -6.91
C TYR A 74 6.34 -8.41 -6.47
N PHE A 75 6.56 -8.22 -5.16
CA PHE A 75 7.91 -7.95 -4.60
C PHE A 75 8.60 -9.24 -4.11
N ASP A 76 7.85 -10.38 -4.09
CA ASP A 76 8.39 -11.74 -3.81
C ASP A 76 8.86 -11.88 -2.34
N PHE A 77 8.24 -11.10 -1.43
CA PHE A 77 8.69 -10.99 -0.01
C PHE A 77 7.54 -11.29 0.96
N SER A 78 7.84 -11.17 2.26
CA SER A 78 6.84 -11.24 3.35
C SER A 78 6.94 -10.01 4.27
N VAL A 79 5.83 -9.24 4.39
CA VAL A 79 5.69 -8.18 5.41
C VAL A 79 5.44 -8.90 6.76
N ASP A 80 6.13 -8.47 7.82
CA ASP A 80 6.04 -9.11 9.15
C ASP A 80 4.73 -8.70 9.83
N ASP A 81 4.05 -9.65 10.48
CA ASP A 81 2.74 -9.42 11.14
C ASP A 81 2.83 -8.34 12.25
N ASP A 82 3.95 -8.36 13.00
CA ASP A 82 4.14 -7.49 14.21
C ASP A 82 4.46 -6.03 13.84
N GLU A 83 4.61 -5.72 12.53
CA GLU A 83 4.78 -4.32 12.06
C GLU A 83 3.45 -3.80 11.50
N ILE A 84 2.65 -4.72 10.91
CA ILE A 84 1.37 -4.35 10.26
C ILE A 84 0.33 -3.95 11.32
N SER A 85 -0.01 -2.66 11.32
CA SER A 85 -1.12 -2.10 12.06
C SER A 85 -2.20 -1.63 11.06
N ALA A 86 -3.37 -1.24 11.58
CA ALA A 86 -4.39 -0.52 10.79
C ALA A 86 -3.87 0.90 10.46
N GLN A 87 -3.02 1.43 11.37
CA GLN A 87 -2.36 2.74 11.22
C GLN A 87 -1.24 2.69 10.15
N THR A 88 -0.88 1.47 9.68
CA THR A 88 0.07 1.30 8.55
C THR A 88 -0.60 1.78 7.25
N PHE A 89 -1.92 1.60 7.14
CA PHE A 89 -2.71 1.98 5.96
C PHE A 89 -3.22 3.42 6.03
N GLU A 90 -2.73 4.23 7.00
CA GLU A 90 -3.15 5.64 7.13
C GLU A 90 -2.84 6.44 5.84
N THR A 91 -1.61 6.29 5.31
CA THR A 91 -1.15 7.00 4.11
C THR A 91 -0.31 6.08 3.21
N LEU A 92 -0.15 6.51 1.94
CA LEU A 92 0.68 5.82 0.93
C LEU A 92 2.13 5.74 1.39
N GLY A 93 2.62 6.86 1.97
CA GLY A 93 3.99 6.98 2.43
C GLY A 93 4.29 6.02 3.57
N SER A 94 3.26 5.64 4.34
CA SER A 94 3.40 4.63 5.40
C SER A 94 3.68 3.23 4.80
N LEU A 95 2.84 2.78 3.83
CA LEU A 95 3.08 1.47 3.14
C LEU A 95 4.43 1.48 2.40
N ALA A 96 4.75 2.65 1.81
CA ALA A 96 5.98 2.88 1.08
C ALA A 96 7.18 2.65 1.99
N LEU A 97 7.19 3.33 3.16
CA LEU A 97 8.29 3.26 4.15
C LEU A 97 8.48 1.81 4.63
N PHE A 98 7.38 1.12 4.93
CA PHE A 98 7.40 -0.28 5.42
C PHE A 98 8.08 -1.21 4.40
N VAL A 99 7.58 -1.23 3.15
CA VAL A 99 8.14 -2.10 2.08
C VAL A 99 9.59 -1.66 1.70
N GLU A 100 9.90 -0.37 1.89
CA GLU A 100 11.28 0.16 1.68
C GLU A 100 12.23 -0.31 2.77
N HIS A 101 11.68 -0.57 3.97
CA HIS A 101 12.45 -1.16 5.08
C HIS A 101 12.71 -2.64 4.81
N LYS A 102 11.71 -3.34 4.23
CA LYS A 102 11.76 -4.79 3.97
C LYS A 102 12.78 -5.15 2.87
N LEU A 103 12.63 -4.51 1.70
CA LEU A 103 13.46 -4.81 0.52
C LEU A 103 14.89 -4.22 0.64
N SER A 104 15.12 -3.30 1.61
CA SER A 104 16.48 -2.77 1.90
C SER A 104 17.12 -3.56 3.06
N HIS A 105 16.30 -4.01 4.03
CA HIS A 105 16.76 -4.73 5.24
C HIS A 105 15.91 -6.01 5.43
N MET A 23 11.87 7.96 -1.05
CA MET A 23 11.21 6.66 -1.27
C MET A 23 11.05 6.42 -2.76
N GLN A 24 11.42 5.21 -3.20
CA GLN A 24 11.30 4.77 -4.60
C GLN A 24 10.02 3.94 -4.80
N HIS A 25 9.70 3.12 -3.78
CA HIS A 25 8.69 2.05 -3.90
C HIS A 25 7.25 2.59 -3.83
N LEU A 26 7.06 3.86 -3.39
CA LEU A 26 5.71 4.51 -3.28
C LEU A 26 4.92 4.40 -4.60
N GLU A 27 5.66 4.46 -5.73
CA GLU A 27 5.10 4.41 -7.09
C GLU A 27 4.43 3.04 -7.36
N ALA A 28 5.16 1.97 -7.05
CA ALA A 28 4.68 0.60 -7.27
C ALA A 28 3.61 0.20 -6.25
N VAL A 29 3.61 0.84 -5.07
CA VAL A 29 2.59 0.60 -4.03
C VAL A 29 1.23 1.17 -4.50
N ARG A 30 1.22 2.43 -4.98
CA ARG A 30 -0.01 3.10 -5.45
C ARG A 30 -0.49 2.46 -6.76
N ASN A 31 0.45 1.86 -7.50
CA ASN A 31 0.13 1.07 -8.71
C ASN A 31 -0.68 -0.18 -8.30
N ILE A 32 -0.20 -0.89 -7.26
CA ILE A 32 -0.85 -2.09 -6.72
C ILE A 32 -2.25 -1.79 -6.19
N LEU A 33 -2.36 -0.86 -5.23
CA LEU A 33 -3.65 -0.48 -4.62
C LEU A 33 -4.56 0.18 -5.66
N GLY A 34 -3.96 0.87 -6.64
CA GLY A 34 -4.69 1.43 -7.77
C GLY A 34 -5.28 0.35 -8.67
N ASP A 35 -4.63 -0.81 -8.73
CA ASP A 35 -5.10 -1.98 -9.49
C ASP A 35 -6.24 -2.69 -8.73
N VAL A 36 -6.01 -2.95 -7.43
CA VAL A 36 -6.93 -3.72 -6.58
C VAL A 36 -8.25 -2.96 -6.38
N LEU A 37 -8.14 -1.72 -5.86
CA LEU A 37 -9.32 -0.87 -5.57
C LEU A 37 -9.76 -0.10 -6.84
N ASN A 38 -9.01 -0.28 -7.95
CA ASN A 38 -9.38 0.20 -9.29
C ASN A 38 -9.54 1.73 -9.33
N LEU A 39 -8.51 2.44 -8.82
CA LEU A 39 -8.47 3.91 -8.77
C LEU A 39 -8.25 4.53 -10.18
N GLY A 40 -7.47 3.84 -11.03
CA GLY A 40 -7.18 4.32 -12.39
C GLY A 40 -6.28 5.56 -12.39
N GLU A 41 -6.91 6.75 -12.38
CA GLU A 41 -6.20 8.06 -12.35
C GLU A 41 -6.06 8.56 -10.92
N ARG A 42 -6.93 8.08 -10.01
CA ARG A 42 -6.95 8.53 -8.60
C ARG A 42 -5.67 8.04 -7.88
N LYS A 43 -5.11 6.89 -8.32
CA LYS A 43 -3.82 6.38 -7.80
C LYS A 43 -2.66 7.28 -8.28
N HIS A 44 -2.80 7.90 -9.46
CA HIS A 44 -1.76 8.76 -10.06
C HIS A 44 -1.71 10.12 -9.35
N THR A 45 -2.88 10.62 -8.93
CA THR A 45 -3.02 11.97 -8.33
C THR A 45 -2.68 11.97 -6.83
N LEU A 46 -2.76 10.78 -6.17
CA LEU A 46 -2.38 10.65 -4.75
C LEU A 46 -0.85 10.46 -4.65
N THR A 47 -0.28 11.04 -3.60
CA THR A 47 1.17 11.10 -3.36
C THR A 47 1.52 10.39 -2.03
N ALA A 48 2.80 10.45 -1.62
CA ALA A 48 3.28 9.85 -0.36
C ALA A 48 2.58 10.48 0.86
N SER A 49 2.36 11.80 0.79
CA SER A 49 1.73 12.58 1.86
C SER A 49 0.18 12.54 1.78
N SER A 50 -0.35 11.75 0.82
CA SER A 50 -1.81 11.55 0.66
C SER A 50 -2.25 10.27 1.38
N VAL A 51 -3.51 10.27 1.83
CA VAL A 51 -4.13 9.22 2.66
C VAL A 51 -4.71 8.10 1.77
N LEU A 52 -4.70 6.85 2.28
CA LEU A 52 -5.30 5.70 1.60
C LEU A 52 -6.49 5.18 2.41
N LEU A 53 -6.20 4.60 3.59
CA LEU A 53 -7.22 4.11 4.54
C LEU A 53 -8.09 5.30 5.00
N GLY A 54 -9.38 5.28 4.59
CA GLY A 54 -10.33 6.35 4.89
C GLY A 54 -10.62 7.22 3.67
N ASN A 55 -9.56 7.52 2.89
CA ASN A 55 -9.62 8.45 1.74
C ASN A 55 -10.14 7.72 0.48
N ILE A 56 -9.76 6.44 0.36
CA ILE A 56 -10.25 5.55 -0.69
C ILE A 56 -11.55 4.89 -0.18
N PRO A 57 -12.72 5.13 -0.83
CA PRO A 57 -14.02 4.57 -0.39
C PRO A 57 -14.20 3.10 -0.82
N GLU A 58 -13.19 2.54 -1.50
CA GLU A 58 -13.17 1.14 -1.97
C GLU A 58 -12.44 0.25 -0.94
N LEU A 59 -11.64 0.90 -0.06
CA LEU A 59 -10.75 0.20 0.89
C LEU A 59 -11.57 -0.26 2.12
N ASP A 60 -12.08 -1.50 2.06
CA ASP A 60 -12.83 -2.15 3.17
C ASP A 60 -11.98 -3.25 3.85
N SER A 61 -12.67 -4.09 4.64
CA SER A 61 -12.12 -5.27 5.35
C SER A 61 -11.28 -6.19 4.43
N MET A 62 -11.95 -6.88 3.49
CA MET A 62 -11.29 -7.85 2.60
C MET A 62 -10.33 -7.15 1.61
N ALA A 63 -10.55 -5.83 1.43
CA ALA A 63 -9.67 -4.97 0.63
C ALA A 63 -8.27 -4.85 1.25
N VAL A 64 -8.21 -4.66 2.61
CA VAL A 64 -6.90 -4.58 3.31
C VAL A 64 -6.15 -5.91 3.14
N VAL A 65 -6.90 -7.01 3.17
CA VAL A 65 -6.32 -8.37 3.09
C VAL A 65 -5.68 -8.62 1.71
N ASN A 66 -6.47 -8.25 0.68
CA ASN A 66 -6.09 -8.38 -0.74
C ASN A 66 -4.86 -7.56 -1.10
N VAL A 67 -4.76 -6.33 -0.57
CA VAL A 67 -3.64 -5.42 -0.89
C VAL A 67 -2.35 -5.80 -0.14
N ILE A 68 -2.45 -6.38 1.08
CA ILE A 68 -1.26 -6.92 1.79
C ILE A 68 -0.66 -8.04 0.93
N THR A 69 -1.53 -9.01 0.59
CA THR A 69 -1.17 -10.20 -0.20
C THR A 69 -0.59 -9.80 -1.58
N ALA A 70 -1.19 -8.76 -2.19
CA ALA A 70 -0.74 -8.19 -3.46
C ALA A 70 0.71 -7.65 -3.36
N LEU A 71 0.99 -6.86 -2.30
CA LEU A 71 2.37 -6.35 -1.99
C LEU A 71 3.37 -7.53 -1.92
N GLU A 72 2.96 -8.61 -1.20
CA GLU A 72 3.79 -9.84 -1.01
C GLU A 72 4.20 -10.43 -2.35
N GLU A 73 3.24 -10.54 -3.28
CA GLU A 73 3.44 -11.19 -4.59
C GLU A 73 4.34 -10.36 -5.52
N TYR A 74 4.00 -9.08 -5.70
CA TYR A 74 4.69 -8.20 -6.67
C TYR A 74 6.14 -7.88 -6.24
N PHE A 75 6.38 -7.74 -4.92
CA PHE A 75 7.74 -7.46 -4.39
C PHE A 75 8.46 -8.74 -3.90
N ASP A 76 7.75 -9.90 -3.89
CA ASP A 76 8.32 -11.25 -3.58
C ASP A 76 8.84 -11.34 -2.13
N PHE A 77 8.15 -10.70 -1.19
CA PHE A 77 8.56 -10.64 0.23
C PHE A 77 7.38 -10.97 1.16
N SER A 78 7.61 -10.86 2.49
CA SER A 78 6.54 -10.98 3.48
C SER A 78 6.65 -9.86 4.54
N VAL A 79 5.54 -9.12 4.76
CA VAL A 79 5.40 -8.18 5.89
C VAL A 79 5.00 -8.98 7.15
N ASP A 80 5.72 -8.77 8.28
CA ASP A 80 5.52 -9.56 9.52
C ASP A 80 4.27 -9.06 10.26
N ASP A 81 3.59 -9.99 10.98
CA ASP A 81 2.33 -9.70 11.71
C ASP A 81 2.47 -8.52 12.70
N ASP A 82 3.59 -8.49 13.42
CA ASP A 82 3.87 -7.48 14.48
C ASP A 82 4.17 -6.09 13.91
N GLU A 83 4.40 -5.98 12.59
CA GLU A 83 4.58 -4.66 11.91
C GLU A 83 3.34 -4.32 11.05
N ILE A 84 2.48 -5.33 10.77
CA ILE A 84 1.19 -5.11 10.08
C ILE A 84 0.16 -4.46 11.05
N SER A 85 -0.11 -3.17 10.82
CA SER A 85 -1.14 -2.39 11.53
C SER A 85 -2.08 -1.72 10.49
N ALA A 86 -3.18 -1.13 10.98
CA ALA A 86 -4.03 -0.24 10.16
C ALA A 86 -3.28 1.09 9.87
N GLN A 87 -2.36 1.44 10.79
CA GLN A 87 -1.45 2.61 10.66
C GLN A 87 -0.40 2.40 9.56
N THR A 88 -0.28 1.15 9.05
CA THR A 88 0.57 0.84 7.91
C THR A 88 -0.07 1.40 6.61
N PHE A 89 -1.42 1.32 6.51
CA PHE A 89 -2.17 1.73 5.30
C PHE A 89 -2.77 3.13 5.40
N GLU A 90 -2.42 3.89 6.46
CA GLU A 90 -2.99 5.24 6.70
C GLU A 90 -2.67 6.19 5.53
N THR A 91 -1.41 6.17 5.05
CA THR A 91 -0.95 6.98 3.91
C THR A 91 -0.05 6.14 3.00
N LEU A 92 0.10 6.58 1.73
CA LEU A 92 0.98 5.95 0.74
C LEU A 92 2.44 5.94 1.22
N GLY A 93 2.80 7.03 1.94
CA GLY A 93 4.12 7.20 2.52
C GLY A 93 4.44 6.11 3.52
N SER A 94 3.45 5.74 4.34
CA SER A 94 3.58 4.67 5.37
C SER A 94 3.95 3.33 4.71
N LEU A 95 3.17 2.92 3.67
CA LEU A 95 3.46 1.66 2.91
C LEU A 95 4.86 1.71 2.31
N ALA A 96 5.19 2.88 1.70
CA ALA A 96 6.48 3.11 1.05
C ALA A 96 7.62 2.88 2.05
N LEU A 97 7.46 3.40 3.29
CA LEU A 97 8.43 3.23 4.40
C LEU A 97 8.71 1.74 4.64
N PHE A 98 7.62 0.97 4.82
CA PHE A 98 7.70 -0.48 5.07
C PHE A 98 8.50 -1.18 3.97
N VAL A 99 8.05 -1.06 2.71
CA VAL A 99 8.67 -1.73 1.55
C VAL A 99 10.09 -1.21 1.24
N GLU A 100 10.44 0.05 1.65
CA GLU A 100 11.85 0.52 1.59
C GLU A 100 12.71 -0.41 2.46
N HIS A 101 12.24 -0.58 3.72
CA HIS A 101 13.00 -1.31 4.76
C HIS A 101 13.17 -2.80 4.43
N LYS A 102 12.08 -3.41 3.91
CA LYS A 102 12.01 -4.86 3.69
C LYS A 102 12.86 -5.29 2.49
N LEU A 103 12.77 -4.53 1.39
CA LEU A 103 13.49 -4.85 0.13
C LEU A 103 14.99 -4.43 0.21
N SER A 104 15.35 -3.56 1.19
CA SER A 104 16.76 -3.18 1.44
C SER A 104 17.43 -4.14 2.43
N HIS A 105 16.71 -4.47 3.52
CA HIS A 105 17.23 -5.22 4.67
C HIS A 105 16.46 -6.56 4.80
N MET A 23 11.65 8.08 -0.48
CA MET A 23 11.05 6.76 -0.83
C MET A 23 10.92 6.65 -2.35
N GLN A 24 11.33 5.49 -2.89
CA GLN A 24 11.22 5.14 -4.32
C GLN A 24 9.99 4.25 -4.55
N HIS A 25 9.72 3.36 -3.58
CA HIS A 25 8.74 2.27 -3.72
C HIS A 25 7.29 2.75 -3.63
N LEU A 26 7.07 4.00 -3.19
CA LEU A 26 5.70 4.60 -3.05
C LEU A 26 4.90 4.52 -4.37
N GLU A 27 5.64 4.57 -5.49
CA GLU A 27 5.07 4.53 -6.84
C GLU A 27 4.50 3.12 -7.14
N ALA A 28 5.28 2.09 -6.79
CA ALA A 28 4.86 0.68 -6.97
C ALA A 28 3.72 0.30 -5.99
N VAL A 29 3.72 0.91 -4.79
CA VAL A 29 2.68 0.68 -3.78
C VAL A 29 1.33 1.24 -4.27
N ARG A 30 1.35 2.50 -4.78
CA ARG A 30 0.13 3.19 -5.27
C ARG A 30 -0.38 2.50 -6.54
N ASN A 31 0.57 1.92 -7.31
CA ASN A 31 0.25 1.12 -8.50
C ASN A 31 -0.60 -0.11 -8.10
N ILE A 32 -0.17 -0.78 -7.02
CA ILE A 32 -0.86 -1.94 -6.42
C ILE A 32 -2.27 -1.56 -5.95
N LEU A 33 -2.37 -0.40 -5.25
CA LEU A 33 -3.66 0.11 -4.74
C LEU A 33 -4.64 0.40 -5.89
N GLY A 34 -4.11 0.92 -7.00
CA GLY A 34 -4.92 1.18 -8.19
C GLY A 34 -5.31 -0.08 -8.94
N ASP A 35 -4.49 -1.14 -8.79
CA ASP A 35 -4.73 -2.46 -9.39
C ASP A 35 -5.87 -3.19 -8.66
N VAL A 36 -5.75 -3.25 -7.33
CA VAL A 36 -6.67 -4.04 -6.48
C VAL A 36 -7.99 -3.29 -6.29
N LEU A 37 -7.89 -2.05 -5.80
CA LEU A 37 -9.06 -1.22 -5.39
C LEU A 37 -9.69 -0.51 -6.60
N ASN A 38 -9.04 -0.66 -7.79
CA ASN A 38 -9.56 -0.22 -9.10
C ASN A 38 -9.62 1.31 -9.20
N LEU A 39 -8.54 1.98 -8.74
CA LEU A 39 -8.39 3.45 -8.89
C LEU A 39 -8.07 3.81 -10.35
N GLY A 40 -7.28 2.94 -11.02
CA GLY A 40 -6.87 3.15 -12.41
C GLY A 40 -5.96 4.36 -12.58
N GLU A 41 -6.57 5.54 -12.78
CA GLU A 41 -5.84 6.83 -12.91
C GLU A 41 -5.65 7.51 -11.54
N ARG A 42 -6.59 7.23 -10.61
CA ARG A 42 -6.67 7.88 -9.29
C ARG A 42 -5.44 7.48 -8.41
N LYS A 43 -4.83 6.34 -8.73
CA LYS A 43 -3.62 5.86 -8.06
C LYS A 43 -2.41 6.79 -8.35
N HIS A 44 -2.42 7.42 -9.54
CA HIS A 44 -1.30 8.21 -10.05
C HIS A 44 -1.50 9.71 -9.70
N THR A 45 -2.75 10.11 -9.39
CA THR A 45 -3.08 11.49 -8.98
C THR A 45 -2.76 11.70 -7.47
N LEU A 46 -2.48 10.60 -6.75
CA LEU A 46 -2.16 10.65 -5.31
C LEU A 46 -0.64 10.49 -5.09
N THR A 47 -0.16 11.06 -3.98
CA THR A 47 1.28 11.13 -3.63
C THR A 47 1.52 10.48 -2.25
N ALA A 48 2.75 10.61 -1.70
CA ALA A 48 3.12 10.04 -0.38
C ALA A 48 2.25 10.59 0.77
N SER A 49 1.76 11.84 0.59
CA SER A 49 0.93 12.53 1.60
C SER A 49 -0.51 11.98 1.66
N SER A 50 -0.99 11.42 0.52
CA SER A 50 -2.39 10.99 0.37
C SER A 50 -2.73 9.86 1.36
N VAL A 51 -3.86 10.04 2.05
CA VAL A 51 -4.37 9.08 3.03
C VAL A 51 -5.01 7.90 2.28
N LEU A 52 -4.98 6.71 2.86
CA LEU A 52 -5.57 5.50 2.25
C LEU A 52 -6.78 5.05 3.05
N LEU A 53 -6.55 4.57 4.29
CA LEU A 53 -7.63 4.24 5.23
C LEU A 53 -8.50 5.48 5.49
N GLY A 54 -9.75 5.40 5.01
CA GLY A 54 -10.76 6.45 5.21
C GLY A 54 -10.91 7.39 4.01
N ASN A 55 -9.82 7.56 3.22
CA ASN A 55 -9.84 8.45 2.03
C ASN A 55 -10.28 7.66 0.79
N ILE A 56 -9.69 6.46 0.57
CA ILE A 56 -10.04 5.59 -0.55
C ILE A 56 -11.39 4.91 -0.22
N PRO A 57 -12.48 5.18 -0.99
CA PRO A 57 -13.84 4.67 -0.67
C PRO A 57 -14.01 3.17 -0.97
N GLU A 58 -12.97 2.56 -1.59
CA GLU A 58 -12.97 1.13 -1.98
C GLU A 58 -12.07 0.31 -1.06
N LEU A 59 -11.41 0.96 -0.08
CA LEU A 59 -10.51 0.29 0.86
C LEU A 59 -11.28 -0.08 2.14
N ASP A 60 -12.02 -1.20 2.06
CA ASP A 60 -12.79 -1.78 3.19
C ASP A 60 -11.96 -2.89 3.87
N SER A 61 -12.65 -3.69 4.71
CA SER A 61 -12.07 -4.80 5.49
C SER A 61 -11.29 -5.82 4.61
N MET A 62 -12.00 -6.57 3.77
CA MET A 62 -11.37 -7.58 2.91
C MET A 62 -10.46 -6.92 1.85
N ALA A 63 -10.73 -5.64 1.53
CA ALA A 63 -9.91 -4.85 0.61
C ALA A 63 -8.49 -4.59 1.18
N VAL A 64 -8.37 -4.36 2.52
CA VAL A 64 -7.02 -4.20 3.15
C VAL A 64 -6.26 -5.51 3.07
N VAL A 65 -6.99 -6.64 3.21
CA VAL A 65 -6.37 -8.00 3.14
C VAL A 65 -5.81 -8.25 1.72
N ASN A 66 -6.60 -7.83 0.72
CA ASN A 66 -6.26 -7.95 -0.70
C ASN A 66 -4.98 -7.17 -1.06
N VAL A 67 -4.87 -5.91 -0.61
CA VAL A 67 -3.70 -5.07 -0.90
C VAL A 67 -2.45 -5.56 -0.14
N ILE A 68 -2.64 -6.20 1.05
CA ILE A 68 -1.55 -6.86 1.79
C ILE A 68 -0.92 -7.96 0.90
N THR A 69 -1.79 -8.87 0.44
CA THR A 69 -1.43 -10.01 -0.41
C THR A 69 -0.73 -9.54 -1.71
N ALA A 70 -1.29 -8.47 -2.29
CA ALA A 70 -0.78 -7.87 -3.54
C ALA A 70 0.62 -7.26 -3.34
N LEU A 71 0.87 -6.62 -2.17
CA LEU A 71 2.22 -6.10 -1.80
C LEU A 71 3.25 -7.25 -1.84
N GLU A 72 2.87 -8.37 -1.18
CA GLU A 72 3.68 -9.62 -1.14
C GLU A 72 4.08 -10.05 -2.58
N GLU A 73 3.07 -10.12 -3.45
CA GLU A 73 3.21 -10.63 -4.83
C GLU A 73 4.14 -9.75 -5.69
N TYR A 74 3.79 -8.46 -5.81
CA TYR A 74 4.44 -7.53 -6.75
C TYR A 74 5.90 -7.20 -6.37
N PHE A 75 6.18 -7.10 -5.06
CA PHE A 75 7.56 -6.86 -4.56
C PHE A 75 8.33 -8.17 -4.32
N ASP A 76 7.60 -9.32 -4.28
CA ASP A 76 8.17 -10.67 -4.14
C ASP A 76 8.87 -10.84 -2.76
N PHE A 77 8.13 -10.45 -1.71
CA PHE A 77 8.60 -10.56 -0.31
C PHE A 77 7.41 -10.93 0.59
N SER A 78 7.61 -10.85 1.91
CA SER A 78 6.53 -11.01 2.88
C SER A 78 6.66 -9.97 4.02
N VAL A 79 5.54 -9.30 4.31
CA VAL A 79 5.39 -8.46 5.51
C VAL A 79 4.82 -9.35 6.63
N ASP A 80 5.46 -9.32 7.80
CA ASP A 80 5.03 -10.13 8.96
C ASP A 80 3.75 -9.52 9.58
N ASP A 81 2.87 -10.35 10.15
CA ASP A 81 1.56 -9.89 10.68
C ASP A 81 1.72 -8.94 11.89
N ASP A 82 2.82 -9.12 12.65
CA ASP A 82 3.14 -8.32 13.85
C ASP A 82 3.53 -6.86 13.45
N GLU A 83 4.10 -6.68 12.24
CA GLU A 83 4.53 -5.35 11.75
C GLU A 83 3.42 -4.70 10.90
N ILE A 84 2.40 -5.49 10.49
CA ILE A 84 1.20 -4.96 9.82
C ILE A 84 0.28 -4.26 10.84
N SER A 85 0.24 -2.93 10.79
CA SER A 85 -0.68 -2.11 11.59
C SER A 85 -1.66 -1.37 10.66
N ALA A 86 -2.71 -0.79 11.26
CA ALA A 86 -3.56 0.21 10.58
C ALA A 86 -2.72 1.47 10.30
N GLN A 87 -1.76 1.72 11.20
CA GLN A 87 -0.80 2.83 11.11
C GLN A 87 0.23 2.60 9.98
N THR A 88 0.26 1.37 9.43
CA THR A 88 1.06 1.05 8.24
C THR A 88 0.29 1.54 6.99
N PHE A 89 -1.04 1.33 6.98
CA PHE A 89 -1.92 1.63 5.81
C PHE A 89 -2.66 2.97 5.93
N GLU A 90 -2.25 3.79 6.90
CA GLU A 90 -2.84 5.13 7.12
C GLU A 90 -2.64 6.06 5.90
N THR A 91 -1.43 6.06 5.34
CA THR A 91 -1.06 6.88 4.17
C THR A 91 -0.02 6.17 3.31
N LEU A 92 0.07 6.57 2.02
CA LEU A 92 0.98 5.97 1.03
C LEU A 92 2.45 6.04 1.50
N GLY A 93 2.78 7.15 2.19
CA GLY A 93 4.11 7.38 2.74
C GLY A 93 4.54 6.29 3.71
N SER A 94 3.59 5.88 4.58
CA SER A 94 3.84 4.84 5.60
C SER A 94 4.15 3.48 4.95
N LEU A 95 3.33 3.06 3.94
CA LEU A 95 3.59 1.80 3.19
C LEU A 95 4.97 1.83 2.56
N ALA A 96 5.29 2.98 1.95
CA ALA A 96 6.55 3.21 1.26
C ALA A 96 7.73 3.02 2.20
N LEU A 97 7.63 3.58 3.44
CA LEU A 97 8.69 3.44 4.48
C LEU A 97 8.92 1.96 4.81
N PHE A 98 7.82 1.23 5.11
CA PHE A 98 7.89 -0.21 5.46
C PHE A 98 8.59 -1.02 4.37
N VAL A 99 8.09 -0.92 3.13
CA VAL A 99 8.63 -1.67 1.98
C VAL A 99 10.05 -1.20 1.60
N GLU A 100 10.42 0.07 1.94
CA GLU A 100 11.83 0.52 1.81
C GLU A 100 12.72 -0.40 2.62
N HIS A 101 12.41 -0.51 3.93
CA HIS A 101 13.22 -1.27 4.90
C HIS A 101 13.32 -2.76 4.49
N LYS A 102 12.16 -3.34 4.13
CA LYS A 102 12.02 -4.76 3.77
C LYS A 102 12.93 -5.15 2.59
N LEU A 103 12.77 -4.43 1.47
CA LEU A 103 13.49 -4.72 0.21
C LEU A 103 14.95 -4.21 0.25
N SER A 104 15.30 -3.35 1.24
CA SER A 104 16.70 -2.91 1.46
C SER A 104 17.51 -3.99 2.19
N HIS A 105 16.82 -4.92 2.89
CA HIS A 105 17.48 -6.07 3.55
C HIS A 105 17.97 -7.08 2.48
N MET A 23 10.28 8.80 -1.68
CA MET A 23 10.26 7.39 -1.26
C MET A 23 9.85 6.55 -2.47
N GLN A 24 10.84 5.98 -3.19
CA GLN A 24 10.65 5.44 -4.57
C GLN A 24 9.53 4.39 -4.67
N HIS A 25 9.39 3.55 -3.62
CA HIS A 25 8.46 2.42 -3.61
C HIS A 25 7.00 2.85 -3.48
N LEU A 26 6.75 4.16 -3.19
CA LEU A 26 5.38 4.74 -3.17
C LEU A 26 4.66 4.47 -4.52
N GLU A 27 5.48 4.44 -5.59
CA GLU A 27 5.02 4.28 -6.97
C GLU A 27 4.44 2.87 -7.21
N ALA A 28 5.22 1.84 -6.84
CA ALA A 28 4.81 0.44 -7.04
C ALA A 28 3.65 0.07 -6.10
N VAL A 29 3.66 0.64 -4.88
CA VAL A 29 2.60 0.41 -3.89
C VAL A 29 1.26 1.01 -4.39
N ARG A 30 1.29 2.27 -4.88
CA ARG A 30 0.07 2.98 -5.35
C ARG A 30 -0.45 2.35 -6.64
N ASN A 31 0.49 1.76 -7.41
CA ASN A 31 0.18 0.98 -8.60
C ASN A 31 -0.70 -0.23 -8.21
N ILE A 32 -0.29 -0.91 -7.11
CA ILE A 32 -1.01 -2.06 -6.52
C ILE A 32 -2.39 -1.64 -5.98
N LEU A 33 -2.44 -0.53 -5.24
CA LEU A 33 -3.68 -0.01 -4.62
C LEU A 33 -4.74 0.32 -5.68
N GLY A 34 -4.28 0.96 -6.76
CA GLY A 34 -5.13 1.29 -7.88
C GLY A 34 -5.42 0.10 -8.78
N ASP A 35 -4.59 -0.94 -8.68
CA ASP A 35 -4.79 -2.21 -9.41
C ASP A 35 -5.92 -3.02 -8.76
N VAL A 36 -5.91 -3.05 -7.41
CA VAL A 36 -6.80 -3.89 -6.61
C VAL A 36 -8.17 -3.23 -6.42
N LEU A 37 -8.19 -1.93 -6.06
CA LEU A 37 -9.43 -1.17 -5.80
C LEU A 37 -9.86 -0.32 -7.01
N ASN A 38 -9.08 -0.40 -8.11
CA ASN A 38 -9.40 0.22 -9.41
C ASN A 38 -9.53 1.75 -9.29
N LEU A 39 -8.41 2.41 -8.92
CA LEU A 39 -8.34 3.89 -8.79
C LEU A 39 -8.12 4.54 -10.17
N GLY A 40 -7.43 3.81 -11.08
CA GLY A 40 -7.20 4.27 -12.45
C GLY A 40 -6.17 5.39 -12.52
N GLU A 41 -6.64 6.63 -12.76
CA GLU A 41 -5.79 7.83 -12.78
C GLU A 41 -5.54 8.34 -11.35
N ARG A 42 -6.47 7.99 -10.42
CA ARG A 42 -6.45 8.47 -9.02
C ARG A 42 -5.18 7.92 -8.31
N LYS A 43 -4.80 6.67 -8.67
CA LYS A 43 -3.62 6.00 -8.07
C LYS A 43 -2.31 6.70 -8.45
N HIS A 44 -2.33 7.43 -9.58
CA HIS A 44 -1.13 8.12 -10.10
C HIS A 44 -1.09 9.57 -9.62
N THR A 45 -2.26 10.24 -9.65
CA THR A 45 -2.37 11.70 -9.38
C THR A 45 -2.26 12.03 -7.87
N LEU A 46 -2.00 11.01 -7.03
CA LEU A 46 -1.75 11.17 -5.59
C LEU A 46 -0.23 11.23 -5.31
N THR A 47 0.12 11.38 -4.01
CA THR A 47 1.51 11.33 -3.51
C THR A 47 1.57 10.41 -2.27
N ALA A 48 2.73 10.40 -1.58
CA ALA A 48 2.90 9.71 -0.28
C ALA A 48 1.98 10.32 0.81
N SER A 49 1.58 11.58 0.59
CA SER A 49 0.70 12.34 1.50
C SER A 49 -0.77 11.89 1.37
N SER A 50 -1.07 10.98 0.42
CA SER A 50 -2.42 10.43 0.23
C SER A 50 -2.79 9.48 1.39
N VAL A 51 -3.98 9.69 1.97
CA VAL A 51 -4.53 8.82 3.02
C VAL A 51 -5.30 7.67 2.35
N LEU A 52 -5.14 6.45 2.87
CA LEU A 52 -5.73 5.23 2.26
C LEU A 52 -6.94 4.74 3.06
N LEU A 53 -6.69 4.17 4.26
CA LEU A 53 -7.74 3.69 5.17
C LEU A 53 -8.78 4.79 5.44
N GLY A 54 -10.04 4.52 5.05
CA GLY A 54 -11.16 5.42 5.29
C GLY A 54 -11.34 6.47 4.19
N ASN A 55 -10.22 7.03 3.72
CA ASN A 55 -10.21 8.12 2.73
C ASN A 55 -10.62 7.62 1.34
N ILE A 56 -9.99 6.51 0.91
CA ILE A 56 -10.34 5.85 -0.36
C ILE A 56 -11.69 5.12 -0.17
N PRO A 57 -12.76 5.52 -0.91
CA PRO A 57 -14.12 4.97 -0.74
C PRO A 57 -14.28 3.53 -1.29
N GLU A 58 -13.19 2.99 -1.86
CA GLU A 58 -13.13 1.62 -2.40
C GLU A 58 -12.30 0.71 -1.50
N LEU A 59 -11.71 1.26 -0.42
CA LEU A 59 -10.81 0.51 0.47
C LEU A 59 -11.54 0.22 1.78
N ASP A 60 -12.00 -1.04 1.94
CA ASP A 60 -12.67 -1.54 3.15
C ASP A 60 -11.80 -2.61 3.86
N SER A 61 -12.44 -3.35 4.78
CA SER A 61 -11.90 -4.55 5.48
C SER A 61 -11.16 -5.54 4.54
N MET A 62 -11.92 -6.18 3.64
CA MET A 62 -11.37 -7.18 2.70
C MET A 62 -10.35 -6.55 1.73
N ALA A 63 -10.48 -5.24 1.49
CA ALA A 63 -9.51 -4.48 0.68
C ALA A 63 -8.13 -4.41 1.33
N VAL A 64 -8.06 -4.26 2.68
CA VAL A 64 -6.77 -4.26 3.42
C VAL A 64 -6.08 -5.61 3.21
N VAL A 65 -6.88 -6.69 3.19
CA VAL A 65 -6.35 -8.07 3.05
C VAL A 65 -5.80 -8.30 1.64
N ASN A 66 -6.60 -7.85 0.66
CA ASN A 66 -6.30 -7.94 -0.78
C ASN A 66 -4.96 -7.26 -1.13
N VAL A 67 -4.72 -6.07 -0.56
CA VAL A 67 -3.51 -5.28 -0.83
C VAL A 67 -2.28 -5.82 -0.06
N ILE A 68 -2.49 -6.45 1.12
CA ILE A 68 -1.38 -7.16 1.83
C ILE A 68 -0.83 -8.27 0.91
N THR A 69 -1.77 -9.15 0.49
CA THR A 69 -1.49 -10.29 -0.39
C THR A 69 -0.79 -9.83 -1.69
N ALA A 70 -1.36 -8.79 -2.31
CA ALA A 70 -0.85 -8.21 -3.56
C ALA A 70 0.57 -7.64 -3.40
N LEU A 71 0.84 -6.94 -2.26
CA LEU A 71 2.19 -6.40 -1.93
C LEU A 71 3.23 -7.55 -1.97
N GLU A 72 2.91 -8.63 -1.24
CA GLU A 72 3.74 -9.86 -1.14
C GLU A 72 4.06 -10.43 -2.54
N GLU A 73 3.03 -10.46 -3.42
CA GLU A 73 3.15 -10.98 -4.79
C GLU A 73 4.12 -10.15 -5.65
N TYR A 74 3.76 -8.87 -5.87
CA TYR A 74 4.47 -7.97 -6.82
C TYR A 74 5.95 -7.73 -6.44
N PHE A 75 6.22 -7.53 -5.14
CA PHE A 75 7.62 -7.29 -4.67
C PHE A 75 8.36 -8.61 -4.35
N ASP A 76 7.61 -9.72 -4.11
CA ASP A 76 8.16 -11.05 -3.76
C ASP A 76 8.91 -11.01 -2.41
N PHE A 77 8.17 -10.62 -1.37
CA PHE A 77 8.70 -10.51 0.01
C PHE A 77 7.59 -10.84 1.02
N SER A 78 7.91 -10.72 2.32
CA SER A 78 6.92 -10.88 3.39
C SER A 78 7.01 -9.72 4.40
N VAL A 79 5.90 -8.94 4.52
CA VAL A 79 5.74 -7.95 5.60
C VAL A 79 5.36 -8.74 6.87
N ASP A 80 6.12 -8.56 7.96
CA ASP A 80 5.91 -9.31 9.22
C ASP A 80 4.55 -8.94 9.84
N ASP A 81 3.79 -9.94 10.31
CA ASP A 81 2.40 -9.75 10.80
C ASP A 81 2.34 -8.78 12.02
N ASP A 82 3.45 -8.72 12.79
CA ASP A 82 3.55 -7.86 13.99
C ASP A 82 3.91 -6.40 13.63
N GLU A 83 4.45 -6.17 12.42
CA GLU A 83 4.77 -4.80 11.95
C GLU A 83 3.58 -4.24 11.16
N ILE A 84 2.69 -5.14 10.67
CA ILE A 84 1.45 -4.75 10.00
C ILE A 84 0.46 -4.20 11.03
N SER A 85 0.17 -2.91 10.90
CA SER A 85 -0.80 -2.18 11.70
C SER A 85 -1.74 -1.41 10.75
N ALA A 86 -2.75 -0.76 11.31
CA ALA A 86 -3.58 0.22 10.58
C ALA A 86 -2.71 1.45 10.22
N GLN A 87 -1.71 1.74 11.07
CA GLN A 87 -0.76 2.84 10.86
C GLN A 87 0.26 2.51 9.74
N THR A 88 0.32 1.23 9.32
CA THR A 88 1.11 0.80 8.16
C THR A 88 0.37 1.15 6.85
N PHE A 89 -0.99 1.12 6.91
CA PHE A 89 -1.86 1.37 5.73
C PHE A 89 -2.61 2.71 5.82
N GLU A 90 -2.29 3.54 6.83
CA GLU A 90 -3.00 4.82 7.05
C GLU A 90 -2.76 5.80 5.87
N THR A 91 -1.51 5.83 5.36
CA THR A 91 -1.13 6.63 4.17
C THR A 91 -0.24 5.80 3.24
N LEU A 92 -0.10 6.25 1.98
CA LEU A 92 0.82 5.67 1.01
C LEU A 92 2.28 5.78 1.49
N GLY A 93 2.57 6.91 2.19
CA GLY A 93 3.89 7.16 2.77
C GLY A 93 4.28 6.14 3.81
N SER A 94 3.26 5.59 4.52
CA SER A 94 3.43 4.54 5.51
C SER A 94 3.87 3.23 4.84
N LEU A 95 3.12 2.77 3.79
CA LEU A 95 3.49 1.55 3.04
C LEU A 95 4.88 1.67 2.43
N ALA A 96 5.13 2.83 1.79
CA ALA A 96 6.41 3.15 1.16
C ALA A 96 7.55 2.96 2.16
N LEU A 97 7.39 3.56 3.36
CA LEU A 97 8.38 3.52 4.47
C LEU A 97 8.74 2.05 4.82
N PHE A 98 7.69 1.26 5.14
CA PHE A 98 7.81 -0.16 5.54
C PHE A 98 8.51 -1.01 4.47
N VAL A 99 7.99 -0.96 3.23
CA VAL A 99 8.53 -1.78 2.11
C VAL A 99 9.94 -1.34 1.69
N GLU A 100 10.30 -0.05 1.94
CA GLU A 100 11.68 0.45 1.76
C GLU A 100 12.64 -0.33 2.68
N HIS A 101 12.25 -0.49 3.96
CA HIS A 101 13.02 -1.31 4.93
C HIS A 101 13.15 -2.77 4.43
N LYS A 102 12.00 -3.35 4.06
CA LYS A 102 11.88 -4.79 3.74
C LYS A 102 12.71 -5.21 2.52
N LEU A 103 12.54 -4.47 1.41
CA LEU A 103 13.22 -4.76 0.13
C LEU A 103 14.72 -4.38 0.16
N SER A 104 15.14 -3.61 1.18
CA SER A 104 16.56 -3.31 1.42
C SER A 104 17.22 -4.36 2.35
N HIS A 105 16.43 -5.34 2.82
CA HIS A 105 16.92 -6.46 3.64
C HIS A 105 16.57 -7.80 2.93
N MET A 23 11.14 8.56 -1.00
CA MET A 23 10.89 7.14 -1.36
C MET A 23 10.84 6.95 -2.88
N GLN A 24 11.27 5.78 -3.33
CA GLN A 24 11.13 5.32 -4.71
C GLN A 24 9.92 4.36 -4.83
N HIS A 25 9.68 3.56 -3.76
CA HIS A 25 8.75 2.42 -3.79
C HIS A 25 7.27 2.82 -3.77
N LEU A 26 6.95 4.05 -3.33
CA LEU A 26 5.55 4.56 -3.27
C LEU A 26 4.84 4.43 -4.63
N GLU A 27 5.62 4.50 -5.73
CA GLU A 27 5.11 4.42 -7.10
C GLU A 27 4.51 3.03 -7.38
N ALA A 28 5.26 1.97 -7.02
CA ALA A 28 4.82 0.58 -7.23
C ALA A 28 3.73 0.19 -6.22
N VAL A 29 3.77 0.77 -5.01
CA VAL A 29 2.74 0.53 -3.98
C VAL A 29 1.37 1.08 -4.47
N ARG A 30 1.38 2.32 -5.00
CA ARG A 30 0.15 3.00 -5.49
C ARG A 30 -0.32 2.40 -6.82
N ASN A 31 0.64 1.81 -7.57
CA ASN A 31 0.32 1.04 -8.79
C ASN A 31 -0.57 -0.16 -8.40
N ILE A 32 -0.14 -0.86 -7.34
CA ILE A 32 -0.85 -2.00 -6.75
C ILE A 32 -2.23 -1.56 -6.21
N LEU A 33 -2.28 -0.43 -5.48
CA LEU A 33 -3.53 0.11 -4.90
C LEU A 33 -4.52 0.49 -6.01
N GLY A 34 -4.01 1.13 -7.07
CA GLY A 34 -4.83 1.52 -8.21
C GLY A 34 -5.25 0.33 -9.06
N ASP A 35 -4.55 -0.81 -8.90
CA ASP A 35 -4.92 -2.07 -9.56
C ASP A 35 -6.02 -2.80 -8.76
N VAL A 36 -5.80 -3.00 -7.45
CA VAL A 36 -6.70 -3.77 -6.58
C VAL A 36 -8.02 -3.02 -6.41
N LEU A 37 -7.93 -1.77 -5.89
CA LEU A 37 -9.11 -0.93 -5.57
C LEU A 37 -9.66 -0.24 -6.83
N ASN A 38 -8.87 -0.30 -7.93
CA ASN A 38 -9.26 0.20 -9.26
C ASN A 38 -9.39 1.74 -9.24
N LEU A 39 -8.36 2.44 -8.68
CA LEU A 39 -8.26 3.92 -8.75
C LEU A 39 -8.03 4.36 -10.21
N GLY A 40 -7.27 3.52 -10.96
CA GLY A 40 -6.94 3.79 -12.36
C GLY A 40 -6.08 5.03 -12.55
N GLU A 41 -6.75 6.17 -12.78
CA GLU A 41 -6.11 7.49 -12.98
C GLU A 41 -5.70 8.09 -11.62
N ARG A 42 -6.54 7.83 -10.59
CA ARG A 42 -6.42 8.48 -9.26
C ARG A 42 -5.14 8.03 -8.52
N LYS A 43 -4.64 6.82 -8.84
CA LYS A 43 -3.42 6.27 -8.21
C LYS A 43 -2.19 7.13 -8.55
N HIS A 44 -2.21 7.77 -9.73
CA HIS A 44 -1.06 8.55 -10.23
C HIS A 44 -1.10 9.99 -9.68
N THR A 45 -2.32 10.51 -9.41
CA THR A 45 -2.51 11.90 -8.96
C THR A 45 -2.34 12.04 -7.43
N LEU A 46 -2.24 10.90 -6.73
CA LEU A 46 -2.02 10.89 -5.27
C LEU A 46 -0.51 10.76 -4.98
N THR A 47 -0.07 11.30 -3.82
CA THR A 47 1.34 11.28 -3.39
C THR A 47 1.49 10.38 -2.15
N ALA A 48 2.71 10.37 -1.55
CA ALA A 48 2.97 9.69 -0.26
C ALA A 48 2.12 10.29 0.87
N SER A 49 1.69 11.56 0.69
CA SER A 49 0.87 12.31 1.65
C SER A 49 -0.64 11.96 1.54
N SER A 50 -1.01 11.04 0.63
CA SER A 50 -2.42 10.60 0.47
C SER A 50 -2.77 9.53 1.52
N VAL A 51 -3.98 9.65 2.10
CA VAL A 51 -4.54 8.69 3.05
C VAL A 51 -5.27 7.57 2.29
N LEU A 52 -5.22 6.34 2.81
CA LEU A 52 -5.87 5.16 2.19
C LEU A 52 -7.10 4.73 3.00
N LEU A 53 -6.86 4.17 4.21
CA LEU A 53 -7.91 3.73 5.14
C LEU A 53 -8.95 4.83 5.42
N GLY A 54 -10.20 4.57 4.97
CA GLY A 54 -11.33 5.47 5.21
C GLY A 54 -11.44 6.62 4.21
N ASN A 55 -10.29 7.04 3.65
CA ASN A 55 -10.22 8.11 2.65
C ASN A 55 -10.68 7.60 1.29
N ILE A 56 -9.98 6.57 0.78
CA ILE A 56 -10.37 5.87 -0.44
C ILE A 56 -11.63 5.04 -0.12
N PRO A 57 -12.77 5.26 -0.85
CA PRO A 57 -14.06 4.58 -0.55
C PRO A 57 -14.03 3.08 -0.87
N GLU A 58 -12.93 2.64 -1.55
CA GLU A 58 -12.73 1.24 -1.94
C GLU A 58 -11.88 0.50 -0.88
N LEU A 59 -11.12 1.26 -0.07
CA LEU A 59 -10.16 0.70 0.91
C LEU A 59 -10.93 0.32 2.20
N ASP A 60 -11.58 -0.86 2.16
CA ASP A 60 -12.42 -1.42 3.24
C ASP A 60 -11.72 -2.70 3.84
N SER A 61 -12.46 -3.48 4.67
CA SER A 61 -11.94 -4.65 5.44
C SER A 61 -11.17 -5.69 4.58
N MET A 62 -11.89 -6.43 3.72
CA MET A 62 -11.28 -7.46 2.84
C MET A 62 -10.32 -6.82 1.81
N ALA A 63 -10.52 -5.51 1.56
CA ALA A 63 -9.63 -4.72 0.70
C ALA A 63 -8.23 -4.54 1.33
N VAL A 64 -8.16 -4.39 2.69
CA VAL A 64 -6.85 -4.31 3.39
C VAL A 64 -6.10 -5.64 3.22
N VAL A 65 -6.87 -6.73 3.26
CA VAL A 65 -6.29 -8.10 3.13
C VAL A 65 -5.75 -8.32 1.71
N ASN A 66 -6.55 -7.88 0.74
CA ASN A 66 -6.26 -7.99 -0.70
C ASN A 66 -5.00 -7.21 -1.10
N VAL A 67 -4.80 -6.02 -0.50
CA VAL A 67 -3.62 -5.17 -0.81
C VAL A 67 -2.36 -5.65 -0.08
N ILE A 68 -2.50 -6.28 1.11
CA ILE A 68 -1.36 -6.94 1.79
C ILE A 68 -0.81 -8.03 0.86
N THR A 69 -1.71 -8.95 0.48
CA THR A 69 -1.41 -10.10 -0.38
C THR A 69 -0.80 -9.64 -1.73
N ALA A 70 -1.40 -8.60 -2.30
CA ALA A 70 -0.95 -8.00 -3.57
C ALA A 70 0.50 -7.49 -3.47
N LEU A 71 0.81 -6.72 -2.39
CA LEU A 71 2.19 -6.25 -2.10
C LEU A 71 3.19 -7.43 -2.11
N GLU A 72 2.81 -8.50 -1.37
CA GLU A 72 3.63 -9.73 -1.24
C GLU A 72 3.92 -10.37 -2.61
N GLU A 73 2.89 -10.42 -3.48
CA GLU A 73 2.96 -11.05 -4.81
C GLU A 73 3.89 -10.29 -5.77
N TYR A 74 3.68 -8.98 -5.91
CA TYR A 74 4.42 -8.15 -6.89
C TYR A 74 5.91 -7.96 -6.49
N PHE A 75 6.19 -7.77 -5.19
CA PHE A 75 7.59 -7.58 -4.71
C PHE A 75 8.29 -8.91 -4.32
N ASP A 76 7.49 -9.99 -4.13
CA ASP A 76 7.97 -11.34 -3.68
C ASP A 76 8.69 -11.23 -2.31
N PHE A 77 7.93 -10.83 -1.28
CA PHE A 77 8.43 -10.72 0.11
C PHE A 77 7.29 -11.02 1.10
N SER A 78 7.57 -10.87 2.42
CA SER A 78 6.52 -10.94 3.45
C SER A 78 6.68 -9.80 4.48
N VAL A 79 5.68 -8.90 4.55
CA VAL A 79 5.56 -7.91 5.64
C VAL A 79 5.21 -8.69 6.94
N ASP A 80 5.97 -8.48 8.02
CA ASP A 80 5.80 -9.28 9.26
C ASP A 80 4.50 -8.87 10.00
N ASP A 81 3.82 -9.86 10.59
CA ASP A 81 2.56 -9.68 11.33
C ASP A 81 2.63 -8.55 12.38
N ASP A 82 3.75 -8.52 13.14
CA ASP A 82 3.94 -7.59 14.27
C ASP A 82 4.10 -6.13 13.80
N GLU A 83 4.48 -5.92 12.52
CA GLU A 83 4.68 -4.57 11.97
C GLU A 83 3.43 -4.13 11.16
N ILE A 84 2.60 -5.10 10.72
CA ILE A 84 1.34 -4.80 9.99
C ILE A 84 0.27 -4.30 10.97
N SER A 85 -0.18 -3.05 10.77
CA SER A 85 -1.28 -2.45 11.51
C SER A 85 -2.09 -1.53 10.56
N ALA A 86 -3.14 -0.90 11.11
CA ALA A 86 -3.87 0.20 10.48
C ALA A 86 -2.91 1.39 10.23
N GLN A 87 -1.96 1.57 11.16
CA GLN A 87 -0.93 2.62 11.11
C GLN A 87 0.06 2.40 9.95
N THR A 88 0.10 1.18 9.42
CA THR A 88 0.92 0.82 8.25
C THR A 88 0.19 1.24 6.95
N PHE A 89 -1.15 1.08 6.94
CA PHE A 89 -1.99 1.36 5.74
C PHE A 89 -2.78 2.67 5.87
N GLU A 90 -2.39 3.52 6.85
CA GLU A 90 -3.01 4.83 7.06
C GLU A 90 -2.78 5.74 5.83
N THR A 91 -1.55 5.77 5.31
CA THR A 91 -1.17 6.58 4.15
C THR A 91 -0.25 5.78 3.20
N LEU A 92 -0.19 6.20 1.91
CA LEU A 92 0.72 5.62 0.90
C LEU A 92 2.18 5.66 1.39
N GLY A 93 2.52 6.80 2.03
CA GLY A 93 3.85 7.02 2.57
C GLY A 93 4.25 5.97 3.58
N SER A 94 3.31 5.58 4.45
CA SER A 94 3.54 4.55 5.48
C SER A 94 3.93 3.21 4.85
N LEU A 95 3.20 2.79 3.78
CA LEU A 95 3.55 1.56 3.03
C LEU A 95 4.93 1.71 2.37
N ALA A 96 5.19 2.89 1.80
CA ALA A 96 6.42 3.17 1.06
C ALA A 96 7.65 2.99 1.96
N LEU A 97 7.62 3.58 3.16
CA LEU A 97 8.73 3.51 4.14
C LEU A 97 8.93 2.06 4.63
N PHE A 98 7.80 1.37 4.92
CA PHE A 98 7.85 -0.04 5.36
C PHE A 98 8.54 -0.91 4.30
N VAL A 99 8.09 -0.83 3.04
CA VAL A 99 8.64 -1.65 1.93
C VAL A 99 10.07 -1.19 1.53
N GLU A 100 10.44 0.09 1.80
CA GLU A 100 11.84 0.56 1.70
C GLU A 100 12.73 -0.31 2.59
N HIS A 101 12.24 -0.55 3.83
CA HIS A 101 12.97 -1.35 4.83
C HIS A 101 12.96 -2.85 4.47
N LYS A 102 11.81 -3.34 3.98
CA LYS A 102 11.58 -4.77 3.71
C LYS A 102 12.49 -5.30 2.61
N LEU A 103 12.48 -4.62 1.47
CA LEU A 103 13.26 -5.02 0.27
C LEU A 103 14.77 -4.69 0.45
N SER A 104 15.10 -3.88 1.48
CA SER A 104 16.51 -3.60 1.88
C SER A 104 16.85 -4.26 3.24
N HIS A 105 16.08 -5.31 3.66
CA HIS A 105 16.17 -5.95 5.00
C HIS A 105 17.63 -6.34 5.41
N MET A 23 11.11 8.26 -0.70
CA MET A 23 10.77 6.86 -1.03
C MET A 23 10.86 6.65 -2.54
N GLN A 24 11.34 5.45 -2.93
CA GLN A 24 11.34 4.99 -4.33
C GLN A 24 10.14 4.06 -4.60
N HIS A 25 9.81 3.24 -3.58
CA HIS A 25 8.85 2.13 -3.70
C HIS A 25 7.39 2.59 -3.74
N LEU A 26 7.15 3.88 -3.41
CA LEU A 26 5.76 4.45 -3.40
C LEU A 26 5.09 4.32 -4.79
N GLU A 27 5.92 4.18 -5.85
CA GLU A 27 5.48 3.98 -7.23
C GLU A 27 4.65 2.69 -7.35
N ALA A 28 5.26 1.53 -7.00
CA ALA A 28 4.61 0.23 -7.10
C ALA A 28 3.57 0.03 -6.00
N VAL A 29 3.71 0.74 -4.87
CA VAL A 29 2.71 0.72 -3.79
C VAL A 29 1.38 1.32 -4.32
N ARG A 30 1.44 2.56 -4.86
CA ARG A 30 0.24 3.26 -5.38
C ARG A 30 -0.28 2.57 -6.64
N ASN A 31 0.64 1.92 -7.39
CA ASN A 31 0.31 1.15 -8.60
C ASN A 31 -0.66 0.02 -8.24
N ILE A 32 -0.27 -0.77 -7.24
CA ILE A 32 -1.01 -1.92 -6.76
C ILE A 32 -2.37 -1.49 -6.16
N LEU A 33 -2.33 -0.53 -5.23
CA LEU A 33 -3.52 -0.08 -4.49
C LEU A 33 -4.58 0.49 -5.44
N GLY A 34 -4.16 1.25 -6.45
CA GLY A 34 -5.07 1.76 -7.45
C GLY A 34 -5.52 0.72 -8.45
N ASP A 35 -4.72 -0.34 -8.63
CA ASP A 35 -5.02 -1.45 -9.55
C ASP A 35 -6.00 -2.44 -8.91
N VAL A 36 -6.00 -2.51 -7.56
CA VAL A 36 -6.92 -3.37 -6.79
C VAL A 36 -8.24 -2.62 -6.54
N LEU A 37 -8.15 -1.45 -5.85
CA LEU A 37 -9.34 -0.68 -5.42
C LEU A 37 -9.98 0.12 -6.59
N ASN A 38 -9.44 -0.06 -7.82
CA ASN A 38 -10.07 0.41 -9.08
C ASN A 38 -10.01 1.95 -9.20
N LEU A 39 -8.89 2.53 -8.76
CA LEU A 39 -8.58 3.97 -8.93
C LEU A 39 -8.15 4.25 -10.38
N GLY A 40 -7.48 3.26 -11.01
CA GLY A 40 -7.04 3.35 -12.40
C GLY A 40 -5.96 4.42 -12.62
N GLU A 41 -6.37 5.62 -13.03
CA GLU A 41 -5.46 6.76 -13.27
C GLU A 41 -5.28 7.61 -11.99
N ARG A 42 -6.29 7.55 -11.08
CA ARG A 42 -6.32 8.36 -9.85
C ARG A 42 -5.14 8.01 -8.91
N LYS A 43 -4.64 6.77 -9.01
CA LYS A 43 -3.49 6.31 -8.19
C LYS A 43 -2.18 7.06 -8.57
N HIS A 44 -2.09 7.47 -9.83
CA HIS A 44 -0.89 8.11 -10.39
C HIS A 44 -0.84 9.61 -10.05
N THR A 45 -2.01 10.20 -9.74
CA THR A 45 -2.12 11.65 -9.41
C THR A 45 -2.04 11.91 -7.89
N LEU A 46 -1.82 10.85 -7.07
CA LEU A 46 -1.66 11.01 -5.61
C LEU A 46 -0.18 10.76 -5.20
N THR A 47 0.20 11.27 -4.01
CA THR A 47 1.59 11.20 -3.50
C THR A 47 1.67 10.36 -2.22
N ALA A 48 2.86 10.32 -1.61
CA ALA A 48 3.08 9.65 -0.31
C ALA A 48 2.36 10.37 0.85
N SER A 49 1.96 11.64 0.62
CA SER A 49 1.14 12.41 1.57
C SER A 49 -0.33 11.93 1.57
N SER A 50 -0.77 11.31 0.45
CA SER A 50 -2.16 10.88 0.24
C SER A 50 -2.57 9.80 1.25
N VAL A 51 -3.68 10.07 1.96
CA VAL A 51 -4.23 9.16 2.97
C VAL A 51 -5.01 8.04 2.26
N LEU A 52 -5.01 6.84 2.83
CA LEU A 52 -5.67 5.66 2.26
C LEU A 52 -6.79 5.18 3.17
N LEU A 53 -6.41 4.66 4.35
CA LEU A 53 -7.37 4.21 5.37
C LEU A 53 -8.23 5.40 5.83
N GLY A 54 -9.52 5.35 5.47
CA GLY A 54 -10.49 6.40 5.80
C GLY A 54 -10.76 7.37 4.65
N ASN A 55 -9.78 7.53 3.73
CA ASN A 55 -9.93 8.43 2.55
C ASN A 55 -10.54 7.65 1.36
N ILE A 56 -9.96 6.49 1.05
CA ILE A 56 -10.44 5.62 -0.03
C ILE A 56 -11.64 4.81 0.49
N PRO A 57 -12.86 4.96 -0.11
CA PRO A 57 -14.08 4.28 0.38
C PRO A 57 -14.12 2.78 0.04
N GLU A 58 -13.13 2.34 -0.76
CA GLU A 58 -13.04 0.97 -1.28
C GLU A 58 -12.15 0.09 -0.37
N LEU A 59 -11.33 0.75 0.47
CA LEU A 59 -10.33 0.07 1.31
C LEU A 59 -11.00 -0.37 2.64
N ASP A 60 -11.58 -1.57 2.65
CA ASP A 60 -12.26 -2.16 3.83
C ASP A 60 -11.57 -3.51 4.22
N SER A 61 -12.19 -4.26 5.15
CA SER A 61 -11.73 -5.55 5.71
C SER A 61 -11.11 -6.54 4.67
N MET A 62 -11.93 -7.08 3.77
CA MET A 62 -11.42 -8.04 2.75
C MET A 62 -10.48 -7.36 1.74
N ALA A 63 -10.70 -6.06 1.51
CA ALA A 63 -9.85 -5.26 0.59
C ALA A 63 -8.42 -5.09 1.10
N VAL A 64 -8.24 -4.98 2.46
CA VAL A 64 -6.89 -4.87 3.04
C VAL A 64 -6.16 -6.22 2.90
N VAL A 65 -6.91 -7.35 2.98
CA VAL A 65 -6.30 -8.70 2.76
C VAL A 65 -5.76 -8.79 1.32
N ASN A 66 -6.62 -8.36 0.39
CA ASN A 66 -6.37 -8.37 -1.07
C ASN A 66 -5.09 -7.59 -1.44
N VAL A 67 -4.97 -6.37 -0.90
CA VAL A 67 -3.85 -5.48 -1.22
C VAL A 67 -2.54 -5.95 -0.58
N ILE A 68 -2.62 -6.58 0.64
CA ILE A 68 -1.43 -7.18 1.27
C ILE A 68 -0.85 -8.27 0.36
N THR A 69 -1.74 -9.20 -0.06
CA THR A 69 -1.40 -10.32 -0.96
C THR A 69 -0.74 -9.82 -2.26
N ALA A 70 -1.33 -8.76 -2.83
CA ALA A 70 -0.85 -8.13 -4.07
C ALA A 70 0.57 -7.52 -3.89
N LEU A 71 0.81 -6.86 -2.74
CA LEU A 71 2.15 -6.33 -2.36
C LEU A 71 3.18 -7.50 -2.32
N GLU A 72 2.78 -8.62 -1.66
CA GLU A 72 3.60 -9.86 -1.54
C GLU A 72 4.05 -10.35 -2.93
N GLU A 73 3.09 -10.34 -3.88
CA GLU A 73 3.31 -10.84 -5.25
C GLU A 73 4.39 -10.03 -5.99
N TYR A 74 4.16 -8.70 -6.10
CA TYR A 74 5.02 -7.81 -6.89
C TYR A 74 6.44 -7.70 -6.31
N PHE A 75 6.54 -7.52 -4.98
CA PHE A 75 7.84 -7.31 -4.31
C PHE A 75 8.51 -8.64 -3.88
N ASP A 76 7.78 -9.78 -4.00
CA ASP A 76 8.32 -11.15 -3.74
C ASP A 76 8.83 -11.30 -2.29
N PHE A 77 8.04 -10.80 -1.34
CA PHE A 77 8.42 -10.76 0.09
C PHE A 77 7.24 -11.14 0.98
N SER A 78 7.45 -11.07 2.30
CA SER A 78 6.36 -11.21 3.27
C SER A 78 6.48 -10.12 4.34
N VAL A 79 5.50 -9.20 4.38
CA VAL A 79 5.42 -8.15 5.40
C VAL A 79 5.09 -8.80 6.75
N ASP A 80 5.84 -8.44 7.80
CA ASP A 80 5.70 -9.03 9.15
C ASP A 80 4.34 -8.60 9.77
N ASP A 81 3.62 -9.58 10.36
CA ASP A 81 2.27 -9.37 10.93
C ASP A 81 2.22 -8.27 12.02
N ASP A 82 3.28 -8.21 12.86
CA ASP A 82 3.34 -7.25 14.00
C ASP A 82 3.57 -5.80 13.53
N GLU A 83 4.07 -5.63 12.30
CA GLU A 83 4.33 -4.29 11.72
C GLU A 83 3.18 -3.89 10.77
N ILE A 84 2.26 -4.85 10.47
CA ILE A 84 1.00 -4.56 9.77
C ILE A 84 -0.07 -4.15 10.80
N SER A 85 -0.56 -2.91 10.69
CA SER A 85 -1.66 -2.38 11.52
C SER A 85 -2.34 -1.22 10.74
N ALA A 86 -3.26 -0.50 11.40
CA ALA A 86 -3.93 0.68 10.79
C ALA A 86 -2.89 1.76 10.40
N GLN A 87 -1.86 1.88 11.26
CA GLN A 87 -0.77 2.87 11.09
C GLN A 87 0.14 2.54 9.88
N THR A 88 -0.02 1.32 9.33
CA THR A 88 0.68 0.89 8.11
C THR A 88 -0.06 1.43 6.89
N PHE A 89 -1.42 1.29 6.90
CA PHE A 89 -2.28 1.65 5.74
C PHE A 89 -2.91 3.03 5.86
N GLU A 90 -2.51 3.79 6.90
CA GLU A 90 -3.03 5.15 7.15
C GLU A 90 -2.80 6.07 5.94
N THR A 91 -1.59 6.03 5.36
CA THR A 91 -1.21 6.84 4.21
C THR A 91 -0.22 6.08 3.32
N LEU A 92 -0.11 6.51 2.05
CA LEU A 92 0.76 5.88 1.04
C LEU A 92 2.22 5.89 1.50
N GLY A 93 2.59 6.99 2.20
CA GLY A 93 3.92 7.19 2.75
C GLY A 93 4.30 6.09 3.71
N SER A 94 3.35 5.68 4.57
CA SER A 94 3.58 4.63 5.56
C SER A 94 3.89 3.29 4.88
N LEU A 95 3.07 2.86 3.88
CA LEU A 95 3.32 1.60 3.13
C LEU A 95 4.70 1.64 2.49
N ALA A 96 5.00 2.77 1.84
CA ALA A 96 6.24 3.00 1.11
C ALA A 96 7.46 2.92 2.05
N LEU A 97 7.31 3.46 3.28
CA LEU A 97 8.38 3.46 4.30
C LEU A 97 8.68 2.02 4.76
N PHE A 98 7.62 1.27 5.11
CA PHE A 98 7.74 -0.14 5.55
C PHE A 98 8.47 -0.97 4.49
N VAL A 99 8.04 -0.86 3.22
CA VAL A 99 8.65 -1.62 2.11
C VAL A 99 10.07 -1.10 1.75
N GLU A 100 10.38 0.19 2.05
CA GLU A 100 11.79 0.70 1.96
C GLU A 100 12.69 -0.16 2.84
N HIS A 101 12.23 -0.37 4.09
CA HIS A 101 12.96 -1.14 5.10
C HIS A 101 13.04 -2.62 4.71
N LYS A 102 11.94 -3.19 4.18
CA LYS A 102 11.82 -4.64 3.88
C LYS A 102 12.82 -5.10 2.83
N LEU A 103 12.79 -4.41 1.67
CA LEU A 103 13.63 -4.78 0.51
C LEU A 103 15.11 -4.43 0.76
N SER A 104 15.39 -3.61 1.79
CA SER A 104 16.76 -3.28 2.22
C SER A 104 17.21 -4.17 3.41
N HIS A 105 16.24 -4.73 4.15
CA HIS A 105 16.49 -5.50 5.38
C HIS A 105 15.23 -6.35 5.71
N MET A 23 11.40 9.27 -1.69
CA MET A 23 11.05 7.84 -1.58
C MET A 23 10.76 7.31 -2.99
N GLN A 24 11.23 6.10 -3.32
CA GLN A 24 11.10 5.53 -4.69
C GLN A 24 9.90 4.56 -4.79
N HIS A 25 9.68 3.76 -3.74
CA HIS A 25 8.72 2.64 -3.77
C HIS A 25 7.26 3.12 -3.64
N LEU A 26 7.02 4.40 -3.29
CA LEU A 26 5.64 4.96 -3.14
C LEU A 26 4.79 4.75 -4.42
N GLU A 27 5.47 4.77 -5.59
CA GLU A 27 4.82 4.67 -6.90
C GLU A 27 4.35 3.24 -7.19
N ALA A 28 5.20 2.26 -6.84
CA ALA A 28 4.87 0.83 -6.97
C ALA A 28 3.74 0.43 -6.01
N VAL A 29 3.77 1.03 -4.79
CA VAL A 29 2.75 0.79 -3.77
C VAL A 29 1.38 1.35 -4.22
N ARG A 30 1.38 2.62 -4.72
CA ARG A 30 0.14 3.29 -5.18
C ARG A 30 -0.40 2.62 -6.45
N ASN A 31 0.51 1.98 -7.22
CA ASN A 31 0.17 1.16 -8.38
C ASN A 31 -0.70 -0.02 -7.94
N ILE A 32 -0.20 -0.73 -6.90
CA ILE A 32 -0.88 -1.88 -6.27
C ILE A 32 -2.26 -1.48 -5.69
N LEU A 33 -2.31 -0.32 -5.04
CA LEU A 33 -3.54 0.20 -4.42
C LEU A 33 -4.58 0.60 -5.49
N GLY A 34 -4.10 1.24 -6.55
CA GLY A 34 -4.93 1.62 -7.67
C GLY A 34 -5.36 0.44 -8.52
N ASP A 35 -4.62 -0.68 -8.38
CA ASP A 35 -4.93 -1.94 -9.05
C ASP A 35 -6.05 -2.69 -8.30
N VAL A 36 -5.84 -2.88 -6.98
CA VAL A 36 -6.72 -3.68 -6.12
C VAL A 36 -8.05 -2.95 -5.82
N LEU A 37 -7.95 -1.67 -5.40
CA LEU A 37 -9.15 -0.84 -5.09
C LEU A 37 -9.72 -0.20 -6.37
N ASN A 38 -9.03 -0.44 -7.51
CA ASN A 38 -9.49 -0.07 -8.86
C ASN A 38 -9.65 1.46 -9.00
N LEU A 39 -8.58 2.19 -8.64
CA LEU A 39 -8.48 3.66 -8.86
C LEU A 39 -8.20 3.94 -10.36
N GLY A 40 -7.54 2.97 -11.02
CA GLY A 40 -7.13 3.08 -12.42
C GLY A 40 -6.13 4.19 -12.65
N GLU A 41 -6.65 5.40 -12.91
CA GLU A 41 -5.84 6.59 -13.22
C GLU A 41 -5.55 7.42 -11.94
N ARG A 42 -6.46 7.36 -10.94
CA ARG A 42 -6.43 8.25 -9.75
C ARG A 42 -5.20 7.96 -8.86
N LYS A 43 -4.70 6.72 -8.93
CA LYS A 43 -3.49 6.31 -8.18
C LYS A 43 -2.26 7.18 -8.58
N HIS A 44 -2.27 7.68 -9.82
CA HIS A 44 -1.17 8.47 -10.39
C HIS A 44 -1.21 9.94 -9.88
N THR A 45 -2.42 10.42 -9.49
CA THR A 45 -2.60 11.82 -9.05
C THR A 45 -2.49 11.97 -7.51
N LEU A 46 -2.22 10.86 -6.79
CA LEU A 46 -1.95 10.90 -5.33
C LEU A 46 -0.46 10.61 -5.06
N THR A 47 0.05 11.16 -3.95
CA THR A 47 1.48 11.05 -3.58
C THR A 47 1.61 10.44 -2.17
N ALA A 48 2.84 10.43 -1.60
CA ALA A 48 3.14 9.79 -0.30
C ALA A 48 2.43 10.49 0.88
N SER A 49 2.04 11.76 0.67
CA SER A 49 1.28 12.55 1.66
C SER A 49 -0.20 12.12 1.73
N SER A 50 -0.69 11.49 0.65
CA SER A 50 -2.10 11.08 0.50
C SER A 50 -2.45 9.91 1.42
N VAL A 51 -3.63 10.02 2.04
CA VAL A 51 -4.17 9.02 2.99
C VAL A 51 -4.71 7.81 2.19
N LEU A 52 -4.88 6.65 2.84
CA LEU A 52 -5.52 5.47 2.24
C LEU A 52 -6.79 5.13 3.01
N LEU A 53 -6.61 4.67 4.27
CA LEU A 53 -7.74 4.42 5.19
C LEU A 53 -8.50 5.73 5.47
N GLY A 54 -9.72 5.81 4.92
CA GLY A 54 -10.56 7.00 5.02
C GLY A 54 -10.65 7.78 3.72
N ASN A 55 -9.55 7.78 2.94
CA ASN A 55 -9.48 8.46 1.63
C ASN A 55 -10.19 7.61 0.58
N ILE A 56 -9.74 6.36 0.43
CA ILE A 56 -10.25 5.44 -0.59
C ILE A 56 -11.54 4.80 -0.06
N PRO A 57 -12.73 5.03 -0.72
CA PRO A 57 -14.01 4.45 -0.29
C PRO A 57 -14.14 2.97 -0.70
N GLU A 58 -13.16 2.49 -1.51
CA GLU A 58 -13.13 1.12 -2.04
C GLU A 58 -12.23 0.22 -1.16
N LEU A 59 -11.54 0.85 -0.19
CA LEU A 59 -10.64 0.14 0.72
C LEU A 59 -11.48 -0.47 1.85
N ASP A 60 -12.07 -1.63 1.53
CA ASP A 60 -12.94 -2.42 2.41
C ASP A 60 -12.10 -3.29 3.37
N SER A 61 -12.79 -3.92 4.33
CA SER A 61 -12.26 -4.95 5.23
C SER A 61 -11.40 -6.03 4.48
N MET A 62 -12.05 -6.81 3.61
CA MET A 62 -11.35 -7.86 2.84
C MET A 62 -10.42 -7.26 1.76
N ALA A 63 -10.61 -5.96 1.48
CA ALA A 63 -9.74 -5.22 0.56
C ALA A 63 -8.40 -4.82 1.21
N VAL A 64 -8.34 -4.69 2.57
CA VAL A 64 -7.05 -4.52 3.28
C VAL A 64 -6.26 -5.84 3.20
N VAL A 65 -7.01 -6.96 3.31
CA VAL A 65 -6.42 -8.31 3.14
C VAL A 65 -5.87 -8.50 1.72
N ASN A 66 -6.65 -8.01 0.75
CA ASN A 66 -6.37 -8.15 -0.68
C ASN A 66 -5.13 -7.33 -1.13
N VAL A 67 -4.96 -6.12 -0.55
CA VAL A 67 -3.79 -5.26 -0.85
C VAL A 67 -2.52 -5.84 -0.20
N ILE A 68 -2.66 -6.43 1.01
CA ILE A 68 -1.51 -7.10 1.69
C ILE A 68 -0.98 -8.25 0.80
N THR A 69 -1.92 -9.08 0.32
CA THR A 69 -1.64 -10.22 -0.59
C THR A 69 -0.91 -9.72 -1.86
N ALA A 70 -1.43 -8.63 -2.41
CA ALA A 70 -0.88 -7.98 -3.61
C ALA A 70 0.55 -7.47 -3.38
N LEU A 71 0.82 -6.86 -2.19
CA LEU A 71 2.18 -6.40 -1.80
C LEU A 71 3.18 -7.58 -1.86
N GLU A 72 2.75 -8.74 -1.28
CA GLU A 72 3.51 -10.02 -1.29
C GLU A 72 3.92 -10.38 -2.74
N GLU A 73 2.93 -10.35 -3.63
CA GLU A 73 3.08 -10.73 -5.06
C GLU A 73 4.14 -9.84 -5.78
N TYR A 74 3.83 -8.53 -5.87
CA TYR A 74 4.60 -7.58 -6.69
C TYR A 74 6.04 -7.39 -6.20
N PHE A 75 6.24 -7.21 -4.88
CA PHE A 75 7.59 -6.99 -4.30
C PHE A 75 8.30 -8.33 -3.94
N ASP A 76 7.56 -9.47 -4.04
CA ASP A 76 8.13 -10.84 -3.91
C ASP A 76 8.68 -11.08 -2.47
N PHE A 77 7.98 -10.53 -1.48
CA PHE A 77 8.39 -10.59 -0.05
C PHE A 77 7.18 -10.96 0.83
N SER A 78 7.39 -10.97 2.14
CA SER A 78 6.31 -11.07 3.12
C SER A 78 6.37 -9.86 4.07
N VAL A 79 5.21 -9.26 4.35
CA VAL A 79 5.06 -8.22 5.40
C VAL A 79 4.84 -8.95 6.74
N ASP A 80 5.67 -8.65 7.74
CA ASP A 80 5.68 -9.36 9.05
C ASP A 80 4.47 -8.92 9.92
N ASP A 81 3.99 -9.83 10.79
CA ASP A 81 2.84 -9.58 11.71
C ASP A 81 3.01 -8.31 12.56
N ASP A 82 4.22 -8.09 13.08
CA ASP A 82 4.56 -6.97 13.98
C ASP A 82 4.48 -5.60 13.26
N GLU A 83 4.50 -5.63 11.92
CA GLU A 83 4.42 -4.41 11.08
C GLU A 83 3.14 -4.39 10.22
N ILE A 84 2.22 -5.35 10.46
CA ILE A 84 0.86 -5.34 9.86
C ILE A 84 -0.14 -4.75 10.88
N SER A 85 -0.57 -3.52 10.64
CA SER A 85 -1.65 -2.87 11.39
C SER A 85 -2.43 -1.94 10.47
N ALA A 86 -3.54 -1.39 10.98
CA ALA A 86 -4.26 -0.30 10.28
C ALA A 86 -3.37 0.97 10.24
N GLN A 87 -2.52 1.13 11.28
CA GLN A 87 -1.55 2.24 11.36
C GLN A 87 -0.49 2.16 10.24
N THR A 88 -0.30 0.95 9.68
CA THR A 88 0.59 0.73 8.53
C THR A 88 -0.03 1.32 7.24
N PHE A 89 -1.37 1.14 7.08
CA PHE A 89 -2.11 1.54 5.86
C PHE A 89 -2.80 2.90 5.99
N GLU A 90 -2.35 3.71 6.95
CA GLU A 90 -2.90 5.07 7.17
C GLU A 90 -2.64 6.00 5.96
N THR A 91 -1.39 5.99 5.45
CA THR A 91 -0.97 6.86 4.33
C THR A 91 0.04 6.13 3.44
N LEU A 92 0.11 6.55 2.15
CA LEU A 92 1.01 5.96 1.14
C LEU A 92 2.49 6.04 1.59
N GLY A 93 2.81 7.12 2.34
CA GLY A 93 4.15 7.31 2.89
C GLY A 93 4.58 6.21 3.83
N SER A 94 3.65 5.75 4.69
CA SER A 94 3.90 4.66 5.63
C SER A 94 4.29 3.37 4.89
N LEU A 95 3.45 2.95 3.91
CA LEU A 95 3.67 1.71 3.13
C LEU A 95 4.99 1.78 2.36
N ALA A 96 5.27 2.98 1.80
CA ALA A 96 6.50 3.25 1.06
C ALA A 96 7.72 2.95 1.93
N LEU A 97 7.73 3.50 3.16
CA LEU A 97 8.85 3.35 4.11
C LEU A 97 9.02 1.88 4.56
N PHE A 98 7.89 1.18 4.80
CA PHE A 98 7.94 -0.25 5.20
C PHE A 98 8.63 -1.09 4.10
N VAL A 99 8.15 -0.99 2.85
CA VAL A 99 8.71 -1.75 1.71
C VAL A 99 10.14 -1.28 1.36
N GLU A 100 10.49 0.00 1.66
CA GLU A 100 11.89 0.49 1.56
C GLU A 100 12.80 -0.39 2.42
N HIS A 101 12.40 -0.54 3.70
CA HIS A 101 13.18 -1.28 4.71
C HIS A 101 13.33 -2.77 4.33
N LYS A 102 12.20 -3.40 3.97
CA LYS A 102 12.11 -4.86 3.74
C LYS A 102 13.03 -5.30 2.60
N LEU A 103 12.85 -4.67 1.43
CA LEU A 103 13.58 -5.02 0.19
C LEU A 103 15.05 -4.56 0.24
N SER A 104 15.40 -3.69 1.22
CA SER A 104 16.80 -3.28 1.47
C SER A 104 17.50 -4.23 2.47
N HIS A 105 16.72 -4.84 3.38
CA HIS A 105 17.25 -5.80 4.38
C HIS A 105 17.53 -7.16 3.70
N MET A 23 11.25 9.27 -1.98
CA MET A 23 10.96 7.83 -1.74
C MET A 23 10.77 7.15 -3.11
N GLN A 24 11.23 5.89 -3.26
CA GLN A 24 11.15 5.16 -4.56
C GLN A 24 9.91 4.23 -4.64
N HIS A 25 9.64 3.48 -3.56
CA HIS A 25 8.63 2.40 -3.57
C HIS A 25 7.19 2.92 -3.55
N LEU A 26 6.99 4.24 -3.26
CA LEU A 26 5.63 4.85 -3.20
C LEU A 26 4.85 4.64 -4.52
N GLU A 27 5.61 4.59 -5.64
CA GLU A 27 5.11 4.43 -7.01
C GLU A 27 4.47 3.04 -7.19
N ALA A 28 5.23 2.01 -6.85
CA ALA A 28 4.80 0.61 -6.99
C ALA A 28 3.67 0.27 -6.00
N VAL A 29 3.69 0.90 -4.80
CA VAL A 29 2.65 0.68 -3.77
C VAL A 29 1.30 1.27 -4.23
N ARG A 30 1.31 2.54 -4.72
CA ARG A 30 0.08 3.22 -5.19
C ARG A 30 -0.44 2.54 -6.46
N ASN A 31 0.50 1.98 -7.24
CA ASN A 31 0.19 1.21 -8.45
C ASN A 31 -0.65 -0.03 -8.09
N ILE A 32 -0.20 -0.74 -7.04
CA ILE A 32 -0.87 -1.94 -6.53
C ILE A 32 -2.28 -1.65 -6.02
N LEU A 33 -2.42 -0.69 -5.08
CA LEU A 33 -3.71 -0.37 -4.47
C LEU A 33 -4.69 0.21 -5.49
N GLY A 34 -4.18 0.98 -6.47
CA GLY A 34 -4.99 1.49 -7.56
C GLY A 34 -5.32 0.45 -8.61
N ASP A 35 -4.56 -0.65 -8.64
CA ASP A 35 -4.82 -1.79 -9.53
C ASP A 35 -5.95 -2.67 -8.94
N VAL A 36 -5.77 -3.08 -7.68
CA VAL A 36 -6.69 -3.97 -6.95
C VAL A 36 -8.03 -3.25 -6.71
N LEU A 37 -7.95 -2.10 -6.01
CA LEU A 37 -9.13 -1.31 -5.61
C LEU A 37 -9.70 -0.51 -6.79
N ASN A 38 -8.95 -0.51 -7.93
CA ASN A 38 -9.39 0.05 -9.21
C ASN A 38 -9.63 1.57 -9.08
N LEU A 39 -8.54 2.30 -8.77
CA LEU A 39 -8.48 3.78 -8.80
C LEU A 39 -8.16 4.25 -10.23
N GLY A 40 -7.43 3.40 -10.98
CA GLY A 40 -7.03 3.70 -12.36
C GLY A 40 -5.99 4.81 -12.40
N GLU A 41 -6.40 6.01 -12.86
CA GLU A 41 -5.52 7.19 -12.96
C GLU A 41 -5.29 7.85 -11.59
N ARG A 42 -6.28 7.64 -10.67
CA ARG A 42 -6.34 8.31 -9.36
C ARG A 42 -5.12 7.91 -8.50
N LYS A 43 -4.65 6.66 -8.69
CA LYS A 43 -3.53 6.11 -7.92
C LYS A 43 -2.21 6.86 -8.20
N HIS A 44 -2.03 7.33 -9.44
CA HIS A 44 -0.74 7.93 -9.87
C HIS A 44 -0.75 9.46 -9.60
N THR A 45 -1.96 10.03 -9.47
CA THR A 45 -2.14 11.48 -9.23
C THR A 45 -2.23 11.77 -7.71
N LEU A 46 -1.99 10.75 -6.86
CA LEU A 46 -1.82 10.93 -5.40
C LEU A 46 -0.36 10.71 -5.00
N THR A 47 0.03 11.31 -3.87
CA THR A 47 1.41 11.30 -3.36
C THR A 47 1.52 10.47 -2.08
N ALA A 48 2.73 10.42 -1.49
CA ALA A 48 3.00 9.71 -0.24
C ALA A 48 2.26 10.37 0.96
N SER A 49 2.01 11.69 0.84
CA SER A 49 1.27 12.47 1.84
C SER A 49 -0.27 12.27 1.73
N SER A 50 -0.72 11.50 0.71
CA SER A 50 -2.14 11.13 0.55
C SER A 50 -2.49 9.96 1.49
N VAL A 51 -3.70 10.03 2.06
CA VAL A 51 -4.25 9.01 2.97
C VAL A 51 -4.82 7.84 2.13
N LEU A 52 -4.82 6.62 2.70
CA LEU A 52 -5.37 5.42 2.04
C LEU A 52 -6.53 4.85 2.88
N LEU A 53 -6.21 4.29 4.05
CA LEU A 53 -7.20 3.79 5.02
C LEU A 53 -7.98 4.98 5.61
N GLY A 54 -9.31 4.94 5.45
CA GLY A 54 -10.19 6.05 5.83
C GLY A 54 -10.55 6.92 4.64
N ASN A 55 -9.60 7.08 3.69
CA ASN A 55 -9.78 7.94 2.51
C ASN A 55 -10.46 7.16 1.36
N ILE A 56 -9.74 6.15 0.81
CA ILE A 56 -10.18 5.41 -0.39
C ILE A 56 -11.48 4.63 -0.08
N PRO A 57 -12.60 4.91 -0.80
CA PRO A 57 -13.93 4.29 -0.51
C PRO A 57 -13.99 2.80 -0.93
N GLU A 58 -12.93 2.31 -1.60
CA GLU A 58 -12.81 0.93 -2.06
C GLU A 58 -12.00 0.09 -1.06
N LEU A 59 -11.30 0.77 -0.14
CA LEU A 59 -10.46 0.12 0.88
C LEU A 59 -11.36 -0.25 2.07
N ASP A 60 -11.99 -1.43 1.96
CA ASP A 60 -12.85 -2.01 3.02
C ASP A 60 -12.12 -3.24 3.65
N SER A 61 -12.80 -3.99 4.54
CA SER A 61 -12.24 -5.10 5.35
C SER A 61 -11.40 -6.14 4.54
N MET A 62 -12.08 -6.97 3.71
CA MET A 62 -11.41 -7.97 2.85
C MET A 62 -10.47 -7.30 1.83
N ALA A 63 -10.78 -6.04 1.49
CA ALA A 63 -9.96 -5.24 0.57
C ALA A 63 -8.59 -4.85 1.18
N VAL A 64 -8.50 -4.70 2.54
CA VAL A 64 -7.20 -4.50 3.22
C VAL A 64 -6.36 -5.77 3.06
N VAL A 65 -7.03 -6.92 3.18
CA VAL A 65 -6.37 -8.25 3.08
C VAL A 65 -5.86 -8.48 1.66
N ASN A 66 -6.70 -8.08 0.69
CA ASN A 66 -6.45 -8.23 -0.74
C ASN A 66 -5.25 -7.39 -1.21
N VAL A 67 -5.14 -6.14 -0.73
CA VAL A 67 -4.01 -5.25 -1.11
C VAL A 67 -2.71 -5.70 -0.44
N ILE A 68 -2.79 -6.27 0.80
CA ILE A 68 -1.60 -6.86 1.49
C ILE A 68 -1.05 -8.02 0.63
N THR A 69 -1.97 -8.92 0.21
CA THR A 69 -1.67 -10.08 -0.63
C THR A 69 -0.97 -9.64 -1.93
N ALA A 70 -1.50 -8.56 -2.53
CA ALA A 70 -0.96 -7.99 -3.77
C ALA A 70 0.46 -7.40 -3.57
N LEU A 71 0.71 -6.76 -2.40
CA LEU A 71 2.09 -6.29 -2.02
C LEU A 71 3.07 -7.49 -2.10
N GLU A 72 2.67 -8.60 -1.44
CA GLU A 72 3.44 -9.87 -1.41
C GLU A 72 3.74 -10.37 -2.85
N GLU A 73 2.70 -10.34 -3.71
CA GLU A 73 2.76 -10.82 -5.11
C GLU A 73 3.80 -10.03 -5.95
N TYR A 74 3.59 -8.71 -6.08
CA TYR A 74 4.37 -7.85 -6.99
C TYR A 74 5.84 -7.71 -6.54
N PHE A 75 6.09 -7.46 -5.24
CA PHE A 75 7.46 -7.27 -4.73
C PHE A 75 8.16 -8.62 -4.42
N ASP A 76 7.37 -9.70 -4.24
CA ASP A 76 7.86 -11.08 -3.94
C ASP A 76 8.54 -11.16 -2.55
N PHE A 77 7.84 -10.61 -1.55
CA PHE A 77 8.32 -10.56 -0.15
C PHE A 77 7.16 -10.90 0.80
N SER A 78 7.43 -10.78 2.12
CA SER A 78 6.40 -10.92 3.15
C SER A 78 6.52 -9.79 4.20
N VAL A 79 5.47 -8.94 4.30
CA VAL A 79 5.36 -7.91 5.35
C VAL A 79 5.13 -8.62 6.71
N ASP A 80 5.88 -8.22 7.76
CA ASP A 80 5.84 -8.91 9.07
C ASP A 80 4.56 -8.52 9.84
N ASP A 81 4.01 -9.46 10.64
CA ASP A 81 2.79 -9.23 11.43
C ASP A 81 2.92 -8.03 12.39
N ASP A 82 4.09 -7.91 13.05
CA ASP A 82 4.33 -6.88 14.09
C ASP A 82 4.45 -5.47 13.50
N GLU A 83 4.64 -5.36 12.17
CA GLU A 83 4.68 -4.07 11.46
C GLU A 83 3.37 -3.79 10.72
N ILE A 84 2.49 -4.82 10.61
CA ILE A 84 1.14 -4.67 10.02
C ILE A 84 0.14 -4.21 11.09
N SER A 85 -0.40 -3.00 10.88
CA SER A 85 -1.51 -2.44 11.65
C SER A 85 -2.38 -1.58 10.71
N ALA A 86 -3.44 -0.96 11.26
CA ALA A 86 -4.25 0.03 10.52
C ALA A 86 -3.40 1.28 10.19
N GLN A 87 -2.48 1.61 11.13
CA GLN A 87 -1.57 2.77 11.01
C GLN A 87 -0.48 2.54 9.94
N THR A 88 -0.36 1.28 9.47
CA THR A 88 0.55 0.92 8.37
C THR A 88 -0.03 1.37 7.02
N PHE A 89 -1.37 1.28 6.88
CA PHE A 89 -2.08 1.68 5.66
C PHE A 89 -2.72 3.07 5.79
N GLU A 90 -2.30 3.84 6.83
CA GLU A 90 -2.86 5.18 7.09
C GLU A 90 -2.61 6.12 5.88
N THR A 91 -1.37 6.11 5.34
CA THR A 91 -0.98 6.89 4.16
C THR A 91 -0.09 6.05 3.23
N LEU A 92 0.04 6.51 1.97
CA LEU A 92 0.92 5.88 0.97
C LEU A 92 2.38 5.87 1.45
N GLY A 93 2.76 6.96 2.13
CA GLY A 93 4.09 7.14 2.67
C GLY A 93 4.44 6.12 3.73
N SER A 94 3.41 5.71 4.52
CA SER A 94 3.57 4.69 5.57
C SER A 94 4.03 3.37 4.93
N LEU A 95 3.25 2.88 3.93
CA LEU A 95 3.59 1.63 3.21
C LEU A 95 4.96 1.73 2.56
N ALA A 96 5.20 2.89 1.92
CA ALA A 96 6.43 3.18 1.20
C ALA A 96 7.65 2.98 2.11
N LEU A 97 7.59 3.53 3.34
CA LEU A 97 8.69 3.45 4.33
C LEU A 97 8.92 1.99 4.80
N PHE A 98 7.82 1.28 5.16
CA PHE A 98 7.90 -0.12 5.59
C PHE A 98 8.58 -0.98 4.50
N VAL A 99 8.07 -0.89 3.26
CA VAL A 99 8.57 -1.67 2.11
C VAL A 99 9.96 -1.20 1.64
N GLU A 100 10.35 0.07 1.92
CA GLU A 100 11.76 0.52 1.75
C GLU A 100 12.66 -0.44 2.53
N HIS A 101 12.31 -0.60 3.83
CA HIS A 101 13.10 -1.35 4.81
C HIS A 101 13.07 -2.87 4.54
N LYS A 102 11.96 -3.35 3.95
CA LYS A 102 11.78 -4.77 3.60
C LYS A 102 12.65 -5.15 2.40
N LEU A 103 12.44 -4.42 1.29
CA LEU A 103 13.12 -4.66 0.00
C LEU A 103 14.63 -4.32 0.08
N SER A 104 15.06 -3.64 1.18
CA SER A 104 16.49 -3.49 1.53
C SER A 104 17.20 -4.86 1.62
N HIS A 105 16.49 -5.84 2.20
CA HIS A 105 16.98 -7.22 2.34
C HIS A 105 16.83 -7.95 0.99
#